data_3KL3
#
_entry.id   3KL3
#
_cell.length_a   137.869
_cell.length_b   192.733
_cell.length_c   65.554
_cell.angle_alpha   90.000
_cell.angle_beta   90.000
_cell.angle_gamma   90.000
#
_symmetry.space_group_name_H-M   'P 21 21 2'
#
loop_
_entity.id
_entity.type
_entity.pdbx_description
1 polymer 'Glucuronoxylanase xynC'
2 non-polymer 'alpha-D-glucopyranuronic acid'
3 non-polymer D-HISTIDINE
4 non-polymer 'beta-D-glucopyranuronic acid'
5 non-polymer 'TETRAETHYLENE GLYCOL'
6 water water
#
_entity_poly.entity_id   1
_entity_poly.type   'polypeptide(L)'
_entity_poly.pdbx_seq_one_letter_code
;MASDVTVNVSAEKQVIRGFGGMNHPAWAGDLTAAQRETAFGNGQNQLGFSILRIHVDENRNNWYKEVETAKSAVKHGAIV
FASPWNPPSDMVETFNRNGDTSAKRLKYNKYAAYAQHLNDFVTFMKNNGVNLYAISVQNEPDYAHEWTWWTPQEILRFMR
ENAGSINARVIAPESFQYLKNLSDPILNDPQALANMDILGTHLYGTQVSQFPYPLFKQKGAGKDLWMTEVYYPNSDTNSA
DRWPEALDVSQHIHNAMVEGDFQAYVWWYIRRSYGPMKEDGTISKRGYNMAHFSKFVRPGYVRIDATKNPNANVYVSAYK
GDNKVVIVAINKSNTGVNQNFVLQNGSASNVSRWITSSSSNLQPGTNLTVSGNHFWAHLPAQSVTTFVVNRLEHHHHHHH
H
;
_entity_poly.pdbx_strand_id   A,B,C,D
#
# COMPACT_ATOMS: atom_id res chain seq x y z
N ALA A 2 -0.83 -28.00 43.66
CA ALA A 2 -0.64 -26.72 42.89
C ALA A 2 -0.96 -26.90 41.39
N SER A 3 -0.01 -26.54 40.54
CA SER A 3 -0.21 -26.63 39.09
C SER A 3 1.06 -26.54 38.26
N ASP A 4 0.91 -26.86 36.98
CA ASP A 4 1.86 -26.44 35.98
C ASP A 4 1.57 -24.96 35.73
N VAL A 5 2.63 -24.24 35.37
CA VAL A 5 2.49 -23.06 34.56
C VAL A 5 3.08 -23.44 33.22
N THR A 6 2.29 -23.32 32.17
CA THR A 6 2.77 -23.53 30.82
C THR A 6 3.10 -22.21 30.15
N VAL A 7 4.30 -22.15 29.59
CA VAL A 7 4.80 -20.97 28.93
C VAL A 7 5.01 -21.41 27.49
N ASN A 8 4.27 -20.83 26.56
CA ASN A 8 4.41 -21.18 25.14
C ASN A 8 5.25 -20.15 24.40
N VAL A 9 6.54 -20.47 24.24
CA VAL A 9 7.51 -19.59 23.59
C VAL A 9 7.10 -19.21 22.16
N SER A 10 6.23 -20.00 21.55
CA SER A 10 5.80 -19.78 20.17
C SER A 10 4.52 -18.97 20.05
N ALA A 11 3.84 -18.74 21.16
CA ALA A 11 2.57 -18.02 21.11
C ALA A 11 2.80 -16.57 21.45
N GLU A 12 3.16 -15.78 20.44
CA GLU A 12 3.60 -14.40 20.65
C GLU A 12 2.45 -13.43 20.79
N LYS A 13 2.62 -12.46 21.67
CA LYS A 13 1.62 -11.41 21.88
C LYS A 13 2.19 -10.06 21.44
N GLN A 14 1.99 -9.02 22.24
CA GLN A 14 2.46 -7.68 21.89
C GLN A 14 3.98 -7.50 22.07
N VAL A 15 4.57 -6.65 21.23
CA VAL A 15 5.97 -6.23 21.36
C VAL A 15 6.03 -5.15 22.45
N ILE A 16 6.98 -5.28 23.38
CA ILE A 16 7.13 -4.32 24.46
C ILE A 16 8.06 -3.17 24.04
N ARG A 17 7.61 -1.95 24.32
CA ARG A 17 8.40 -0.74 24.04
C ARG A 17 9.14 -0.27 25.27
N GLY A 18 8.59 -0.52 26.46
CA GLY A 18 9.28 -0.15 27.69
C GLY A 18 8.44 0.21 28.91
N PHE A 19 9.14 0.53 30.00
CA PHE A 19 8.55 0.95 31.24
C PHE A 19 9.29 2.19 31.69
N GLY A 20 8.59 3.12 32.34
CA GLY A 20 9.28 4.30 32.84
C GLY A 20 8.37 5.21 33.66
N GLY A 21 8.62 6.50 33.56
CA GLY A 21 7.93 7.47 34.37
C GLY A 21 8.11 8.89 33.86
N MET A 22 7.51 9.81 34.61
CA MET A 22 7.40 11.21 34.26
C MET A 22 8.50 12.03 34.93
N ASN A 23 9.06 12.97 34.19
CA ASN A 23 9.89 14.01 34.77
C ASN A 23 9.18 15.34 34.55
N HIS A 24 9.08 16.16 35.60
CA HIS A 24 8.39 17.46 35.50
C HIS A 24 9.08 18.50 36.37
N PRO A 25 10.03 19.25 35.79
CA PRO A 25 10.86 20.22 36.52
C PRO A 25 10.05 21.32 37.22
N ALA A 26 9.01 21.82 36.55
CA ALA A 26 8.21 22.92 37.09
C ALA A 26 7.42 22.54 38.35
N TRP A 27 6.82 21.35 38.35
CA TRP A 27 5.94 20.94 39.46
C TRP A 27 6.62 20.09 40.53
N ALA A 28 7.54 19.22 40.10
CA ALA A 28 8.16 18.24 40.99
C ALA A 28 9.65 18.51 41.21
N GLY A 29 10.26 19.29 40.32
CA GLY A 29 11.69 19.54 40.39
C GLY A 29 12.42 18.47 39.59
N ASP A 30 13.41 18.90 38.82
CA ASP A 30 14.16 18.00 37.97
C ASP A 30 14.87 16.90 38.77
N LEU A 31 15.12 15.78 38.12
CA LEU A 31 16.02 14.76 38.66
C LEU A 31 17.42 15.35 38.66
N THR A 32 18.18 15.04 39.70
CA THR A 32 19.59 15.39 39.74
C THR A 32 20.40 14.43 38.88
N ALA A 33 21.68 14.76 38.67
CA ALA A 33 22.59 13.92 37.90
C ALA A 33 22.66 12.47 38.42
N ALA A 34 22.60 12.29 39.74
CA ALA A 34 22.69 10.98 40.35
C ALA A 34 21.37 10.22 40.17
N GLN A 35 20.26 10.93 40.35
CA GLN A 35 18.93 10.37 40.18
C GLN A 35 18.63 9.95 38.75
N ARG A 36 19.21 10.65 37.77
CA ARG A 36 19.09 10.28 36.36
C ARG A 36 19.73 8.91 36.13
N GLU A 37 20.93 8.71 36.68
CA GLU A 37 21.63 7.43 36.60
C GLU A 37 20.83 6.32 37.28
N THR A 38 20.27 6.61 38.46
CA THR A 38 19.47 5.64 39.20
C THR A 38 18.23 5.27 38.41
N ALA A 39 17.62 6.29 37.81
CA ALA A 39 16.41 6.11 37.02
C ALA A 39 16.60 5.32 35.73
N PHE A 40 17.67 5.60 34.97
CA PHE A 40 17.78 5.07 33.60
C PHE A 40 18.88 4.06 33.31
N GLY A 41 19.82 3.93 34.23
CA GLY A 41 20.84 2.90 34.14
C GLY A 41 20.23 1.57 34.49
N ASN A 42 20.83 0.50 34.00
CA ASN A 42 20.33 -0.82 34.30
C ASN A 42 21.33 -1.66 35.09
N GLY A 43 22.19 -1.00 35.87
CA GLY A 43 23.08 -1.71 36.79
C GLY A 43 22.42 -2.02 38.13
N GLN A 44 23.21 -2.45 39.10
CA GLN A 44 22.71 -2.82 40.43
C GLN A 44 22.18 -1.57 41.13
N ASN A 45 21.03 -1.70 41.81
CA ASN A 45 20.34 -0.55 42.43
C ASN A 45 19.92 0.56 41.45
N GLN A 46 19.57 0.18 40.22
CA GLN A 46 19.08 1.15 39.25
C GLN A 46 17.79 0.62 38.65
N LEU A 47 16.86 1.52 38.34
CA LEU A 47 15.52 1.16 37.86
C LEU A 47 15.48 0.52 36.48
N GLY A 48 16.40 0.92 35.60
CA GLY A 48 16.44 0.42 34.23
C GLY A 48 15.25 0.88 33.40
N PHE A 49 14.70 2.04 33.73
CA PHE A 49 13.57 2.59 32.99
C PHE A 49 14.00 2.81 31.57
N SER A 50 13.13 2.48 30.62
CA SER A 50 13.43 2.53 29.20
C SER A 50 12.51 3.50 28.47
N ILE A 51 11.66 4.18 29.23
CA ILE A 51 10.84 5.29 28.70
C ILE A 51 10.89 6.47 29.66
N LEU A 52 10.99 7.67 29.11
CA LEU A 52 10.86 8.88 29.88
C LEU A 52 9.77 9.72 29.26
N ARG A 53 8.83 10.15 30.08
CA ARG A 53 7.81 11.10 29.66
C ARG A 53 8.18 12.50 30.13
N ILE A 54 7.93 13.49 29.28
CA ILE A 54 8.19 14.88 29.62
C ILE A 54 6.99 15.71 29.21
N HIS A 55 6.92 16.94 29.70
CA HIS A 55 5.78 17.78 29.33
C HIS A 55 6.19 18.82 28.29
N VAL A 56 5.24 19.17 27.42
CA VAL A 56 5.42 20.29 26.52
C VAL A 56 4.91 21.54 27.24
N ASP A 57 5.83 22.35 27.74
CA ASP A 57 5.45 23.60 28.39
C ASP A 57 4.64 24.53 27.47
N GLU A 58 3.67 25.21 28.09
CA GLU A 58 2.80 26.19 27.46
C GLU A 58 3.60 27.35 26.85
N ASN A 59 4.64 27.76 27.56
CA ASN A 59 5.48 28.88 27.19
C ASN A 59 6.82 28.34 26.69
N ARG A 60 7.13 28.68 25.44
CA ARG A 60 8.29 28.11 24.76
C ARG A 60 9.67 28.56 25.24
N ASN A 61 9.69 29.46 26.23
CA ASN A 61 10.95 29.88 26.84
C ASN A 61 11.31 28.98 28.01
N ASN A 62 10.35 28.15 28.43
CA ASN A 62 10.58 27.16 29.48
C ASN A 62 11.16 25.86 28.97
N TRP A 63 10.99 25.59 27.68
CA TRP A 63 11.40 24.33 27.04
C TRP A 63 12.80 23.81 27.35
N TYR A 64 13.76 24.73 27.53
CA TYR A 64 15.15 24.36 27.82
C TYR A 64 15.27 23.48 29.08
N LYS A 65 14.35 23.64 30.03
CA LYS A 65 14.41 22.92 31.29
C LYS A 65 14.31 21.39 31.14
N GLU A 66 13.77 20.92 30.01
CA GLU A 66 13.54 19.49 29.81
C GLU A 66 14.77 18.78 29.27
N VAL A 67 15.74 19.56 28.79
CA VAL A 67 16.81 19.01 27.96
C VAL A 67 17.75 18.06 28.69
N GLU A 68 18.23 18.46 29.85
CA GLU A 68 19.27 17.71 30.55
C GLU A 68 18.84 16.27 30.88
N THR A 69 17.67 16.13 31.48
CA THR A 69 17.18 14.81 31.87
C THR A 69 16.83 13.97 30.64
N ALA A 70 16.29 14.62 29.61
CA ALA A 70 15.99 13.94 28.35
C ALA A 70 17.25 13.43 27.64
N LYS A 71 18.31 14.23 27.60
CA LYS A 71 19.60 13.77 27.05
C LYS A 71 20.15 12.57 27.83
N SER A 72 20.03 12.62 29.14
CA SER A 72 20.47 11.50 29.98
C SER A 72 19.68 10.22 29.69
N ALA A 73 18.41 10.37 29.36
CA ALA A 73 17.57 9.21 29.10
C ALA A 73 18.00 8.57 27.79
N VAL A 74 18.20 9.41 26.77
CA VAL A 74 18.64 8.95 25.43
C VAL A 74 20.01 8.27 25.53
N LYS A 75 20.95 8.95 26.18
CA LYS A 75 22.25 8.40 26.58
C LYS A 75 22.16 6.95 27.08
N HIS A 76 21.17 6.65 27.91
CA HIS A 76 20.97 5.30 28.45
C HIS A 76 20.15 4.35 27.56
N GLY A 77 19.77 4.81 26.38
CA GLY A 77 18.97 3.95 25.51
C GLY A 77 17.47 4.13 25.63
N ALA A 78 17.01 5.02 26.52
CA ALA A 78 15.57 5.24 26.72
C ALA A 78 14.95 6.05 25.60
N ILE A 79 13.71 5.72 25.25
CA ILE A 79 12.96 6.60 24.35
C ILE A 79 12.26 7.69 25.19
N VAL A 80 12.11 8.87 24.61
CA VAL A 80 11.46 9.98 25.29
C VAL A 80 10.19 10.32 24.52
N PHE A 81 9.10 10.55 25.25
CA PHE A 81 7.91 11.08 24.62
C PHE A 81 7.38 12.24 25.44
N ALA A 82 6.49 13.00 24.82
CA ALA A 82 6.10 14.28 25.38
C ALA A 82 4.58 14.46 25.35
N SER A 83 4.05 15.01 26.44
CA SER A 83 2.61 15.30 26.56
C SER A 83 2.39 16.75 26.99
N PRO A 84 1.46 17.45 26.32
CA PRO A 84 1.11 18.82 26.71
C PRO A 84 -0.15 18.89 27.57
N TRP A 85 -0.18 19.84 28.50
CA TRP A 85 -1.35 20.08 29.35
C TRP A 85 -2.22 21.22 28.83
N ASN A 86 -1.57 22.31 28.42
CA ASN A 86 -2.25 23.44 27.80
C ASN A 86 -1.57 23.91 26.53
N PRO A 87 -2.37 24.35 25.54
CA PRO A 87 -1.84 25.17 24.45
C PRO A 87 -1.39 26.52 25.03
N PRO A 88 -0.61 27.31 24.26
CA PRO A 88 -0.25 28.66 24.72
C PRO A 88 -1.50 29.53 24.92
N SER A 89 -1.53 30.29 26.02
CA SER A 89 -2.71 31.06 26.44
C SER A 89 -3.45 31.75 25.27
N ASP A 90 -2.69 32.44 24.41
CA ASP A 90 -3.26 33.13 23.24
C ASP A 90 -4.09 32.26 22.28
N MET A 91 -4.08 30.94 22.50
CA MET A 91 -4.85 29.97 21.69
C MET A 91 -6.06 29.42 22.45
N VAL A 92 -6.19 29.84 23.71
CA VAL A 92 -7.20 29.29 24.63
C VAL A 92 -8.37 30.26 24.85
N GLU A 93 -9.59 29.70 24.87
CA GLU A 93 -10.81 30.46 25.18
C GLU A 93 -11.63 29.83 26.29
N THR A 94 -12.46 30.63 26.95
CA THR A 94 -13.46 30.11 27.90
C THR A 94 -14.76 29.77 27.17
N PHE A 95 -15.50 28.79 27.69
CA PHE A 95 -16.77 28.37 27.08
C PHE A 95 -17.70 27.70 28.09
N ASN A 96 -18.94 27.42 27.68
CA ASN A 96 -19.93 26.82 28.56
C ASN A 96 -20.04 25.31 28.42
N ARG A 97 -19.33 24.60 29.30
CA ARG A 97 -19.35 23.14 29.36
C ARG A 97 -20.30 22.70 30.46
N ASN A 98 -21.54 22.38 30.07
CA ASN A 98 -22.59 22.03 31.02
C ASN A 98 -22.63 22.93 32.27
N GLY A 99 -23.07 24.18 32.10
CA GLY A 99 -23.14 25.13 33.20
C GLY A 99 -21.83 25.82 33.53
N ASP A 100 -20.74 25.05 33.59
CA ASP A 100 -19.40 25.59 33.86
C ASP A 100 -18.93 26.52 32.74
N THR A 101 -18.55 27.74 33.11
CA THR A 101 -18.13 28.78 32.16
C THR A 101 -16.65 29.20 32.32
N SER A 102 -15.98 28.63 33.32
CA SER A 102 -14.55 28.84 33.49
C SER A 102 -13.77 27.85 32.60
N ALA A 103 -14.47 26.81 32.15
CA ALA A 103 -13.90 25.75 31.33
C ALA A 103 -13.09 26.31 30.16
N LYS A 104 -11.91 25.74 29.94
CA LYS A 104 -11.02 26.17 28.86
C LYS A 104 -11.01 25.12 27.74
N ARG A 105 -10.89 25.60 26.49
CA ARG A 105 -10.64 24.74 25.34
C ARG A 105 -9.71 25.42 24.33
N LEU A 106 -9.32 24.68 23.29
CA LEU A 106 -8.52 25.26 22.22
C LEU A 106 -9.46 25.95 21.23
N LYS A 107 -9.08 27.16 20.81
CA LYS A 107 -9.89 27.92 19.86
C LYS A 107 -9.94 27.25 18.48
N TYR A 108 -11.15 27.07 17.98
CA TYR A 108 -11.42 26.39 16.71
C TYR A 108 -10.59 26.92 15.53
N ASN A 109 -10.04 28.11 15.70
CA ASN A 109 -9.23 28.70 14.64
C ASN A 109 -7.72 28.65 14.92
N LYS A 110 -7.35 28.04 16.05
CA LYS A 110 -5.93 27.91 16.41
C LYS A 110 -5.39 26.46 16.35
N TYR A 111 -6.18 25.55 15.76
CA TYR A 111 -5.79 24.14 15.67
C TYR A 111 -4.45 23.99 14.94
N ALA A 112 -4.34 24.66 13.78
CA ALA A 112 -3.11 24.62 12.98
C ALA A 112 -1.95 25.19 13.76
N ALA A 113 -2.22 26.27 14.49
CA ALA A 113 -1.23 26.95 15.31
C ALA A 113 -0.79 26.07 16.48
N TYR A 114 -1.73 25.30 17.02
CA TYR A 114 -1.41 24.33 18.08
C TYR A 114 -0.50 23.20 17.57
N ALA A 115 -0.82 22.65 16.39
CA ALA A 115 0.03 21.66 15.74
C ALA A 115 1.46 22.20 15.53
N GLN A 116 1.57 23.45 15.12
CA GLN A 116 2.87 24.07 14.84
C GLN A 116 3.67 24.21 16.12
N HIS A 117 2.97 24.55 17.20
CA HIS A 117 3.57 24.64 18.54
C HIS A 117 4.12 23.27 18.97
N LEU A 118 3.35 22.20 18.71
CA LEU A 118 3.83 20.84 18.99
C LEU A 118 5.04 20.47 18.14
N ASN A 119 4.95 20.74 16.85
CA ASN A 119 6.06 20.56 15.90
C ASN A 119 7.33 21.33 16.27
N ASP A 120 7.15 22.56 16.72
CA ASP A 120 8.29 23.36 17.13
C ASP A 120 8.98 22.75 18.35
N PHE A 121 8.20 22.13 19.24
CA PHE A 121 8.78 21.46 20.40
C PHE A 121 9.59 20.24 19.97
N VAL A 122 9.06 19.49 19.00
CA VAL A 122 9.79 18.37 18.39
C VAL A 122 11.13 18.84 17.79
N THR A 123 11.10 19.93 17.03
CA THR A 123 12.29 20.51 16.42
C THR A 123 13.28 21.03 17.47
N PHE A 124 12.75 21.69 18.49
CA PHE A 124 13.60 22.16 19.58
C PHE A 124 14.38 21.01 20.23
N MET A 125 13.69 19.93 20.58
CA MET A 125 14.36 18.83 21.25
C MET A 125 15.36 18.15 20.30
N LYS A 126 15.02 18.08 19.03
CA LYS A 126 15.95 17.58 18.04
C LYS A 126 17.26 18.37 18.06
N ASN A 127 17.15 19.70 18.04
CA ASN A 127 18.32 20.57 17.96
C ASN A 127 19.22 20.49 19.20
N ASN A 128 18.60 20.13 20.33
CA ASN A 128 19.32 19.85 21.58
C ASN A 128 19.70 18.38 21.71
N GLY A 129 19.57 17.64 20.61
CA GLY A 129 20.04 16.26 20.57
C GLY A 129 19.15 15.24 21.26
N VAL A 130 17.84 15.48 21.23
CA VAL A 130 16.88 14.50 21.70
C VAL A 130 15.84 14.27 20.61
N ASN A 131 15.96 13.14 19.93
CA ASN A 131 14.93 12.72 18.99
C ASN A 131 13.72 12.12 19.69
N LEU A 132 12.68 12.94 19.85
CA LEU A 132 11.43 12.53 20.50
C LEU A 132 10.85 11.38 19.74
N TYR A 133 10.51 10.33 20.48
CA TYR A 133 9.92 9.16 19.88
C TYR A 133 8.49 9.44 19.44
N ALA A 134 7.79 10.29 20.19
CA ALA A 134 6.40 10.57 19.93
C ALA A 134 5.96 11.78 20.74
N ILE A 135 4.78 12.28 20.42
CA ILE A 135 4.23 13.44 21.12
C ILE A 135 2.72 13.30 21.21
N SER A 136 2.16 13.80 22.31
CA SER A 136 0.75 13.60 22.58
C SER A 136 -0.09 14.80 22.16
N VAL A 137 -1.33 14.56 21.78
CA VAL A 137 -2.23 15.66 21.42
C VAL A 137 -2.60 16.49 22.66
N GLN A 138 -3.01 15.80 23.72
CA GLN A 138 -3.41 16.46 24.97
C GLN A 138 -3.46 15.44 26.10
N ASN A 139 -2.85 15.77 27.23
CA ASN A 139 -3.01 14.95 28.43
C ASN A 139 -4.40 15.10 29.04
N GLU A 140 -5.13 14.00 29.17
CA GLU A 140 -6.43 13.96 29.87
C GLU A 140 -7.42 15.04 29.43
N PRO A 141 -7.86 14.99 28.16
CA PRO A 141 -8.80 15.97 27.62
C PRO A 141 -10.23 15.73 28.10
N ASP A 142 -10.43 14.65 28.85
CA ASP A 142 -11.73 14.28 29.35
C ASP A 142 -11.77 14.38 30.88
N TYR A 143 -10.86 15.18 31.45
CA TYR A 143 -10.77 15.39 32.89
C TYR A 143 -9.90 16.63 33.12
N ALA A 144 -10.23 17.70 32.40
CA ALA A 144 -9.35 18.86 32.26
C ALA A 144 -9.74 20.07 33.13
N HIS A 145 -10.33 19.81 34.30
CA HIS A 145 -10.78 20.89 35.17
C HIS A 145 -9.69 21.93 35.35
N GLU A 146 -8.44 21.47 35.43
CA GLU A 146 -7.31 22.34 35.71
C GLU A 146 -6.44 22.61 34.49
N TRP A 147 -6.94 22.24 33.31
CA TRP A 147 -6.24 22.52 32.04
C TRP A 147 -7.21 22.70 30.87
N THR A 148 -7.03 21.94 29.78
CA THR A 148 -7.77 22.21 28.54
C THR A 148 -8.65 21.04 28.11
N TRP A 149 -9.96 21.27 28.06
CA TRP A 149 -10.92 20.25 27.65
C TRP A 149 -10.92 20.05 26.14
N TRP A 150 -11.08 18.80 25.74
CA TRP A 150 -11.44 18.48 24.37
C TRP A 150 -12.56 17.46 24.43
N THR A 151 -13.56 17.64 23.59
CA THR A 151 -14.60 16.66 23.41
C THR A 151 -14.10 15.60 22.43
N PRO A 152 -14.73 14.39 22.43
CA PRO A 152 -14.38 13.40 21.43
C PRO A 152 -14.34 14.01 20.03
N GLN A 153 -15.34 14.82 19.67
CA GLN A 153 -15.44 15.35 18.30
C GLN A 153 -14.33 16.35 17.91
N GLU A 154 -13.90 17.16 18.88
CA GLU A 154 -12.82 18.14 18.69
C GLU A 154 -11.48 17.42 18.53
N ILE A 155 -11.30 16.38 19.34
CA ILE A 155 -10.16 15.46 19.23
C ILE A 155 -10.16 14.88 17.82
N LEU A 156 -11.33 14.38 17.39
CA LEU A 156 -11.47 13.79 16.06
C LEU A 156 -11.03 14.75 14.96
N ARG A 157 -11.56 15.98 14.97
CA ARG A 157 -11.21 17.01 13.99
C ARG A 157 -9.69 17.26 13.91
N PHE A 158 -9.05 17.48 15.05
CA PHE A 158 -7.60 17.65 15.11
C PHE A 158 -6.84 16.47 14.51
N MET A 159 -7.31 15.25 14.79
CA MET A 159 -6.66 14.04 14.31
C MET A 159 -6.81 13.90 12.80
N ARG A 160 -8.02 14.16 12.31
CA ARG A 160 -8.22 14.20 10.88
C ARG A 160 -7.34 15.26 10.22
N GLU A 161 -7.34 16.47 10.78
CA GLU A 161 -6.89 17.64 10.04
C GLU A 161 -5.48 18.13 10.33
N ASN A 162 -5.08 18.09 11.60
CA ASN A 162 -3.82 18.71 12.00
C ASN A 162 -2.70 17.76 12.46
N ALA A 163 -3.09 16.56 12.89
CA ALA A 163 -2.15 15.57 13.41
C ALA A 163 -1.18 15.13 12.34
N GLY A 164 -1.66 15.04 11.10
CA GLY A 164 -0.82 14.70 9.95
C GLY A 164 0.38 15.61 9.74
N SER A 165 0.35 16.81 10.32
CA SER A 165 1.37 17.83 10.08
C SER A 165 2.50 17.78 11.08
N ILE A 166 2.25 17.08 12.19
CA ILE A 166 3.24 16.90 13.23
C ILE A 166 4.24 15.86 12.75
N ASN A 167 5.52 16.26 12.72
CA ASN A 167 6.59 15.44 12.16
C ASN A 167 7.19 14.51 13.22
N ALA A 168 6.32 13.68 13.79
CA ALA A 168 6.67 12.65 14.79
C ALA A 168 5.53 11.65 14.95
N ARG A 169 5.77 10.57 15.68
CA ARG A 169 4.66 9.67 16.06
C ARG A 169 3.68 10.44 16.95
N VAL A 170 2.37 10.28 16.71
CA VAL A 170 1.36 11.02 17.45
C VAL A 170 0.58 10.09 18.39
N ILE A 171 0.52 10.46 19.67
CA ILE A 171 -0.25 9.71 20.66
C ILE A 171 -1.57 10.40 20.94
N ALA A 172 -2.67 9.65 20.87
CA ALA A 172 -3.98 10.13 21.29
C ALA A 172 -4.82 9.00 21.90
N PRO A 173 -5.84 9.35 22.70
CA PRO A 173 -6.19 10.67 23.23
C PRO A 173 -5.79 10.88 24.68
N GLU A 174 -5.16 9.88 25.30
CA GLU A 174 -4.79 9.97 26.72
C GLU A 174 -5.96 10.26 27.70
N SER A 175 -7.04 9.50 27.58
CA SER A 175 -8.15 9.56 28.54
C SER A 175 -7.69 9.20 29.95
N PHE A 176 -8.24 9.87 30.96
CA PHE A 176 -7.79 9.64 32.36
C PHE A 176 -8.08 8.22 32.87
N GLN A 177 -9.03 7.54 32.24
CA GLN A 177 -9.57 6.29 32.79
C GLN A 177 -9.81 5.25 31.71
N TYR A 178 -9.15 5.40 30.57
CA TYR A 178 -9.38 4.50 29.43
C TYR A 178 -10.87 4.43 29.08
N LEU A 179 -11.52 5.59 29.09
CA LEU A 179 -12.90 5.70 28.61
C LEU A 179 -12.97 5.60 27.09
N LYS A 180 -13.60 4.53 26.61
CA LYS A 180 -13.59 4.20 25.19
C LYS A 180 -14.25 5.27 24.33
N ASN A 181 -15.13 6.08 24.91
CA ASN A 181 -15.85 7.12 24.14
C ASN A 181 -14.93 8.16 23.49
N LEU A 182 -13.83 8.48 24.15
CA LEU A 182 -12.87 9.46 23.66
C LEU A 182 -12.07 8.91 22.50
N SER A 183 -11.87 7.60 22.48
CA SER A 183 -11.01 6.96 21.50
C SER A 183 -11.77 6.32 20.35
N ASP A 184 -13.03 5.92 20.58
CA ASP A 184 -13.89 5.35 19.54
C ASP A 184 -13.98 6.13 18.22
N PRO A 185 -14.09 7.48 18.30
CA PRO A 185 -14.20 8.21 17.03
C PRO A 185 -12.94 8.10 16.17
N ILE A 186 -11.76 8.14 16.79
CA ILE A 186 -10.51 7.95 16.07
C ILE A 186 -10.47 6.59 15.35
N LEU A 187 -10.81 5.53 16.08
CA LEU A 187 -10.79 4.19 15.52
C LEU A 187 -11.76 3.96 14.37
N ASN A 188 -12.90 4.66 14.41
CA ASN A 188 -13.92 4.47 13.37
C ASN A 188 -13.72 5.37 12.15
N ASP A 189 -12.77 6.29 12.25
CA ASP A 189 -12.49 7.21 11.17
C ASP A 189 -11.12 6.95 10.52
N PRO A 190 -11.14 6.47 9.26
CA PRO A 190 -9.94 6.12 8.49
C PRO A 190 -8.86 7.19 8.41
N GLN A 191 -9.24 8.46 8.28
CA GLN A 191 -8.26 9.53 8.15
C GLN A 191 -7.60 9.85 9.48
N ALA A 192 -8.40 9.96 10.53
CA ALA A 192 -7.87 10.21 11.87
C ALA A 192 -7.03 9.03 12.35
N LEU A 193 -7.48 7.82 12.05
CA LEU A 193 -6.74 6.59 12.39
C LEU A 193 -5.34 6.57 11.76
N ALA A 194 -5.26 6.91 10.47
CA ALA A 194 -3.98 7.02 9.76
C ALA A 194 -3.02 8.05 10.40
N ASN A 195 -3.55 9.06 11.06
CA ASN A 195 -2.67 10.03 11.70
C ASN A 195 -2.32 9.68 13.15
N MET A 196 -2.90 8.60 13.66
CA MET A 196 -2.62 8.12 15.00
C MET A 196 -1.57 7.02 14.89
N ASP A 197 -0.50 7.14 15.66
CA ASP A 197 0.54 6.11 15.65
C ASP A 197 0.47 5.27 16.93
N ILE A 198 0.11 5.91 18.04
CA ILE A 198 -0.01 5.27 19.34
C ILE A 198 -1.34 5.66 20.01
N LEU A 199 -2.17 4.66 20.30
CA LEU A 199 -3.31 4.89 21.20
C LEU A 199 -2.81 4.91 22.65
N GLY A 200 -2.84 6.08 23.27
CA GLY A 200 -2.38 6.26 24.63
C GLY A 200 -3.54 6.39 25.60
N THR A 201 -3.35 5.91 26.82
CA THR A 201 -4.37 6.06 27.86
C THR A 201 -3.78 6.07 29.25
N HIS A 202 -4.53 6.65 30.17
CA HIS A 202 -4.25 6.53 31.59
C HIS A 202 -5.22 5.50 32.16
N LEU A 203 -4.99 5.07 33.40
CA LEU A 203 -5.82 4.03 34.01
C LEU A 203 -6.25 4.38 35.44
N TYR A 204 -6.53 5.65 35.70
CA TYR A 204 -6.98 6.10 37.01
C TYR A 204 -8.44 5.69 37.25
N GLY A 205 -8.65 4.75 38.17
CA GLY A 205 -9.98 4.29 38.52
C GLY A 205 -10.45 3.17 37.64
N THR A 206 -9.63 2.80 36.65
CA THR A 206 -10.01 1.80 35.65
C THR A 206 -10.05 0.41 36.24
N GLN A 207 -11.20 -0.24 36.15
CA GLN A 207 -11.36 -1.64 36.57
C GLN A 207 -10.71 -2.58 35.56
N VAL A 208 -10.21 -3.72 36.02
CA VAL A 208 -9.50 -4.68 35.15
C VAL A 208 -10.37 -5.25 34.04
N SER A 209 -11.68 -5.17 34.21
CA SER A 209 -12.63 -5.60 33.18
C SER A 209 -12.72 -4.58 32.03
N GLN A 210 -12.25 -3.35 32.28
CA GLN A 210 -12.20 -2.32 31.26
C GLN A 210 -10.83 -2.24 30.53
N PHE A 211 -9.84 -2.99 31.01
CA PHE A 211 -8.52 -3.06 30.35
C PHE A 211 -8.58 -3.55 28.91
N PRO A 212 -9.38 -4.60 28.62
CA PRO A 212 -9.41 -5.02 27.21
C PRO A 212 -10.13 -3.98 26.34
N TYR A 213 -9.90 -4.02 25.02
CA TYR A 213 -10.48 -3.07 24.10
C TYR A 213 -10.78 -3.72 22.73
N PRO A 214 -11.92 -4.44 22.62
CA PRO A 214 -12.29 -5.11 21.36
C PRO A 214 -12.21 -4.26 20.09
N LEU A 215 -12.65 -3.00 20.14
CA LEU A 215 -12.60 -2.14 18.97
C LEU A 215 -11.16 -1.92 18.50
N PHE A 216 -10.22 -1.74 19.44
CA PHE A 216 -8.82 -1.59 19.07
C PHE A 216 -8.27 -2.85 18.40
N LYS A 217 -8.63 -4.01 18.92
CA LYS A 217 -8.21 -5.29 18.34
C LYS A 217 -8.75 -5.40 16.92
N GLN A 218 -9.96 -4.89 16.71
CA GLN A 218 -10.59 -4.92 15.39
C GLN A 218 -9.94 -3.94 14.39
N LYS A 219 -9.64 -2.71 14.83
CA LYS A 219 -9.24 -1.63 13.91
C LYS A 219 -7.78 -1.18 14.00
N GLY A 220 -7.10 -1.53 15.08
CA GLY A 220 -5.81 -0.92 15.37
C GLY A 220 -4.57 -1.66 14.90
N ALA A 221 -4.69 -2.42 13.82
CA ALA A 221 -3.53 -3.15 13.26
C ALA A 221 -2.38 -2.20 12.87
N GLY A 222 -1.17 -2.56 13.31
CA GLY A 222 0.02 -1.72 13.07
C GLY A 222 0.10 -0.48 13.96
N LYS A 223 -0.79 -0.38 14.95
CA LYS A 223 -0.77 0.76 15.89
C LYS A 223 -0.30 0.29 17.25
N ASP A 224 0.38 1.16 17.98
CA ASP A 224 0.81 0.83 19.33
C ASP A 224 -0.29 1.17 20.32
N LEU A 225 -0.18 0.59 21.52
CA LEU A 225 -1.12 0.82 22.61
C LEU A 225 -0.26 1.02 23.86
N TRP A 226 -0.30 2.23 24.41
CA TRP A 226 0.56 2.61 25.51
C TRP A 226 -0.25 3.09 26.70
N MET A 227 0.21 2.73 27.88
CA MET A 227 -0.35 3.21 29.11
C MET A 227 0.57 4.31 29.61
N THR A 228 0.17 5.56 29.38
CA THR A 228 1.09 6.71 29.45
C THR A 228 1.22 7.43 30.78
N GLU A 229 0.35 7.11 31.73
CA GLU A 229 0.47 7.64 33.09
C GLU A 229 -0.42 6.86 34.08
N VAL A 230 0.13 6.58 35.26
CA VAL A 230 -0.63 6.12 36.42
C VAL A 230 0.25 6.09 37.66
N TYR A 231 -0.38 6.13 38.83
CA TYR A 231 0.20 5.61 40.07
C TYR A 231 -0.86 4.70 40.69
N TYR A 232 -0.45 3.76 41.52
CA TYR A 232 -1.32 2.70 42.03
C TYR A 232 -0.61 2.04 43.19
N PRO A 233 -1.34 1.61 44.24
CA PRO A 233 -2.79 1.71 44.46
C PRO A 233 -3.26 3.07 44.97
N ASN A 234 -2.34 3.99 45.22
CA ASN A 234 -2.68 5.31 45.77
C ASN A 234 -1.51 6.28 45.76
N SER A 235 -1.77 7.54 46.13
CA SER A 235 -0.71 8.54 46.28
C SER A 235 -0.47 8.95 47.72
N ASP A 236 -0.75 8.05 48.66
CA ASP A 236 -0.52 8.33 50.08
C ASP A 236 0.94 8.69 50.33
N THR A 237 1.15 9.75 51.10
CA THR A 237 2.48 10.26 51.46
C THR A 237 3.32 9.19 52.15
N ASN A 238 4.58 9.09 51.75
CA ASN A 238 5.54 8.09 52.29
C ASN A 238 5.03 6.64 52.26
N SER A 239 4.20 6.33 51.26
CA SER A 239 3.61 5.00 51.14
C SER A 239 4.48 3.98 50.38
N ALA A 240 5.54 4.46 49.76
CA ALA A 240 6.24 3.69 48.72
C ALA A 240 7.00 2.45 49.23
N ASP A 241 7.21 2.38 50.53
CA ASP A 241 7.84 1.20 51.12
C ASP A 241 6.90 0.24 51.82
N ARG A 242 5.61 0.57 51.91
CA ARG A 242 4.67 -0.32 52.57
C ARG A 242 4.66 -1.71 51.94
N TRP A 243 4.77 -2.73 52.78
CA TRP A 243 4.74 -4.12 52.35
C TRP A 243 3.68 -4.88 53.15
N PRO A 244 2.84 -5.69 52.49
CA PRO A 244 2.81 -6.11 51.08
C PRO A 244 2.05 -5.21 50.08
N GLU A 245 1.72 -3.98 50.49
CA GLU A 245 0.95 -3.10 49.62
C GLU A 245 1.62 -2.82 48.26
N ALA A 246 2.93 -2.52 48.29
CA ALA A 246 3.71 -2.26 47.08
C ALA A 246 3.61 -3.38 46.05
N LEU A 247 3.37 -4.59 46.53
CA LEU A 247 3.14 -5.73 45.63
C LEU A 247 1.94 -5.52 44.66
N ASP A 248 1.08 -4.54 44.95
CA ASP A 248 -0.03 -4.20 44.05
C ASP A 248 0.47 -3.62 42.73
N VAL A 249 1.57 -2.88 42.79
CA VAL A 249 2.20 -2.30 41.60
C VAL A 249 2.53 -3.37 40.57
N SER A 250 3.15 -4.45 41.01
CA SER A 250 3.54 -5.43 40.02
C SER A 250 2.29 -6.17 39.52
N GLN A 251 1.31 -6.36 40.39
CA GLN A 251 0.05 -6.97 39.97
C GLN A 251 -0.62 -6.09 38.91
N HIS A 252 -0.60 -4.79 39.14
CA HIS A 252 -1.12 -3.82 38.18
C HIS A 252 -0.46 -3.88 36.80
N ILE A 253 0.88 -3.88 36.77
CA ILE A 253 1.65 -4.06 35.54
C ILE A 253 1.30 -5.39 34.88
N HIS A 254 1.27 -6.46 35.68
CA HIS A 254 0.80 -7.76 35.17
C HIS A 254 -0.54 -7.64 34.42
N ASN A 255 -1.51 -6.94 35.01
CA ASN A 255 -2.83 -6.79 34.40
C ASN A 255 -2.81 -5.94 33.11
N ALA A 256 -2.09 -4.82 33.14
CA ALA A 256 -1.87 -4.02 31.93
C ALA A 256 -1.25 -4.85 30.80
N MET A 257 -0.19 -5.60 31.13
CA MET A 257 0.46 -6.50 30.16
C MET A 257 -0.48 -7.56 29.59
N VAL A 258 -1.16 -8.25 30.49
CA VAL A 258 -1.89 -9.46 30.12
C VAL A 258 -3.34 -9.17 29.74
N GLU A 259 -4.01 -8.28 30.49
CA GLU A 259 -5.43 -8.02 30.21
C GLU A 259 -5.59 -6.87 29.20
N GLY A 260 -4.72 -5.87 29.32
CA GLY A 260 -4.78 -4.71 28.45
C GLY A 260 -3.92 -4.80 27.21
N ASP A 261 -3.01 -5.77 27.15
CA ASP A 261 -2.09 -5.92 26.02
C ASP A 261 -1.27 -4.63 25.76
N PHE A 262 -0.98 -3.88 26.83
CA PHE A 262 -0.20 -2.67 26.70
C PHE A 262 1.28 -2.96 26.36
N GLN A 263 1.90 -1.99 25.68
CA GLN A 263 3.24 -2.15 25.11
C GLN A 263 4.21 -1.25 25.83
N ALA A 264 3.65 -0.32 26.60
CA ALA A 264 4.37 0.62 27.42
C ALA A 264 3.61 0.82 28.72
N TYR A 265 4.35 0.93 29.83
CA TYR A 265 3.73 1.22 31.11
C TYR A 265 4.56 2.28 31.79
N VAL A 266 3.92 3.41 32.05
CA VAL A 266 4.61 4.63 32.41
C VAL A 266 3.96 5.17 33.67
N TRP A 267 4.74 5.25 34.73
CA TRP A 267 4.30 5.77 35.99
C TRP A 267 4.22 7.29 35.90
N TRP A 268 3.68 7.90 36.95
CA TRP A 268 3.60 9.36 37.08
C TRP A 268 5.00 9.80 37.54
N TYR A 269 5.10 10.88 38.32
CA TYR A 269 6.40 11.34 38.83
C TYR A 269 7.35 10.20 39.17
N ILE A 270 8.57 10.26 38.63
CA ILE A 270 9.60 9.26 38.94
C ILE A 270 10.05 9.34 40.39
N ARG A 271 10.47 10.53 40.83
CA ARG A 271 10.89 10.73 42.22
C ARG A 271 9.72 11.30 42.99
N ARG A 272 9.32 10.61 44.07
CA ARG A 272 8.13 10.99 44.83
C ARG A 272 7.88 10.01 45.97
N SER A 273 7.35 10.53 47.08
CA SER A 273 7.19 9.74 48.31
C SER A 273 6.30 8.51 48.10
N TYR A 274 5.50 8.52 47.05
CA TYR A 274 4.66 7.37 46.71
C TYR A 274 5.10 6.73 45.38
N GLY A 275 6.31 7.06 44.92
CA GLY A 275 6.76 6.63 43.62
C GLY A 275 7.86 5.59 43.62
N PRO A 276 8.37 5.23 42.43
CA PRO A 276 9.43 4.22 42.32
C PRO A 276 10.74 4.64 42.98
N MET A 277 10.99 5.95 43.04
CA MET A 277 12.20 6.50 43.63
C MET A 277 11.80 7.43 44.76
N LYS A 278 12.37 7.18 45.94
CA LYS A 278 12.11 8.02 47.11
C LYS A 278 12.85 9.36 46.99
N GLU A 279 12.38 10.35 47.74
CA GLU A 279 12.95 11.70 47.73
C GLU A 279 14.43 11.77 48.11
N ASP A 280 14.94 10.71 48.77
CA ASP A 280 16.37 10.59 49.07
C ASP A 280 17.18 9.94 47.93
N GLY A 281 16.49 9.56 46.87
CA GLY A 281 17.15 9.10 45.65
C GLY A 281 17.31 7.60 45.60
N THR A 282 16.71 6.90 46.56
CA THR A 282 16.74 5.44 46.54
C THR A 282 15.44 4.87 46.00
N ILE A 283 15.55 3.65 45.51
CA ILE A 283 14.43 2.92 44.97
C ILE A 283 13.56 2.41 46.11
N SER A 284 12.26 2.63 45.99
CA SER A 284 11.26 2.20 46.95
C SER A 284 10.79 0.80 46.64
N LYS A 285 10.02 0.19 47.55
CA LYS A 285 9.44 -1.13 47.30
C LYS A 285 8.56 -1.10 46.06
N ARG A 286 7.89 0.02 45.82
CA ARG A 286 7.10 0.20 44.58
C ARG A 286 8.01 0.24 43.35
N GLY A 287 9.15 0.90 43.48
CA GLY A 287 10.16 0.92 42.43
C GLY A 287 10.71 -0.46 42.09
N TYR A 288 10.98 -1.27 43.12
CA TYR A 288 11.44 -2.63 42.89
C TYR A 288 10.37 -3.49 42.25
N ASN A 289 9.10 -3.17 42.49
CA ASN A 289 8.05 -3.92 41.80
C ASN A 289 8.06 -3.62 40.30
N MET A 290 8.23 -2.34 39.95
CA MET A 290 8.39 -1.97 38.54
C MET A 290 9.65 -2.63 37.94
N ALA A 291 10.74 -2.63 38.71
CA ALA A 291 12.04 -3.05 38.20
C ALA A 291 12.01 -4.51 37.80
N HIS A 292 11.09 -5.26 38.39
CA HIS A 292 10.91 -6.68 38.10
C HIS A 292 10.48 -6.91 36.66
N PHE A 293 9.89 -5.88 36.08
CA PHE A 293 9.67 -5.80 34.65
C PHE A 293 10.78 -4.99 33.94
N SER A 294 10.95 -3.71 34.32
CA SER A 294 11.79 -2.81 33.52
C SER A 294 13.21 -3.31 33.28
N LYS A 295 13.82 -3.94 34.29
CA LYS A 295 15.21 -4.40 34.21
C LYS A 295 15.39 -5.67 33.38
N PHE A 296 14.31 -6.34 33.05
CA PHE A 296 14.41 -7.65 32.41
C PHE A 296 13.64 -7.74 31.11
N VAL A 297 12.50 -7.05 31.04
CA VAL A 297 11.72 -6.97 29.81
C VAL A 297 12.18 -5.70 29.12
N ARG A 298 13.21 -5.86 28.29
CA ARG A 298 13.80 -4.75 27.57
C ARG A 298 13.00 -4.46 26.27
N PRO A 299 13.11 -3.24 25.73
CA PRO A 299 12.47 -2.95 24.44
C PRO A 299 12.83 -3.96 23.33
N GLY A 300 11.82 -4.38 22.58
CA GLY A 300 12.00 -5.39 21.53
C GLY A 300 11.52 -6.77 21.95
N TYR A 301 11.42 -7.00 23.25
CA TYR A 301 10.89 -8.27 23.78
C TYR A 301 9.43 -8.33 23.44
N VAL A 302 8.94 -9.55 23.23
CA VAL A 302 7.56 -9.75 22.89
C VAL A 302 6.98 -10.57 24.02
N ARG A 303 5.80 -10.18 24.51
CA ARG A 303 5.11 -11.00 25.48
C ARG A 303 4.74 -12.35 24.86
N ILE A 304 4.77 -13.39 25.66
CA ILE A 304 4.34 -14.70 25.20
C ILE A 304 3.28 -15.26 26.11
N ASP A 305 2.55 -16.25 25.60
CA ASP A 305 1.44 -16.84 26.31
C ASP A 305 1.95 -17.67 27.48
N ALA A 306 1.32 -17.49 28.63
CA ALA A 306 1.64 -18.27 29.82
C ALA A 306 0.41 -18.33 30.72
N THR A 307 0.16 -19.50 31.31
CA THR A 307 -0.91 -19.68 32.31
C THR A 307 -0.86 -18.54 33.32
N LYS A 308 -1.88 -17.68 33.31
CA LYS A 308 -1.78 -16.37 33.98
C LYS A 308 -2.16 -16.34 35.47
N ASN A 309 -2.90 -17.36 35.92
CA ASN A 309 -3.40 -17.41 37.29
C ASN A 309 -3.52 -18.87 37.70
N PRO A 310 -2.36 -19.53 37.92
CA PRO A 310 -2.30 -20.96 38.11
C PRO A 310 -2.71 -21.43 39.51
N ASN A 311 -2.72 -20.50 40.46
CA ASN A 311 -3.08 -20.78 41.83
C ASN A 311 -3.70 -19.52 42.40
N ALA A 312 -4.54 -19.70 43.43
CA ALA A 312 -5.10 -18.58 44.16
C ALA A 312 -4.03 -17.53 44.47
N ASN A 313 -4.25 -16.32 43.98
CA ASN A 313 -3.41 -15.18 44.29
C ASN A 313 -2.01 -15.27 43.67
N VAL A 314 -1.84 -16.21 42.75
CA VAL A 314 -0.62 -16.30 41.97
C VAL A 314 -0.86 -15.80 40.53
N TYR A 315 -0.02 -14.85 40.12
CA TYR A 315 -0.12 -14.23 38.80
C TYR A 315 1.21 -14.34 38.02
N VAL A 316 1.10 -14.87 36.81
CA VAL A 316 2.25 -15.09 35.95
C VAL A 316 2.11 -14.43 34.56
N SER A 317 3.12 -13.67 34.15
CA SER A 317 3.32 -13.29 32.74
C SER A 317 4.73 -13.67 32.24
N ALA A 318 4.88 -13.85 30.94
CA ALA A 318 6.15 -14.26 30.34
C ALA A 318 6.51 -13.48 29.07
N TYR A 319 7.81 -13.31 28.81
CA TYR A 319 8.30 -12.53 27.67
C TYR A 319 9.53 -13.20 27.07
N LYS A 320 9.78 -12.96 25.79
CA LYS A 320 11.00 -13.45 25.18
C LYS A 320 11.68 -12.39 24.36
N GLY A 321 13.00 -12.52 24.26
CA GLY A 321 13.87 -11.58 23.56
C GLY A 321 15.32 -11.89 23.89
N ASP A 322 16.20 -11.71 22.90
CA ASP A 322 17.64 -11.66 23.15
C ASP A 322 18.12 -12.97 23.80
N ASN A 323 17.75 -14.10 23.19
CA ASN A 323 18.04 -15.48 23.69
C ASN A 323 17.61 -15.79 25.12
N LYS A 324 16.58 -15.09 25.60
CA LYS A 324 16.09 -15.28 26.96
C LYS A 324 14.59 -15.42 26.94
N VAL A 325 14.07 -16.10 27.95
CA VAL A 325 12.65 -16.05 28.29
C VAL A 325 12.60 -15.49 29.71
N VAL A 326 11.82 -14.42 29.89
CA VAL A 326 11.59 -13.83 31.21
C VAL A 326 10.19 -14.21 31.74
N ILE A 327 10.11 -14.64 33.01
CA ILE A 327 8.83 -14.98 33.64
C ILE A 327 8.71 -14.16 34.90
N VAL A 328 7.61 -13.39 35.03
CA VAL A 328 7.34 -12.63 36.25
C VAL A 328 6.18 -13.32 37.01
N ALA A 329 6.49 -13.82 38.21
CA ALA A 329 5.53 -14.60 39.00
C ALA A 329 5.30 -13.94 40.33
N ILE A 330 4.05 -13.55 40.54
CA ILE A 330 3.64 -12.83 41.72
C ILE A 330 2.80 -13.76 42.64
N ASN A 331 3.20 -13.83 43.92
CA ASN A 331 2.43 -14.53 44.93
C ASN A 331 1.83 -13.53 45.92
N LYS A 332 0.53 -13.32 45.87
CA LYS A 332 -0.07 -12.36 46.79
C LYS A 332 -0.69 -13.03 48.02
N SER A 333 -0.47 -14.34 48.19
CA SER A 333 -0.98 -15.06 49.35
C SER A 333 0.00 -15.03 50.52
N ASN A 334 -0.43 -15.59 51.65
CA ASN A 334 0.41 -15.73 52.81
C ASN A 334 0.95 -17.16 52.88
N THR A 335 0.81 -17.90 51.78
CA THR A 335 1.37 -19.24 51.67
C THR A 335 2.35 -19.35 50.50
N GLY A 336 3.57 -19.80 50.79
CA GLY A 336 4.53 -20.12 49.73
C GLY A 336 3.99 -21.23 48.84
N VAL A 337 4.15 -21.09 47.53
CA VAL A 337 3.66 -22.13 46.63
C VAL A 337 4.81 -22.68 45.81
N ASN A 338 4.81 -23.99 45.60
CA ASN A 338 5.74 -24.61 44.68
C ASN A 338 5.11 -24.65 43.33
N GLN A 339 5.81 -24.11 42.35
CA GLN A 339 5.28 -23.99 41.02
C GLN A 339 6.18 -24.76 40.05
N ASN A 340 5.55 -25.54 39.17
CA ASN A 340 6.28 -26.19 38.10
C ASN A 340 6.10 -25.39 36.79
N PHE A 341 7.21 -24.92 36.23
CA PHE A 341 7.14 -24.15 34.98
C PHE A 341 7.52 -25.02 33.81
N VAL A 342 6.58 -25.18 32.86
CA VAL A 342 6.79 -26.02 31.70
C VAL A 342 7.02 -25.13 30.49
N LEU A 343 8.13 -25.34 29.80
CA LEU A 343 8.50 -24.54 28.63
C LEU A 343 8.18 -25.31 27.36
N GLN A 344 7.24 -24.79 26.59
CA GLN A 344 6.89 -25.41 25.32
C GLN A 344 7.55 -24.71 24.16
N ASN A 345 8.14 -25.51 23.27
CA ASN A 345 8.78 -25.07 22.02
C ASN A 345 10.09 -24.33 22.24
N GLY A 346 10.74 -24.63 23.37
CA GLY A 346 12.00 -23.98 23.77
C GLY A 346 12.94 -24.92 24.52
N SER A 347 14.21 -24.88 24.14
CA SER A 347 15.27 -25.56 24.88
C SER A 347 15.93 -24.54 25.78
N ALA A 348 16.20 -24.94 27.02
CA ALA A 348 16.82 -24.06 28.01
C ALA A 348 17.60 -24.90 29.01
N SER A 349 18.56 -24.29 29.69
CA SER A 349 19.35 -25.03 30.66
C SER A 349 19.32 -24.39 32.04
N ASN A 350 19.67 -23.10 32.09
CA ASN A 350 19.88 -22.41 33.36
C ASN A 350 18.81 -21.36 33.59
N VAL A 351 18.44 -21.16 34.86
CA VAL A 351 17.47 -20.16 35.25
C VAL A 351 18.02 -19.37 36.44
N SER A 352 18.13 -18.06 36.27
CA SER A 352 18.45 -17.17 37.40
C SER A 352 17.20 -16.43 37.82
N ARG A 353 17.22 -15.85 39.02
CA ARG A 353 16.02 -15.23 39.55
C ARG A 353 16.34 -14.17 40.57
N TRP A 354 15.41 -13.22 40.69
CA TRP A 354 15.46 -12.17 41.67
C TRP A 354 14.12 -12.12 42.39
N ILE A 355 14.15 -11.82 43.69
CA ILE A 355 12.96 -11.86 44.52
C ILE A 355 12.83 -10.57 45.30
N THR A 356 11.63 -10.03 45.35
CA THR A 356 11.33 -8.94 46.27
C THR A 356 10.27 -9.46 47.23
N SER A 357 10.46 -9.22 48.53
CA SER A 357 9.62 -9.84 49.55
C SER A 357 9.84 -9.03 50.80
N SER A 358 9.32 -9.48 51.94
CA SER A 358 9.68 -8.77 53.17
C SER A 358 11.19 -8.91 53.43
N SER A 359 11.82 -7.76 53.54
CA SER A 359 13.25 -7.65 53.83
C SER A 359 14.20 -8.06 52.73
N SER A 360 13.69 -8.02 51.49
CA SER A 360 14.55 -8.24 50.35
C SER A 360 14.08 -7.46 49.11
N ASN A 361 15.00 -6.71 48.54
CA ASN A 361 14.76 -5.89 47.38
C ASN A 361 15.43 -6.43 46.12
N LEU A 362 14.62 -6.98 45.21
CA LEU A 362 15.13 -7.50 43.94
C LEU A 362 16.47 -8.21 44.19
N GLN A 363 16.41 -9.27 44.98
CA GLN A 363 17.58 -9.90 45.53
C GLN A 363 17.73 -11.27 44.90
N PRO A 364 18.97 -11.63 44.50
CA PRO A 364 19.18 -12.90 43.80
C PRO A 364 18.72 -14.10 44.63
N GLY A 365 18.06 -15.04 43.98
CA GLY A 365 17.77 -16.31 44.60
C GLY A 365 18.68 -17.35 43.99
N THR A 366 18.50 -18.60 44.38
CA THR A 366 19.27 -19.72 43.88
C THR A 366 18.97 -19.93 42.41
N ASN A 367 20.02 -20.24 41.63
CA ASN A 367 19.88 -20.65 40.24
C ASN A 367 19.21 -22.01 40.20
N LEU A 368 18.45 -22.26 39.13
CA LEU A 368 17.72 -23.50 38.98
C LEU A 368 18.10 -24.13 37.64
N THR A 369 17.84 -25.41 37.53
CA THR A 369 18.15 -26.14 36.31
C THR A 369 16.86 -26.60 35.66
N VAL A 370 16.81 -26.46 34.34
CA VAL A 370 15.71 -26.92 33.53
C VAL A 370 16.08 -28.30 33.01
N SER A 371 15.27 -29.30 33.30
CA SER A 371 15.53 -30.64 32.78
C SER A 371 14.25 -31.22 32.24
N GLY A 372 14.24 -31.52 30.95
CA GLY A 372 13.06 -32.07 30.31
C GLY A 372 11.97 -31.02 30.15
N ASN A 373 12.39 -29.82 29.72
CA ASN A 373 11.47 -28.72 29.41
C ASN A 373 10.74 -28.07 30.58
N HIS A 374 11.14 -28.39 31.81
CA HIS A 374 10.50 -27.79 32.97
C HIS A 374 11.46 -27.60 34.14
N PHE A 375 11.02 -26.79 35.09
CA PHE A 375 11.74 -26.59 36.30
C PHE A 375 10.74 -26.25 37.40
N TRP A 376 11.07 -26.68 38.62
CA TRP A 376 10.31 -26.36 39.80
C TRP A 376 10.96 -25.19 40.49
N ALA A 377 10.12 -24.38 41.12
CA ALA A 377 10.60 -23.22 41.82
C ALA A 377 9.54 -22.84 42.82
N HIS A 378 10.00 -22.29 43.93
CA HIS A 378 9.13 -21.92 44.98
C HIS A 378 8.88 -20.42 44.89
N LEU A 379 7.63 -20.02 45.09
CA LEU A 379 7.27 -18.59 45.16
C LEU A 379 6.86 -18.21 46.56
N PRO A 380 7.70 -17.45 47.26
CA PRO A 380 7.46 -17.14 48.66
C PRO A 380 6.17 -16.34 48.87
N ALA A 381 5.61 -16.45 50.08
CA ALA A 381 4.46 -15.64 50.48
C ALA A 381 4.74 -14.18 50.22
N GLN A 382 3.73 -13.47 49.72
CA GLN A 382 3.80 -12.04 49.49
C GLN A 382 5.13 -11.65 48.79
N SER A 383 5.33 -12.17 47.58
CA SER A 383 6.54 -11.88 46.82
C SER A 383 6.29 -11.77 45.32
N VAL A 384 7.20 -11.07 44.64
CA VAL A 384 7.29 -11.15 43.19
C VAL A 384 8.70 -11.68 42.82
N THR A 385 8.76 -12.67 41.95
CA THR A 385 10.00 -13.21 41.41
C THR A 385 10.04 -12.98 39.89
N THR A 386 11.19 -12.52 39.39
CA THR A 386 11.46 -12.52 37.95
C THR A 386 12.49 -13.61 37.70
N PHE A 387 12.10 -14.56 36.88
CA PHE A 387 12.97 -15.61 36.40
C PHE A 387 13.52 -15.21 35.05
N VAL A 388 14.80 -15.50 34.82
CA VAL A 388 15.42 -15.33 33.50
C VAL A 388 15.95 -16.68 33.02
N VAL A 389 15.36 -17.19 31.95
CA VAL A 389 15.72 -18.50 31.44
C VAL A 389 16.70 -18.35 30.28
N ASN A 390 17.92 -18.87 30.46
CA ASN A 390 18.93 -18.93 29.40
C ASN A 390 18.81 -20.21 28.58
N SER B 3 13.22 4.55 -19.78
CA SER B 3 13.95 4.98 -18.54
C SER B 3 15.46 4.70 -18.67
N ASP B 4 16.20 5.74 -19.07
CA ASP B 4 17.66 5.70 -19.32
C ASP B 4 18.51 5.84 -18.05
N VAL B 5 19.78 5.39 -18.12
CA VAL B 5 20.74 5.59 -17.05
C VAL B 5 21.58 6.82 -17.38
N THR B 6 21.56 7.81 -16.51
CA THR B 6 22.47 8.94 -16.67
C THR B 6 23.65 8.78 -15.71
N VAL B 7 24.85 8.92 -16.27
CA VAL B 7 26.09 8.80 -15.52
C VAL B 7 26.78 10.15 -15.52
N ASN B 8 26.89 10.74 -14.33
CA ASN B 8 27.45 12.07 -14.19
C ASN B 8 28.87 12.01 -13.67
N VAL B 9 29.82 12.13 -14.59
CA VAL B 9 31.24 11.98 -14.29
C VAL B 9 31.78 13.07 -13.35
N SER B 10 31.08 14.18 -13.24
CA SER B 10 31.55 15.27 -12.38
C SER B 10 30.98 15.21 -10.97
N ALA B 11 29.90 14.46 -10.81
CA ALA B 11 29.27 14.35 -9.49
C ALA B 11 29.94 13.23 -8.68
N GLU B 12 31.07 13.57 -8.06
CA GLU B 12 31.85 12.65 -7.26
C GLU B 12 31.21 12.37 -5.92
N LYS B 13 31.32 11.11 -5.49
CA LYS B 13 30.77 10.67 -4.21
C LYS B 13 31.92 10.13 -3.36
N GLN B 14 31.80 8.93 -2.79
CA GLN B 14 32.87 8.44 -1.90
C GLN B 14 34.05 7.82 -2.67
N VAL B 15 35.24 7.95 -2.10
CA VAL B 15 36.43 7.32 -2.62
C VAL B 15 36.46 5.89 -2.08
N ILE B 16 36.69 4.95 -2.98
CA ILE B 16 36.73 3.53 -2.66
C ILE B 16 38.08 3.10 -2.08
N ARG B 17 38.05 2.40 -0.93
CA ARG B 17 39.23 1.77 -0.38
C ARG B 17 39.44 0.35 -0.90
N GLY B 18 38.35 -0.34 -1.23
CA GLY B 18 38.43 -1.69 -1.79
C GLY B 18 37.39 -2.68 -1.28
N PHE B 19 37.59 -3.94 -1.67
CA PHE B 19 36.69 -5.05 -1.42
C PHE B 19 37.54 -6.25 -0.96
N GLY B 20 36.98 -7.08 -0.09
CA GLY B 20 37.71 -8.25 0.37
C GLY B 20 36.91 -9.17 1.28
N GLY B 21 37.63 -9.83 2.19
CA GLY B 21 37.04 -10.77 3.13
C GLY B 21 37.98 -11.10 4.29
N MET B 22 37.56 -12.09 5.07
CA MET B 22 38.19 -12.43 6.34
C MET B 22 39.07 -13.69 6.24
N ASN B 23 40.22 -13.67 6.89
CA ASN B 23 40.96 -14.90 7.08
C ASN B 23 40.97 -15.23 8.58
N HIS B 24 40.58 -16.45 8.93
CA HIS B 24 40.60 -16.88 10.35
C HIS B 24 41.17 -18.29 10.42
N PRO B 25 42.49 -18.41 10.67
CA PRO B 25 43.15 -19.72 10.68
C PRO B 25 42.65 -20.65 11.79
N ALA B 26 42.33 -20.10 12.96
CA ALA B 26 41.83 -20.92 14.06
C ALA B 26 40.39 -21.41 13.87
N TRP B 27 39.48 -20.54 13.42
CA TRP B 27 38.08 -20.93 13.19
C TRP B 27 37.82 -21.60 11.85
N ALA B 28 38.42 -21.08 10.77
CA ALA B 28 38.16 -21.59 9.43
C ALA B 28 39.30 -22.42 8.81
N GLY B 29 40.51 -22.30 9.36
CA GLY B 29 41.70 -22.89 8.74
C GLY B 29 42.28 -21.91 7.73
N ASP B 30 43.58 -21.71 7.76
CA ASP B 30 44.26 -20.70 6.96
C ASP B 30 44.04 -20.90 5.46
N LEU B 31 44.11 -19.83 4.67
CA LEU B 31 44.22 -19.98 3.22
C LEU B 31 45.52 -20.73 2.85
N THR B 32 45.48 -21.62 1.87
CA THR B 32 46.72 -22.25 1.39
C THR B 32 47.47 -21.27 0.48
N ALA B 33 48.73 -21.58 0.16
CA ALA B 33 49.54 -20.74 -0.71
C ALA B 33 48.82 -20.40 -2.01
N ALA B 34 48.25 -21.41 -2.65
CA ALA B 34 47.55 -21.25 -3.90
C ALA B 34 46.28 -20.38 -3.72
N GLN B 35 45.58 -20.56 -2.60
CA GLN B 35 44.37 -19.81 -2.29
C GLN B 35 44.64 -18.33 -2.00
N ARG B 36 45.81 -18.02 -1.45
CA ARG B 36 46.24 -16.65 -1.24
C ARG B 36 46.35 -15.90 -2.56
N GLU B 37 46.92 -16.56 -3.58
CA GLU B 37 47.07 -15.98 -4.92
C GLU B 37 45.70 -15.77 -5.58
N THR B 38 44.82 -16.75 -5.44
CA THR B 38 43.49 -16.68 -6.02
C THR B 38 42.69 -15.51 -5.40
N ALA B 39 42.91 -15.28 -4.11
CA ALA B 39 42.18 -14.24 -3.38
C ALA B 39 42.70 -12.81 -3.64
N PHE B 40 44.03 -12.62 -3.68
CA PHE B 40 44.61 -11.27 -3.78
C PHE B 40 45.23 -10.85 -5.12
N GLY B 41 45.54 -11.81 -5.99
CA GLY B 41 46.02 -11.43 -7.31
C GLY B 41 44.83 -10.91 -8.10
N ASN B 42 45.10 -10.13 -9.14
CA ASN B 42 44.03 -9.59 -9.97
C ASN B 42 44.17 -9.99 -11.42
N GLY B 43 44.74 -11.17 -11.64
CA GLY B 43 44.79 -11.74 -12.97
C GLY B 43 43.63 -12.68 -13.22
N GLN B 44 43.74 -13.43 -14.31
CA GLN B 44 42.78 -14.45 -14.70
C GLN B 44 42.52 -15.46 -13.59
N ASN B 45 41.25 -15.86 -13.46
CA ASN B 45 40.81 -16.81 -12.41
C ASN B 45 41.14 -16.36 -10.98
N GLN B 46 41.32 -15.06 -10.77
CA GLN B 46 41.61 -14.55 -9.42
C GLN B 46 40.56 -13.48 -9.00
N LEU B 47 40.37 -13.30 -7.70
CA LEU B 47 39.30 -12.44 -7.19
C LEU B 47 39.63 -10.95 -7.11
N GLY B 48 40.91 -10.63 -6.97
CA GLY B 48 41.35 -9.25 -6.95
C GLY B 48 40.96 -8.57 -5.66
N PHE B 49 40.78 -9.33 -4.60
CA PHE B 49 40.45 -8.71 -3.32
C PHE B 49 41.53 -7.68 -2.95
N SER B 50 41.08 -6.51 -2.51
CA SER B 50 41.98 -5.42 -2.16
C SER B 50 42.05 -5.13 -0.67
N ILE B 51 41.25 -5.84 0.12
CA ILE B 51 41.28 -5.68 1.58
C ILE B 51 41.28 -7.06 2.24
N LEU B 52 42.10 -7.24 3.27
CA LEU B 52 42.08 -8.45 4.04
C LEU B 52 41.74 -8.09 5.48
N ARG B 53 40.80 -8.85 6.06
CA ARG B 53 40.52 -8.74 7.49
C ARG B 53 41.10 -9.94 8.17
N ILE B 54 41.74 -9.70 9.30
CA ILE B 54 42.22 -10.77 10.13
C ILE B 54 41.80 -10.45 11.55
N HIS B 55 41.97 -11.42 12.47
CA HIS B 55 41.55 -11.20 13.84
C HIS B 55 42.72 -11.09 14.81
N VAL B 56 42.50 -10.33 15.88
CA VAL B 56 43.46 -10.14 16.94
C VAL B 56 43.17 -11.15 18.03
N ASP B 57 43.88 -12.28 17.99
CA ASP B 57 43.66 -13.30 19.02
C ASP B 57 43.96 -12.77 20.39
N GLU B 58 43.21 -13.27 21.37
CA GLU B 58 43.31 -12.82 22.77
C GLU B 58 44.58 -13.37 23.42
N ASN B 59 45.06 -14.47 22.87
CA ASN B 59 46.30 -15.10 23.28
C ASN B 59 47.39 -14.71 22.29
N ARG B 60 48.35 -13.93 22.76
CA ARG B 60 49.44 -13.40 21.92
C ARG B 60 50.38 -14.47 21.36
N ASN B 61 50.31 -15.66 21.92
CA ASN B 61 51.12 -16.78 21.44
C ASN B 61 50.56 -17.36 20.16
N ASN B 62 49.36 -16.91 19.77
CA ASN B 62 48.74 -17.34 18.51
C ASN B 62 48.94 -16.36 17.34
N TRP B 63 49.35 -15.13 17.65
CA TRP B 63 49.49 -14.09 16.63
C TRP B 63 50.23 -14.52 15.38
N TYR B 64 51.32 -15.27 15.55
CA TYR B 64 52.11 -15.79 14.41
C TYR B 64 51.29 -16.45 13.31
N LYS B 65 50.14 -17.04 13.67
CA LYS B 65 49.33 -17.84 12.73
C LYS B 65 48.73 -17.00 11.60
N GLU B 66 48.64 -15.69 11.83
CA GLU B 66 48.05 -14.75 10.89
C GLU B 66 49.01 -14.31 9.78
N VAL B 67 50.30 -14.43 10.04
CA VAL B 67 51.36 -13.74 9.29
C VAL B 67 51.47 -14.09 7.81
N GLU B 68 51.46 -15.37 7.49
CA GLU B 68 51.72 -15.82 6.13
C GLU B 68 50.68 -15.27 5.16
N THR B 69 49.41 -15.38 5.54
CA THR B 69 48.34 -14.88 4.69
C THR B 69 48.36 -13.37 4.56
N ALA B 70 48.58 -12.67 5.66
CA ALA B 70 48.67 -11.21 5.61
C ALA B 70 49.82 -10.70 4.74
N LYS B 71 50.96 -11.41 4.78
CA LYS B 71 52.11 -11.09 3.93
C LYS B 71 51.77 -11.22 2.45
N SER B 72 51.03 -12.25 2.09
CA SER B 72 50.63 -12.44 0.70
C SER B 72 49.69 -11.31 0.24
N ALA B 73 48.78 -10.89 1.12
CA ALA B 73 47.88 -9.78 0.82
C ALA B 73 48.67 -8.51 0.45
N VAL B 74 49.60 -8.17 1.33
CA VAL B 74 50.43 -6.97 1.21
C VAL B 74 51.29 -7.00 -0.06
N LYS B 75 51.82 -8.18 -0.41
CA LYS B 75 52.62 -8.36 -1.62
C LYS B 75 51.83 -7.98 -2.86
N HIS B 76 50.53 -8.26 -2.83
CA HIS B 76 49.65 -7.93 -3.95
C HIS B 76 49.06 -6.52 -3.86
N GLY B 77 49.48 -5.74 -2.88
CA GLY B 77 49.00 -4.38 -2.75
C GLY B 77 47.69 -4.18 -1.99
N ALA B 78 47.16 -5.23 -1.38
CA ALA B 78 45.95 -5.12 -0.56
C ALA B 78 46.30 -4.50 0.78
N ILE B 79 45.32 -3.87 1.42
CA ILE B 79 45.46 -3.39 2.76
C ILE B 79 44.91 -4.42 3.76
N VAL B 80 45.48 -4.43 4.96
CA VAL B 80 45.16 -5.40 5.99
C VAL B 80 44.65 -4.68 7.22
N PHE B 81 43.48 -5.08 7.71
CA PHE B 81 42.99 -4.55 8.98
C PHE B 81 42.57 -5.66 9.92
N ALA B 82 42.44 -5.35 11.20
CA ALA B 82 42.26 -6.40 12.18
C ALA B 82 41.19 -6.06 13.20
N SER B 83 40.49 -7.09 13.64
CA SER B 83 39.43 -6.94 14.62
C SER B 83 39.59 -7.89 15.81
N PRO B 84 39.46 -7.37 17.03
CA PRO B 84 39.50 -8.26 18.19
C PRO B 84 38.09 -8.74 18.61
N TRP B 85 37.97 -10.00 19.03
CA TRP B 85 36.72 -10.51 19.62
C TRP B 85 36.67 -10.45 21.15
N ASN B 86 37.76 -10.84 21.82
CA ASN B 86 37.88 -10.71 23.29
C ASN B 86 39.23 -10.12 23.70
N PRO B 87 39.26 -9.30 24.75
CA PRO B 87 40.51 -8.97 25.40
C PRO B 87 41.18 -10.22 25.98
N PRO B 88 42.48 -10.14 26.34
CA PRO B 88 43.05 -11.24 27.15
C PRO B 88 42.19 -11.55 28.40
N SER B 89 42.00 -12.83 28.71
CA SER B 89 41.08 -13.23 29.78
C SER B 89 41.25 -12.48 31.12
N ASP B 90 42.49 -12.19 31.52
CA ASP B 90 42.74 -11.42 32.74
C ASP B 90 42.16 -10.00 32.76
N MET B 91 41.71 -9.51 31.60
CA MET B 91 41.13 -8.17 31.51
C MET B 91 39.60 -8.17 31.55
N VAL B 92 39.04 -9.37 31.52
CA VAL B 92 37.60 -9.56 31.33
C VAL B 92 36.90 -9.93 32.65
N GLU B 93 35.77 -9.27 32.94
CA GLU B 93 34.93 -9.66 34.08
C GLU B 93 33.51 -10.03 33.64
N THR B 94 32.85 -10.86 34.45
CA THR B 94 31.45 -11.13 34.23
C THR B 94 30.65 -10.04 34.91
N PHE B 95 29.44 -9.79 34.42
CA PHE B 95 28.50 -8.83 35.00
C PHE B 95 27.05 -9.21 34.64
N ASN B 96 26.08 -8.61 35.31
CA ASN B 96 24.69 -8.93 35.10
C ASN B 96 24.17 -8.07 33.94
N ARG B 97 24.01 -8.68 32.77
CA ARG B 97 23.44 -7.98 31.62
C ARG B 97 21.99 -8.38 31.40
N ASN B 98 21.07 -7.50 31.79
CA ASN B 98 19.64 -7.72 31.61
C ASN B 98 19.20 -9.11 32.11
N GLY B 99 19.83 -9.59 33.18
CA GLY B 99 19.49 -10.91 33.71
C GLY B 99 20.40 -12.07 33.35
N ASP B 100 21.33 -11.87 32.43
CA ASP B 100 22.36 -12.89 32.18
C ASP B 100 23.58 -12.53 33.02
N THR B 101 23.80 -13.29 34.08
CA THR B 101 24.90 -13.00 35.02
C THR B 101 26.26 -13.49 34.49
N SER B 102 26.28 -14.20 33.37
CA SER B 102 27.56 -14.68 32.86
C SER B 102 28.11 -13.79 31.73
N ALA B 103 27.46 -12.65 31.50
CA ALA B 103 27.85 -11.75 30.41
C ALA B 103 29.25 -11.17 30.61
N LYS B 104 30.03 -11.08 29.54
CA LYS B 104 31.41 -10.62 29.67
C LYS B 104 31.58 -9.21 29.17
N ARG B 105 32.47 -8.46 29.82
CA ARG B 105 32.86 -7.14 29.38
C ARG B 105 34.33 -6.88 29.80
N LEU B 106 34.89 -5.79 29.27
CA LEU B 106 36.22 -5.32 29.67
C LEU B 106 36.15 -4.56 31.00
N LYS B 107 37.02 -4.92 31.93
CA LYS B 107 37.19 -4.21 33.20
C LYS B 107 37.53 -2.76 32.97
N TYR B 108 36.87 -1.92 33.74
CA TYR B 108 37.00 -0.48 33.61
C TYR B 108 38.44 0.01 33.87
N ASN B 109 39.19 -0.76 34.66
CA ASN B 109 40.56 -0.40 35.00
C ASN B 109 41.55 -1.04 34.05
N LYS B 110 41.04 -1.72 33.02
CA LYS B 110 41.88 -2.38 32.03
C LYS B 110 41.78 -1.74 30.63
N TYR B 111 41.16 -0.57 30.54
CA TYR B 111 41.02 0.11 29.26
C TYR B 111 42.38 0.45 28.65
N ALA B 112 43.31 0.94 29.48
CA ALA B 112 44.68 1.25 29.02
C ALA B 112 45.42 -0.02 28.66
N ALA B 113 45.31 -1.03 29.52
CA ALA B 113 46.03 -2.26 29.26
C ALA B 113 45.53 -2.89 27.97
N TYR B 114 44.27 -2.62 27.62
CA TYR B 114 43.68 -3.18 26.41
C TYR B 114 44.17 -2.44 25.18
N ALA B 115 44.23 -1.11 25.24
CA ALA B 115 44.84 -0.33 24.17
C ALA B 115 46.25 -0.87 23.87
N GLN B 116 47.01 -1.21 24.91
CA GLN B 116 48.40 -1.64 24.77
C GLN B 116 48.47 -2.98 24.07
N HIS B 117 47.58 -3.89 24.47
CA HIS B 117 47.39 -5.15 23.77
C HIS B 117 47.10 -4.93 22.25
N LEU B 118 46.24 -3.97 21.91
CA LEU B 118 46.01 -3.65 20.50
C LEU B 118 47.29 -3.10 19.81
N ASN B 119 47.98 -2.13 20.43
CA ASN B 119 49.26 -1.63 19.92
C ASN B 119 50.32 -2.74 19.76
N ASP B 120 50.39 -3.63 20.74
CA ASP B 120 51.31 -4.77 20.66
C ASP B 120 51.04 -5.58 19.43
N PHE B 121 49.77 -5.65 19.02
CA PHE B 121 49.42 -6.45 17.84
C PHE B 121 49.87 -5.74 16.58
N VAL B 122 49.68 -4.41 16.55
CA VAL B 122 50.19 -3.57 15.47
C VAL B 122 51.71 -3.78 15.30
N THR B 123 52.46 -3.64 16.40
CA THR B 123 53.90 -3.86 16.42
C THR B 123 54.28 -5.25 15.94
N PHE B 124 53.59 -6.27 16.44
CA PHE B 124 53.91 -7.64 16.05
C PHE B 124 53.80 -7.82 14.54
N MET B 125 52.71 -7.30 13.96
CA MET B 125 52.47 -7.47 12.53
C MET B 125 53.53 -6.68 11.73
N LYS B 126 53.88 -5.50 12.21
CA LYS B 126 54.97 -4.72 11.60
C LYS B 126 56.30 -5.50 11.57
N ASN B 127 56.70 -6.08 12.70
CA ASN B 127 57.93 -6.86 12.76
C ASN B 127 57.88 -8.12 11.88
N ASN B 128 56.71 -8.37 11.30
CA ASN B 128 56.59 -9.48 10.36
C ASN B 128 56.25 -8.98 8.96
N GLY B 129 56.50 -7.69 8.72
CA GLY B 129 56.43 -7.14 7.38
C GLY B 129 55.04 -6.75 6.89
N VAL B 130 54.11 -6.53 7.81
CA VAL B 130 52.75 -6.11 7.47
C VAL B 130 52.46 -4.82 8.20
N ASN B 131 52.41 -3.71 7.48
CA ASN B 131 51.99 -2.45 8.12
C ASN B 131 50.47 -2.38 8.14
N LEU B 132 49.91 -2.64 9.32
CA LEU B 132 48.47 -2.76 9.50
C LEU B 132 47.79 -1.41 9.28
N TYR B 133 46.84 -1.40 8.35
CA TYR B 133 46.16 -0.18 7.96
C TYR B 133 45.21 0.33 9.06
N ALA B 134 44.50 -0.57 9.72
CA ALA B 134 43.59 -0.19 10.80
C ALA B 134 43.36 -1.32 11.78
N ILE B 135 42.79 -0.94 12.92
CA ILE B 135 42.48 -1.89 13.97
C ILE B 135 41.18 -1.46 14.64
N SER B 136 40.31 -2.43 14.91
CA SER B 136 39.01 -2.14 15.50
C SER B 136 39.09 -2.23 17.04
N VAL B 137 38.21 -1.51 17.73
CA VAL B 137 38.08 -1.60 19.20
C VAL B 137 37.48 -2.95 19.61
N GLN B 138 36.45 -3.38 18.87
CA GLN B 138 35.67 -4.56 19.21
C GLN B 138 34.76 -4.97 18.05
N ASN B 139 34.87 -6.24 17.67
CA ASN B 139 33.88 -6.86 16.81
C ASN B 139 32.51 -6.94 17.53
N GLU B 140 31.47 -6.38 16.91
CA GLU B 140 30.07 -6.56 17.37
C GLU B 140 29.90 -6.48 18.89
N PRO B 141 30.21 -5.30 19.47
CA PRO B 141 30.04 -5.10 20.90
C PRO B 141 28.57 -5.16 21.31
N ASP B 142 27.65 -5.08 20.35
CA ASP B 142 26.22 -5.07 20.67
C ASP B 142 25.55 -6.40 20.33
N TYR B 143 26.35 -7.45 20.15
CA TYR B 143 25.88 -8.76 19.78
C TYR B 143 26.92 -9.75 20.27
N ALA B 144 27.17 -9.72 21.58
CA ALA B 144 28.34 -10.39 22.14
C ALA B 144 27.96 -11.55 23.03
N HIS B 145 26.92 -12.27 22.64
CA HIS B 145 26.49 -13.49 23.31
C HIS B 145 27.66 -14.49 23.46
N GLU B 146 28.48 -14.58 22.43
CA GLU B 146 29.61 -15.52 22.48
C GLU B 146 30.96 -14.83 22.64
N TRP B 147 30.96 -13.56 23.03
CA TRP B 147 32.20 -12.80 23.25
C TRP B 147 32.03 -11.66 24.23
N THR B 148 32.61 -10.48 23.94
CA THR B 148 32.68 -9.39 24.91
C THR B 148 31.78 -8.20 24.56
N TRP B 149 30.86 -7.87 25.48
CA TRP B 149 29.87 -6.80 25.32
C TRP B 149 30.48 -5.44 25.63
N TRP B 150 30.09 -4.42 24.87
CA TRP B 150 30.30 -3.03 25.28
C TRP B 150 29.05 -2.20 25.02
N THR B 151 28.68 -1.36 25.97
CA THR B 151 27.60 -0.38 25.76
C THR B 151 28.05 0.80 24.89
N PRO B 152 27.08 1.53 24.33
CA PRO B 152 27.45 2.80 23.68
C PRO B 152 28.36 3.69 24.54
N GLN B 153 28.10 3.81 25.84
CA GLN B 153 28.92 4.73 26.68
C GLN B 153 30.30 4.15 26.99
N GLU B 154 30.37 2.83 27.12
CA GLU B 154 31.64 2.15 27.26
C GLU B 154 32.54 2.37 26.03
N ILE B 155 31.97 2.21 24.83
CA ILE B 155 32.70 2.47 23.58
C ILE B 155 33.19 3.92 23.59
N LEU B 156 32.28 4.85 23.89
CA LEU B 156 32.60 6.27 24.00
C LEU B 156 33.80 6.56 24.91
N ARG B 157 33.79 5.99 26.11
CA ARG B 157 34.87 6.21 27.08
C ARG B 157 36.21 5.78 26.49
N PHE B 158 36.28 4.56 25.95
CA PHE B 158 37.53 4.09 25.32
C PHE B 158 38.00 5.02 24.19
N MET B 159 37.05 5.55 23.40
CA MET B 159 37.36 6.37 22.25
C MET B 159 37.89 7.73 22.66
N ARG B 160 37.29 8.29 23.71
CA ARG B 160 37.71 9.57 24.24
C ARG B 160 39.07 9.49 24.87
N GLU B 161 39.35 8.40 25.58
CA GLU B 161 40.46 8.33 26.54
C GLU B 161 41.62 7.40 26.19
N ASN B 162 41.40 6.45 25.28
CA ASN B 162 42.44 5.46 24.99
C ASN B 162 42.76 5.32 23.51
N ALA B 163 41.75 5.53 22.66
CA ALA B 163 41.90 5.26 21.23
C ALA B 163 42.97 6.15 20.59
N GLY B 164 43.21 7.31 21.20
CA GLY B 164 44.20 8.29 20.72
C GLY B 164 45.60 7.73 20.78
N SER B 165 45.82 6.78 21.68
CA SER B 165 47.11 6.17 21.90
C SER B 165 47.39 5.00 20.96
N ILE B 166 46.51 4.74 20.00
CA ILE B 166 46.67 3.55 19.14
C ILE B 166 47.41 3.93 17.86
N ASN B 167 48.40 3.11 17.48
CA ASN B 167 49.31 3.41 16.37
C ASN B 167 48.86 2.84 15.03
N ALA B 168 47.57 2.87 14.80
CA ALA B 168 47.02 2.56 13.49
C ALA B 168 45.75 3.37 13.44
N ARG B 169 45.15 3.45 12.26
CA ARG B 169 43.84 4.05 12.14
C ARG B 169 42.88 3.25 13.00
N VAL B 170 41.95 3.94 13.65
CA VAL B 170 41.02 3.29 14.55
C VAL B 170 39.65 3.12 13.90
N ILE B 171 39.18 1.87 13.86
CA ILE B 171 37.82 1.56 13.42
C ILE B 171 36.93 1.36 14.64
N ALA B 172 35.76 1.99 14.63
CA ALA B 172 34.73 1.78 15.63
C ALA B 172 33.37 2.11 15.02
N PRO B 173 32.25 1.58 15.55
CA PRO B 173 32.13 0.58 16.61
C PRO B 173 31.86 -0.86 16.17
N GLU B 174 31.67 -1.10 14.88
CA GLU B 174 31.31 -2.42 14.33
C GLU B 174 30.01 -3.03 14.90
N SER B 175 28.95 -2.23 14.98
CA SER B 175 27.62 -2.78 15.26
C SER B 175 27.30 -3.95 14.33
N PHE B 176 26.67 -4.98 14.88
CA PHE B 176 26.33 -6.15 14.08
C PHE B 176 25.33 -5.82 12.96
N GLN B 177 24.60 -4.72 13.12
CA GLN B 177 23.45 -4.39 12.25
C GLN B 177 23.31 -2.91 11.87
N TYR B 178 24.36 -2.11 12.10
CA TYR B 178 24.36 -0.66 11.81
C TYR B 178 23.34 0.08 12.66
N LEU B 179 23.29 -0.29 13.93
CA LEU B 179 22.44 0.37 14.92
C LEU B 179 23.12 1.67 15.30
N LYS B 180 22.44 2.76 15.02
CA LYS B 180 23.02 4.10 15.14
C LYS B 180 23.27 4.46 16.61
N ASN B 181 22.50 3.88 17.53
CA ASN B 181 22.70 4.15 18.96
C ASN B 181 24.16 3.90 19.39
N LEU B 182 24.81 2.94 18.75
CA LEU B 182 26.19 2.58 19.10
C LEU B 182 27.24 3.59 18.60
N SER B 183 26.94 4.28 17.49
CA SER B 183 27.89 5.20 16.91
C SER B 183 27.53 6.69 17.07
N ASP B 184 26.26 7.00 17.36
CA ASP B 184 25.84 8.40 17.55
C ASP B 184 26.66 9.15 18.63
N PRO B 185 26.96 8.48 19.77
CA PRO B 185 27.75 9.17 20.80
C PRO B 185 29.16 9.58 20.35
N ILE B 186 29.84 8.72 19.57
CA ILE B 186 31.16 9.07 19.07
C ILE B 186 31.05 10.31 18.21
N LEU B 187 30.14 10.27 17.23
CA LEU B 187 29.88 11.35 16.30
C LEU B 187 29.50 12.68 16.98
N ASN B 188 28.81 12.61 18.11
CA ASN B 188 28.41 13.81 18.85
C ASN B 188 29.44 14.28 19.88
N ASP B 189 30.56 13.58 19.99
CA ASP B 189 31.60 13.94 20.96
C ASP B 189 32.93 14.23 20.26
N PRO B 190 33.27 15.54 20.13
CA PRO B 190 34.43 16.05 19.42
C PRO B 190 35.76 15.31 19.70
N GLN B 191 36.01 15.01 20.96
CA GLN B 191 37.22 14.31 21.38
C GLN B 191 37.24 12.86 20.86
N ALA B 192 36.14 12.15 21.06
CA ALA B 192 36.01 10.78 20.57
C ALA B 192 36.09 10.72 19.05
N LEU B 193 35.35 11.61 18.39
CA LEU B 193 35.33 11.69 16.93
C LEU B 193 36.74 11.90 16.36
N ALA B 194 37.51 12.79 16.98
CA ALA B 194 38.90 13.05 16.61
C ALA B 194 39.78 11.79 16.64
N ASN B 195 39.52 10.88 17.56
CA ASN B 195 40.28 9.63 17.70
C ASN B 195 39.77 8.45 16.84
N MET B 196 38.66 8.67 16.14
CA MET B 196 38.11 7.66 15.24
C MET B 196 38.50 7.99 13.81
N ASP B 197 39.06 7.02 13.11
CA ASP B 197 39.42 7.24 11.71
C ASP B 197 38.40 6.61 10.75
N ILE B 198 37.89 5.44 11.11
CA ILE B 198 36.95 4.73 10.26
C ILE B 198 35.70 4.40 11.07
N LEU B 199 34.56 4.90 10.62
CA LEU B 199 33.31 4.39 11.17
C LEU B 199 33.05 3.03 10.50
N GLY B 200 33.05 1.99 11.32
CA GLY B 200 32.85 0.64 10.80
C GLY B 200 31.54 0.02 11.27
N THR B 201 30.88 -0.70 10.36
CA THR B 201 29.70 -1.46 10.72
C THR B 201 29.56 -2.79 9.99
N HIS B 202 28.70 -3.66 10.51
CA HIS B 202 28.27 -4.84 9.78
C HIS B 202 26.83 -4.58 9.39
N LEU B 203 26.29 -5.46 8.56
CA LEU B 203 24.98 -5.25 7.98
C LEU B 203 24.04 -6.46 8.15
N TYR B 204 24.23 -7.26 9.19
CA TYR B 204 23.39 -8.47 9.36
C TYR B 204 21.95 -8.12 9.71
N GLY B 205 21.05 -8.39 8.76
CA GLY B 205 19.62 -8.08 8.87
C GLY B 205 19.34 -6.59 8.83
N THR B 206 20.29 -5.79 8.37
CA THR B 206 20.06 -4.37 8.16
C THR B 206 19.19 -4.16 6.92
N GLN B 207 18.05 -3.53 7.13
CA GLN B 207 17.15 -3.08 6.10
C GLN B 207 17.78 -1.95 5.26
N VAL B 208 17.46 -1.91 3.96
CA VAL B 208 18.03 -0.88 3.08
C VAL B 208 17.73 0.57 3.51
N SER B 209 16.54 0.81 4.05
CA SER B 209 16.19 2.16 4.48
C SER B 209 17.05 2.63 5.64
N GLN B 210 17.71 1.68 6.32
CA GLN B 210 18.67 1.99 7.38
C GLN B 210 20.13 2.17 6.90
N PHE B 211 20.39 2.06 5.60
CA PHE B 211 21.77 2.25 5.09
C PHE B 211 22.24 3.72 5.15
N PRO B 212 21.35 4.70 4.84
CA PRO B 212 21.84 6.08 4.98
C PRO B 212 22.09 6.42 6.44
N TYR B 213 22.99 7.37 6.69
CA TYR B 213 23.30 7.80 8.04
C TYR B 213 23.46 9.33 8.05
N PRO B 214 22.33 10.08 8.19
CA PRO B 214 22.38 11.54 8.18
C PRO B 214 23.39 12.18 9.15
N LEU B 215 23.42 11.72 10.40
CA LEU B 215 24.38 12.25 11.37
C LEU B 215 25.84 12.17 10.91
N PHE B 216 26.22 11.07 10.27
CA PHE B 216 27.56 10.91 9.69
C PHE B 216 27.81 11.86 8.51
N LYS B 217 26.76 12.18 7.76
CA LYS B 217 26.86 13.14 6.67
C LYS B 217 27.03 14.59 7.17
N GLN B 218 26.43 14.89 8.32
CA GLN B 218 26.58 16.18 8.97
C GLN B 218 27.89 16.31 9.78
N LYS B 219 28.27 15.27 10.52
CA LYS B 219 29.43 15.33 11.44
C LYS B 219 30.68 14.56 11.00
N GLY B 220 30.58 13.78 9.93
CA GLY B 220 31.63 12.81 9.59
C GLY B 220 32.73 13.19 8.62
N ALA B 221 32.90 14.48 8.36
CA ALA B 221 33.87 14.97 7.38
C ALA B 221 35.30 14.56 7.73
N GLY B 222 36.00 14.02 6.73
CA GLY B 222 37.39 13.58 6.91
C GLY B 222 37.48 12.20 7.53
N LYS B 223 36.35 11.53 7.68
CA LYS B 223 36.30 10.19 8.26
C LYS B 223 35.83 9.18 7.21
N ASP B 224 36.37 7.97 7.29
CA ASP B 224 36.02 6.86 6.40
C ASP B 224 34.79 6.13 6.92
N LEU B 225 34.08 5.48 6.00
CA LEU B 225 32.90 4.68 6.31
C LEU B 225 33.06 3.30 5.66
N TRP B 226 33.22 2.28 6.49
CA TRP B 226 33.51 0.91 6.05
C TRP B 226 32.47 -0.12 6.52
N MET B 227 32.18 -1.06 5.63
CA MET B 227 31.37 -2.22 5.96
C MET B 227 32.30 -3.42 6.09
N THR B 228 32.59 -3.77 7.34
CA THR B 228 33.72 -4.61 7.70
C THR B 228 33.42 -6.10 7.80
N GLU B 229 32.15 -6.46 7.72
CA GLU B 229 31.76 -7.88 7.73
C GLU B 229 30.31 -8.12 7.32
N VAL B 230 30.12 -9.07 6.41
CA VAL B 230 28.79 -9.56 6.14
C VAL B 230 28.91 -10.87 5.37
N TYR B 231 27.87 -11.70 5.45
CA TYR B 231 27.55 -12.66 4.39
C TYR B 231 26.11 -12.38 4.03
N TYR B 232 25.76 -12.60 2.77
CA TYR B 232 24.44 -12.27 2.28
C TYR B 232 24.25 -13.06 1.01
N PRO B 233 23.04 -13.60 0.77
CA PRO B 233 21.79 -13.47 1.53
C PRO B 233 21.67 -14.42 2.71
N ASN B 234 22.54 -15.41 2.79
CA ASN B 234 22.50 -16.45 3.83
C ASN B 234 23.86 -17.15 3.92
N SER B 235 24.04 -17.95 4.99
CA SER B 235 25.16 -18.88 5.11
C SER B 235 24.80 -20.35 4.88
N ASP B 236 23.79 -20.64 4.06
CA ASP B 236 23.39 -22.02 3.72
C ASP B 236 24.59 -22.82 3.21
N THR B 237 24.68 -24.07 3.65
CA THR B 237 25.79 -24.95 3.29
C THR B 237 25.72 -25.25 1.80
N ASN B 238 26.88 -25.19 1.15
CA ASN B 238 27.01 -25.40 -0.31
C ASN B 238 26.12 -24.53 -1.20
N SER B 239 25.89 -23.28 -0.76
CA SER B 239 25.03 -22.37 -1.49
C SER B 239 25.76 -21.44 -2.45
N ALA B 240 27.09 -21.38 -2.35
CA ALA B 240 27.87 -20.38 -3.08
C ALA B 240 27.69 -20.39 -4.60
N ASP B 241 27.30 -21.53 -5.16
CA ASP B 241 27.04 -21.68 -6.60
C ASP B 241 25.57 -21.55 -7.03
N ARG B 242 24.65 -21.38 -6.07
CA ARG B 242 23.21 -21.24 -6.41
C ARG B 242 22.92 -20.03 -7.27
N TRP B 243 22.15 -20.25 -8.32
CA TRP B 243 21.84 -19.19 -9.26
C TRP B 243 20.35 -19.24 -9.60
N PRO B 244 19.64 -18.08 -9.55
CA PRO B 244 20.15 -16.69 -9.44
C PRO B 244 20.36 -16.14 -8.02
N GLU B 245 20.28 -16.97 -6.99
CA GLU B 245 20.55 -16.46 -5.65
C GLU B 245 21.87 -15.64 -5.50
N ALA B 246 22.94 -16.01 -6.21
CA ALA B 246 24.24 -15.34 -6.06
C ALA B 246 24.22 -13.86 -6.47
N LEU B 247 23.37 -13.51 -7.44
CA LEU B 247 23.08 -12.11 -7.79
C LEU B 247 22.70 -11.19 -6.61
N ASP B 248 22.18 -11.80 -5.54
CA ASP B 248 21.92 -11.05 -4.30
C ASP B 248 23.19 -10.42 -3.72
N VAL B 249 24.33 -11.06 -3.99
CA VAL B 249 25.61 -10.54 -3.51
C VAL B 249 25.94 -9.22 -4.19
N SER B 250 25.83 -9.16 -5.50
CA SER B 250 26.09 -7.93 -6.24
CA SER B 250 26.13 -7.92 -6.19
C SER B 250 25.10 -6.82 -5.88
N GLN B 251 23.84 -7.22 -5.69
CA GLN B 251 22.83 -6.21 -5.43
C GLN B 251 23.00 -5.69 -4.01
N HIS B 252 23.58 -6.50 -3.13
CA HIS B 252 23.89 -6.05 -1.78
C HIS B 252 25.10 -5.09 -1.75
N ILE B 253 26.12 -5.38 -2.56
CA ILE B 253 27.24 -4.47 -2.76
C ILE B 253 26.74 -3.16 -3.37
N HIS B 254 25.85 -3.26 -4.35
CA HIS B 254 25.23 -2.08 -4.92
C HIS B 254 24.58 -1.18 -3.86
N ASN B 255 23.73 -1.74 -3.02
CA ASN B 255 23.05 -0.95 -2.01
C ASN B 255 24.02 -0.34 -1.00
N ALA B 256 24.98 -1.14 -0.55
CA ALA B 256 26.06 -0.63 0.28
C ALA B 256 26.81 0.57 -0.37
N MET B 257 27.16 0.46 -1.66
CA MET B 257 27.90 1.54 -2.36
C MET B 257 27.03 2.78 -2.55
N VAL B 258 25.77 2.54 -2.91
CA VAL B 258 24.87 3.58 -3.39
C VAL B 258 23.99 4.20 -2.30
N GLU B 259 23.39 3.40 -1.44
CA GLU B 259 22.55 3.92 -0.35
C GLU B 259 23.38 4.12 0.92
N GLY B 260 24.40 3.29 1.12
CA GLY B 260 25.25 3.40 2.29
C GLY B 260 26.40 4.40 2.14
N ASP B 261 26.84 4.63 0.90
CA ASP B 261 28.08 5.40 0.66
C ASP B 261 29.33 4.77 1.33
N PHE B 262 29.33 3.43 1.41
CA PHE B 262 30.47 2.70 1.97
C PHE B 262 31.69 2.74 1.06
N GLN B 263 32.86 2.82 1.68
CA GLN B 263 34.11 2.90 0.94
C GLN B 263 34.85 1.57 0.90
N ALA B 264 34.35 0.61 1.64
CA ALA B 264 34.96 -0.71 1.74
C ALA B 264 33.84 -1.70 1.98
N TYR B 265 33.95 -2.87 1.37
CA TYR B 265 32.98 -3.92 1.56
C TYR B 265 33.72 -5.24 1.73
N VAL B 266 33.61 -5.77 2.94
CA VAL B 266 34.37 -6.90 3.39
C VAL B 266 33.43 -8.05 3.78
N TRP B 267 33.56 -9.17 3.07
CA TRP B 267 32.83 -10.40 3.37
C TRP B 267 33.42 -11.01 4.63
N TRP B 268 32.68 -11.96 5.20
CA TRP B 268 33.17 -12.86 6.25
C TRP B 268 34.19 -13.82 5.58
N TYR B 269 34.27 -15.08 6.03
CA TYR B 269 35.27 -16.04 5.51
C TYR B 269 35.39 -16.07 4.00
N ILE B 270 36.61 -15.83 3.51
CA ILE B 270 36.88 -15.85 2.07
C ILE B 270 36.58 -17.26 1.54
N ARG B 271 37.07 -18.26 2.26
CA ARG B 271 36.93 -19.66 1.83
C ARG B 271 35.91 -20.38 2.68
N ARG B 272 34.81 -20.77 2.07
CA ARG B 272 33.70 -21.41 2.78
C ARG B 272 32.64 -21.81 1.79
N SER B 273 31.82 -22.78 2.19
CA SER B 273 30.84 -23.41 1.28
C SER B 273 29.73 -22.45 0.83
N TYR B 274 29.59 -21.31 1.54
CA TYR B 274 28.69 -20.23 1.11
C TYR B 274 29.45 -18.92 0.77
N GLY B 275 30.78 -19.00 0.60
CA GLY B 275 31.66 -17.84 0.43
C GLY B 275 32.10 -17.53 -0.99
N PRO B 276 32.91 -16.46 -1.17
CA PRO B 276 33.41 -16.13 -2.52
C PRO B 276 34.33 -17.22 -3.09
N MET B 277 35.05 -17.92 -2.22
CA MET B 277 35.86 -19.04 -2.63
C MET B 277 35.32 -20.33 -2.02
N LYS B 278 35.16 -21.36 -2.85
CA LYS B 278 34.68 -22.65 -2.36
C LYS B 278 35.79 -23.41 -1.63
N GLU B 279 35.39 -24.46 -0.90
CA GLU B 279 36.34 -25.31 -0.20
C GLU B 279 37.37 -25.98 -1.12
N ASP B 280 37.01 -26.22 -2.38
CA ASP B 280 37.99 -26.80 -3.32
C ASP B 280 38.97 -25.75 -3.85
N GLY B 281 38.89 -24.54 -3.29
CA GLY B 281 39.76 -23.43 -3.71
C GLY B 281 39.31 -22.72 -4.98
N THR B 282 38.13 -23.06 -5.49
CA THR B 282 37.70 -22.42 -6.74
C THR B 282 36.75 -21.24 -6.44
N ILE B 283 36.61 -20.33 -7.40
CA ILE B 283 35.75 -19.17 -7.22
C ILE B 283 34.28 -19.58 -7.41
N SER B 284 33.46 -19.27 -6.42
CA SER B 284 32.00 -19.48 -6.49
C SER B 284 31.26 -18.44 -7.34
N LYS B 285 29.98 -18.70 -7.58
CA LYS B 285 29.10 -17.70 -8.21
C LYS B 285 28.99 -16.41 -7.38
N ARG B 286 28.98 -16.54 -6.06
CA ARG B 286 29.05 -15.39 -5.15
C ARG B 286 30.37 -14.62 -5.29
N GLY B 287 31.46 -15.37 -5.46
CA GLY B 287 32.79 -14.77 -5.66
C GLY B 287 32.83 -13.97 -6.93
N TYR B 288 32.30 -14.51 -8.02
CA TYR B 288 32.19 -13.72 -9.27
C TYR B 288 31.36 -12.44 -9.16
N ASN B 289 30.28 -12.48 -8.40
CA ASN B 289 29.50 -11.28 -8.15
C ASN B 289 30.33 -10.23 -7.43
N MET B 290 31.12 -10.62 -6.43
CA MET B 290 32.02 -9.68 -5.77
C MET B 290 33.08 -9.13 -6.76
N ALA B 291 33.56 -10.02 -7.62
CA ALA B 291 34.62 -9.73 -8.59
C ALA B 291 34.20 -8.67 -9.58
N HIS B 292 32.91 -8.63 -9.89
CA HIS B 292 32.39 -7.61 -10.78
C HIS B 292 32.66 -6.20 -10.24
N PHE B 293 32.86 -6.10 -8.94
CA PHE B 293 33.32 -4.87 -8.30
C PHE B 293 34.83 -4.93 -8.00
N SER B 294 35.29 -5.98 -7.35
CA SER B 294 36.64 -5.96 -6.77
C SER B 294 37.76 -5.91 -7.84
N LYS B 295 37.51 -6.53 -8.99
CA LYS B 295 38.51 -6.58 -10.05
C LYS B 295 38.59 -5.27 -10.86
N PHE B 296 37.57 -4.44 -10.74
CA PHE B 296 37.46 -3.29 -11.62
C PHE B 296 37.45 -2.00 -10.85
N VAL B 297 36.88 -2.02 -9.66
CA VAL B 297 36.81 -0.82 -8.85
C VAL B 297 37.96 -0.88 -7.87
N ARG B 298 39.10 -0.37 -8.33
CA ARG B 298 40.34 -0.48 -7.62
C ARG B 298 40.38 0.60 -6.54
N PRO B 299 41.21 0.39 -5.51
CA PRO B 299 41.36 1.42 -4.46
C PRO B 299 41.74 2.76 -5.10
N GLY B 300 41.06 3.84 -4.72
CA GLY B 300 41.35 5.17 -5.30
C GLY B 300 40.32 5.63 -6.32
N TYR B 301 39.62 4.67 -6.92
CA TYR B 301 38.47 5.02 -7.76
C TYR B 301 37.46 5.78 -6.91
N VAL B 302 36.63 6.58 -7.56
CA VAL B 302 35.62 7.33 -6.84
C VAL B 302 34.27 6.99 -7.42
N ARG B 303 33.30 6.74 -6.54
CA ARG B 303 31.95 6.52 -7.05
C ARG B 303 31.38 7.81 -7.58
N ILE B 304 30.63 7.72 -8.68
CA ILE B 304 29.96 8.86 -9.27
C ILE B 304 28.43 8.65 -9.36
N ASP B 305 27.69 9.75 -9.36
CA ASP B 305 26.25 9.74 -9.49
C ASP B 305 25.83 8.99 -10.76
N ALA B 306 24.85 8.11 -10.62
CA ALA B 306 24.28 7.38 -11.76
C ALA B 306 22.91 6.88 -11.35
N THR B 307 21.96 6.95 -12.28
CA THR B 307 20.63 6.37 -12.10
C THR B 307 20.75 4.95 -11.53
N LYS B 308 20.33 4.80 -10.28
CA LYS B 308 20.60 3.60 -9.53
C LYS B 308 19.70 2.42 -9.85
N ASN B 309 18.47 2.69 -10.29
CA ASN B 309 17.42 1.66 -10.39
C ASN B 309 16.52 2.00 -11.57
N PRO B 310 17.10 1.99 -12.80
CA PRO B 310 16.42 2.56 -13.96
C PRO B 310 15.22 1.77 -14.44
N ASN B 311 15.14 0.51 -14.06
CA ASN B 311 14.04 -0.36 -14.40
C ASN B 311 13.87 -1.31 -13.22
N ALA B 312 12.69 -1.92 -13.11
CA ALA B 312 12.44 -2.92 -12.10
C ALA B 312 13.51 -4.02 -12.17
N ASN B 313 14.14 -4.29 -11.02
CA ASN B 313 15.13 -5.38 -10.88
C ASN B 313 16.46 -5.13 -11.59
N VAL B 314 16.68 -3.90 -12.03
CA VAL B 314 17.93 -3.49 -12.67
C VAL B 314 18.55 -2.47 -11.77
N TYR B 315 19.77 -2.77 -11.33
CA TYR B 315 20.50 -1.93 -10.38
C TYR B 315 21.83 -1.52 -10.97
N VAL B 316 22.11 -0.22 -10.95
CA VAL B 316 23.25 0.36 -11.62
C VAL B 316 24.08 1.28 -10.71
N SER B 317 25.40 1.10 -10.70
CA SER B 317 26.29 2.02 -9.97
C SER B 317 27.51 2.34 -10.85
N ALA B 318 28.19 3.45 -10.60
CA ALA B 318 29.31 3.83 -11.49
C ALA B 318 30.51 4.42 -10.77
N TYR B 319 31.68 4.27 -11.36
CA TYR B 319 32.94 4.64 -10.70
C TYR B 319 33.94 5.22 -11.72
N LYS B 320 34.77 6.17 -11.30
CA LYS B 320 35.83 6.65 -12.19
C LYS B 320 37.21 6.58 -11.55
N GLY B 321 38.18 6.23 -12.37
CA GLY B 321 39.56 6.15 -11.94
C GLY B 321 40.38 5.73 -13.14
N ASP B 322 41.68 6.02 -13.07
CA ASP B 322 42.64 5.67 -14.14
C ASP B 322 42.10 6.00 -15.54
N ASN B 323 41.52 7.20 -15.70
CA ASN B 323 40.92 7.64 -16.98
C ASN B 323 39.74 6.82 -17.54
N LYS B 324 39.14 5.99 -16.70
CA LYS B 324 38.03 5.14 -17.13
C LYS B 324 36.80 5.42 -16.29
N VAL B 325 35.65 5.01 -16.80
CA VAL B 325 34.43 4.91 -16.02
C VAL B 325 34.07 3.43 -16.02
N VAL B 326 33.86 2.91 -14.81
CA VAL B 326 33.38 1.56 -14.57
C VAL B 326 31.89 1.62 -14.19
N ILE B 327 31.04 0.87 -14.89
CA ILE B 327 29.61 0.81 -14.62
C ILE B 327 29.21 -0.65 -14.29
N VAL B 328 28.68 -0.89 -13.09
CA VAL B 328 28.16 -2.22 -12.75
C VAL B 328 26.61 -2.30 -12.86
N ALA B 329 26.13 -3.12 -13.77
CA ALA B 329 24.71 -3.21 -14.10
C ALA B 329 24.18 -4.63 -13.84
N ILE B 330 23.28 -4.71 -12.86
CA ILE B 330 22.73 -5.97 -12.38
C ILE B 330 21.31 -6.14 -12.88
N ASN B 331 21.06 -7.22 -13.61
CA ASN B 331 19.69 -7.50 -14.04
C ASN B 331 19.18 -8.72 -13.31
N LYS B 332 18.33 -8.48 -12.33
CA LYS B 332 17.79 -9.57 -11.51
C LYS B 332 16.54 -10.25 -12.05
N SER B 333 15.99 -9.80 -13.17
CA SER B 333 14.78 -10.45 -13.66
C SER B 333 15.13 -11.53 -14.68
N ASN B 334 14.12 -12.31 -15.06
CA ASN B 334 14.28 -13.34 -16.08
C ASN B 334 13.94 -12.89 -17.50
N THR B 335 13.93 -11.59 -17.79
CA THR B 335 13.98 -11.11 -19.19
C THR B 335 15.20 -10.28 -19.47
N GLY B 336 15.64 -10.28 -20.73
CA GLY B 336 16.63 -9.34 -21.19
C GLY B 336 16.06 -7.94 -21.08
N VAL B 337 16.90 -6.96 -20.76
CA VAL B 337 16.46 -5.57 -20.81
C VAL B 337 17.46 -4.79 -21.66
N ASN B 338 16.93 -3.92 -22.52
CA ASN B 338 17.78 -3.01 -23.24
C ASN B 338 17.87 -1.77 -22.39
N GLN B 339 19.09 -1.28 -22.24
CA GLN B 339 19.32 -0.19 -21.34
C GLN B 339 20.23 0.83 -22.02
N ASN B 340 19.84 2.09 -21.93
CA ASN B 340 20.59 3.15 -22.56
C ASN B 340 21.39 3.84 -21.48
N PHE B 341 22.67 4.05 -21.75
CA PHE B 341 23.56 4.70 -20.78
C PHE B 341 24.03 6.02 -21.35
N VAL B 342 23.69 7.12 -20.69
CA VAL B 342 24.07 8.46 -21.13
C VAL B 342 25.17 9.03 -20.23
N LEU B 343 26.28 9.43 -20.84
CA LEU B 343 27.38 10.05 -20.11
C LEU B 343 27.23 11.57 -20.07
N GLN B 344 27.13 12.14 -18.88
CA GLN B 344 27.16 13.61 -18.69
C GLN B 344 28.50 14.11 -18.14
N ASN B 345 28.89 15.31 -18.57
CA ASN B 345 30.12 15.99 -18.14
C ASN B 345 31.39 15.20 -18.48
N GLY B 346 31.38 14.56 -19.64
CA GLY B 346 32.47 13.71 -20.09
C GLY B 346 32.11 13.01 -21.40
N SER B 347 33.10 12.84 -22.26
CA SER B 347 32.95 12.05 -23.48
C SER B 347 33.73 10.75 -23.30
N ALA B 348 33.62 9.86 -24.28
CA ALA B 348 34.16 8.52 -24.16
C ALA B 348 34.10 7.83 -25.50
N SER B 349 34.97 6.84 -25.71
CA SER B 349 34.98 6.08 -26.95
C SER B 349 34.71 4.59 -26.74
N ASN B 350 35.75 3.76 -26.59
CA ASN B 350 35.53 2.32 -26.44
C ASN B 350 34.73 1.94 -25.18
N VAL B 351 33.96 0.87 -25.27
CA VAL B 351 33.27 0.32 -24.12
C VAL B 351 33.50 -1.18 -24.10
N SER B 352 34.13 -1.64 -23.03
CA SER B 352 34.28 -3.08 -22.81
C SER B 352 33.26 -3.56 -21.79
N ARG B 353 32.90 -4.84 -21.87
CA ARG B 353 31.99 -5.44 -20.92
C ARG B 353 32.32 -6.89 -20.58
N TRP B 354 31.97 -7.25 -19.36
CA TRP B 354 32.19 -8.56 -18.81
C TRP B 354 30.88 -9.00 -18.17
N ILE B 355 30.44 -10.23 -18.48
CA ILE B 355 29.13 -10.72 -18.05
C ILE B 355 29.22 -12.04 -17.30
N THR B 356 28.66 -12.07 -16.10
CA THR B 356 28.46 -13.31 -15.35
C THR B 356 26.99 -13.68 -15.34
N SER B 357 26.71 -14.95 -15.62
CA SER B 357 25.34 -15.48 -15.65
C SER B 357 25.34 -16.90 -15.12
N SER B 358 24.22 -17.60 -15.22
CA SER B 358 24.13 -19.00 -14.71
C SER B 358 25.15 -19.88 -15.38
N SER B 359 25.45 -19.56 -16.63
CA SER B 359 26.13 -20.46 -17.51
C SER B 359 27.63 -20.16 -17.76
N SER B 360 28.09 -18.93 -17.48
CA SER B 360 29.53 -18.62 -17.52
C SER B 360 29.91 -17.42 -16.65
N ASN B 361 31.20 -17.24 -16.42
CA ASN B 361 31.66 -16.20 -15.51
C ASN B 361 32.57 -15.19 -16.13
N LEU B 362 32.28 -13.91 -15.90
CA LEU B 362 33.14 -12.82 -16.33
C LEU B 362 33.57 -13.03 -17.78
N GLN B 363 32.57 -13.25 -18.64
CA GLN B 363 32.79 -13.50 -20.05
C GLN B 363 32.87 -12.17 -20.79
N PRO B 364 33.97 -11.92 -21.53
CA PRO B 364 34.09 -10.66 -22.25
C PRO B 364 33.09 -10.57 -23.40
N GLY B 365 32.41 -9.44 -23.51
CA GLY B 365 31.50 -9.20 -24.64
C GLY B 365 32.27 -8.54 -25.77
N THR B 366 31.60 -8.27 -26.90
CA THR B 366 32.21 -7.51 -28.00
C THR B 366 32.20 -6.03 -27.62
N ASN B 367 33.24 -5.30 -28.01
CA ASN B 367 33.39 -3.91 -27.65
C ASN B 367 32.35 -3.01 -28.32
N LEU B 368 31.57 -2.31 -27.49
CA LEU B 368 30.58 -1.31 -27.96
C LEU B 368 31.32 -0.02 -28.28
N THR B 369 30.56 0.97 -28.74
CA THR B 369 31.12 2.29 -29.02
C THR B 369 30.16 3.39 -28.59
N VAL B 370 30.71 4.45 -28.01
CA VAL B 370 29.92 5.59 -27.60
C VAL B 370 29.56 6.43 -28.84
N SER B 371 28.26 6.62 -29.03
CA SER B 371 27.74 7.49 -30.07
C SER B 371 27.15 8.73 -29.40
N GLY B 372 27.67 9.90 -29.74
CA GLY B 372 27.38 11.11 -28.98
C GLY B 372 27.85 10.87 -27.55
N ASN B 373 26.92 10.95 -26.61
CA ASN B 373 27.24 10.79 -25.20
C ASN B 373 26.66 9.49 -24.61
N HIS B 374 26.34 8.52 -25.47
CA HIS B 374 25.56 7.37 -25.03
C HIS B 374 25.85 6.05 -25.74
N PHE B 375 25.44 4.96 -25.09
CA PHE B 375 25.43 3.65 -25.72
C PHE B 375 24.31 2.75 -25.20
N TRP B 376 23.69 2.02 -26.11
CA TRP B 376 22.72 1.01 -25.74
C TRP B 376 23.46 -0.30 -25.46
N ALA B 377 23.05 -0.99 -24.41
CA ALA B 377 23.53 -2.33 -24.19
C ALA B 377 22.39 -3.23 -23.71
N HIS B 378 22.42 -4.48 -24.16
CA HIS B 378 21.50 -5.49 -23.70
C HIS B 378 22.01 -6.13 -22.41
N LEU B 379 21.14 -6.18 -21.38
CA LEU B 379 21.48 -6.85 -20.13
C LEU B 379 20.69 -8.13 -20.08
N PRO B 380 21.38 -9.29 -20.20
CA PRO B 380 20.71 -10.57 -20.28
C PRO B 380 20.01 -10.93 -18.98
N ALA B 381 18.96 -11.74 -19.09
CA ALA B 381 18.23 -12.24 -17.93
C ALA B 381 19.21 -12.74 -16.87
N GLN B 382 18.97 -12.35 -15.61
CA GLN B 382 19.69 -12.91 -14.49
C GLN B 382 21.21 -12.84 -14.72
N SER B 383 21.73 -11.63 -14.74
CA SER B 383 23.12 -11.45 -15.00
C SER B 383 23.64 -10.19 -14.35
N VAL B 384 24.95 -10.16 -14.19
CA VAL B 384 25.64 -8.92 -13.85
C VAL B 384 26.68 -8.62 -14.95
N THR B 385 26.74 -7.34 -15.33
CA THR B 385 27.67 -6.81 -16.31
C THR B 385 28.47 -5.66 -15.74
N THR B 386 29.79 -5.74 -15.89
CA THR B 386 30.65 -4.60 -15.62
C THR B 386 31.09 -4.05 -16.97
N PHE B 387 30.75 -2.78 -17.21
CA PHE B 387 31.16 -2.07 -18.41
C PHE B 387 32.35 -1.21 -18.06
N VAL B 388 33.35 -1.20 -18.94
CA VAL B 388 34.55 -0.38 -18.73
C VAL B 388 34.63 0.61 -19.89
N VAL B 389 34.38 1.87 -19.56
CA VAL B 389 34.31 2.93 -20.57
C VAL B 389 35.59 3.77 -20.61
N ASN B 390 36.28 3.77 -21.74
CA ASN B 390 37.44 4.66 -21.95
C ASN B 390 37.05 6.10 -22.18
N ARG B 391 37.64 7.00 -21.40
CA ARG B 391 37.37 8.43 -21.59
C ARG B 391 38.17 9.04 -22.74
N LEU B 392 37.46 9.84 -23.55
CA LEU B 392 38.06 10.72 -24.59
C LEU B 392 38.57 9.98 -25.83
N ALA C 2 0.97 24.80 9.52
CA ALA C 2 2.38 25.20 9.29
C ALA C 2 2.56 25.84 7.92
N SER C 3 3.34 26.91 7.86
CA SER C 3 3.72 27.53 6.59
C SER C 3 4.80 26.73 5.83
N ASP C 4 5.74 26.12 6.56
CA ASP C 4 6.90 25.46 5.94
C ASP C 4 6.70 24.03 5.46
N VAL C 5 7.01 23.81 4.18
CA VAL C 5 7.18 22.48 3.63
C VAL C 5 8.66 22.29 3.36
N THR C 6 9.25 21.33 4.04
CA THR C 6 10.66 20.96 3.84
C THR C 6 10.78 19.92 2.71
N VAL C 7 11.44 20.32 1.62
CA VAL C 7 11.67 19.43 0.50
C VAL C 7 13.17 19.10 0.47
N ASN C 8 13.49 17.86 0.85
CA ASN C 8 14.88 17.43 1.01
C ASN C 8 15.32 16.59 -0.17
N VAL C 9 16.07 17.24 -1.06
CA VAL C 9 16.49 16.66 -2.33
C VAL C 9 17.45 15.47 -2.19
N SER C 10 18.07 15.33 -1.02
CA SER C 10 19.04 14.27 -0.75
C SER C 10 18.40 12.99 -0.22
N ALA C 11 17.20 13.11 0.35
CA ALA C 11 16.51 11.94 0.93
C ALA C 11 15.59 11.28 -0.10
N GLU C 12 16.18 10.35 -0.84
CA GLU C 12 15.49 9.68 -1.91
C GLU C 12 14.64 8.55 -1.39
N LYS C 13 13.45 8.40 -1.99
CA LYS C 13 12.55 7.32 -1.63
C LYS C 13 12.47 6.41 -2.85
N GLN C 14 11.26 6.09 -3.30
CA GLN C 14 11.10 5.13 -4.38
C GLN C 14 11.27 5.76 -5.78
N VAL C 15 11.74 4.95 -6.71
CA VAL C 15 11.84 5.32 -8.11
C VAL C 15 10.46 5.08 -8.73
N ILE C 16 10.01 6.02 -9.54
CA ILE C 16 8.68 5.96 -10.11
C ILE C 16 8.72 5.30 -11.47
N ARG C 17 7.94 4.23 -11.64
CA ARG C 17 7.84 3.59 -12.95
C ARG C 17 6.81 4.30 -13.78
N GLY C 18 5.72 4.76 -13.16
CA GLY C 18 4.74 5.50 -13.92
C GLY C 18 3.30 5.42 -13.47
N PHE C 19 2.42 5.93 -14.32
CA PHE C 19 1.01 6.07 -14.03
C PHE C 19 0.28 5.61 -15.24
N GLY C 20 -0.84 4.93 -15.05
CA GLY C 20 -1.61 4.47 -16.19
C GLY C 20 -3.01 3.99 -15.98
N GLY C 21 -3.43 3.06 -16.83
CA GLY C 21 -4.77 2.53 -16.75
C GLY C 21 -4.85 1.23 -17.52
N MET C 22 -6.06 0.65 -17.50
CA MET C 22 -6.37 -0.61 -18.14
C MET C 22 -7.02 -0.40 -19.51
N ASN C 23 -6.74 -1.33 -20.42
CA ASN C 23 -7.46 -1.40 -21.67
C ASN C 23 -7.96 -2.82 -21.82
N HIS C 24 -9.27 -2.94 -22.00
CA HIS C 24 -9.91 -4.22 -22.20
C HIS C 24 -10.87 -4.13 -23.41
N PRO C 25 -10.39 -4.55 -24.60
CA PRO C 25 -11.22 -4.46 -25.81
C PRO C 25 -12.56 -5.19 -25.65
N ALA C 26 -12.52 -6.43 -25.16
CA ALA C 26 -13.73 -7.23 -25.01
C ALA C 26 -14.77 -6.54 -24.11
N TRP C 27 -14.35 -6.22 -22.88
CA TRP C 27 -15.21 -5.73 -21.81
C TRP C 27 -15.64 -4.27 -21.93
N ALA C 28 -14.72 -3.40 -22.32
CA ALA C 28 -15.02 -1.97 -22.39
C ALA C 28 -15.00 -1.47 -23.82
N GLY C 29 -14.36 -2.23 -24.72
CA GLY C 29 -14.13 -1.77 -26.09
C GLY C 29 -12.83 -1.01 -26.21
N ASP C 30 -12.09 -1.28 -27.28
CA ASP C 30 -10.74 -0.77 -27.47
C ASP C 30 -10.76 0.76 -27.56
N LEU C 31 -9.66 1.37 -27.14
CA LEU C 31 -9.41 2.76 -27.46
C LEU C 31 -9.29 2.90 -28.98
N THR C 32 -9.84 3.98 -29.50
CA THR C 32 -9.71 4.32 -30.91
C THR C 32 -8.32 4.88 -31.12
N ALA C 33 -7.93 5.09 -32.38
CA ALA C 33 -6.62 5.63 -32.72
C ALA C 33 -6.32 7.00 -32.08
N ALA C 34 -7.31 7.90 -32.10
CA ALA C 34 -7.12 9.25 -31.54
C ALA C 34 -7.13 9.26 -30.01
N GLN C 35 -7.77 8.23 -29.42
CA GLN C 35 -7.80 8.07 -27.96
C GLN C 35 -6.49 7.52 -27.40
N ARG C 36 -5.86 6.62 -28.15
CA ARG C 36 -4.52 6.13 -27.84
C ARG C 36 -3.54 7.28 -27.73
N GLU C 37 -3.64 8.24 -28.66
CA GLU C 37 -2.82 9.44 -28.62
C GLU C 37 -3.09 10.24 -27.37
N THR C 38 -4.37 10.38 -27.05
CA THR C 38 -4.81 11.16 -25.90
C THR C 38 -4.31 10.55 -24.59
N ALA C 39 -4.36 9.22 -24.51
CA ALA C 39 -3.94 8.49 -23.32
C ALA C 39 -2.42 8.52 -23.12
N PHE C 40 -1.66 8.32 -24.19
CA PHE C 40 -0.22 8.05 -24.07
C PHE C 40 0.68 9.17 -24.54
N GLY C 41 0.14 10.14 -25.28
CA GLY C 41 0.89 11.33 -25.63
C GLY C 41 1.10 12.17 -24.39
N ASN C 42 2.12 13.01 -24.37
CA ASN C 42 2.31 13.96 -23.28
C ASN C 42 2.19 15.41 -23.75
N GLY C 43 1.51 15.61 -24.87
CA GLY C 43 1.24 16.95 -25.39
C GLY C 43 0.12 17.64 -24.64
N GLN C 44 -0.28 18.82 -25.11
CA GLN C 44 -1.43 19.54 -24.53
C GLN C 44 -2.73 18.72 -24.60
N ASN C 45 -3.47 18.74 -23.49
CA ASN C 45 -4.70 17.95 -23.33
C ASN C 45 -4.57 16.47 -23.72
N GLN C 46 -3.40 15.92 -23.37
CA GLN C 46 -3.16 14.48 -23.40
C GLN C 46 -2.77 14.05 -21.99
N LEU C 47 -3.03 12.78 -21.68
CA LEU C 47 -2.85 12.27 -20.32
C LEU C 47 -1.41 11.99 -19.88
N GLY C 48 -0.53 11.70 -20.83
CA GLY C 48 0.86 11.36 -20.52
C GLY C 48 1.04 10.05 -19.75
N PHE C 49 0.11 9.11 -19.94
CA PHE C 49 0.17 7.82 -19.26
C PHE C 49 1.39 7.02 -19.75
N SER C 50 2.15 6.52 -18.79
CA SER C 50 3.42 5.83 -19.07
C SER C 50 3.35 4.32 -18.83
N ILE C 51 2.18 3.83 -18.42
CA ILE C 51 1.96 2.41 -18.18
C ILE C 51 0.60 1.98 -18.75
N LEU C 52 0.60 0.84 -19.43
CA LEU C 52 -0.62 0.22 -19.91
C LEU C 52 -0.77 -1.17 -19.32
N ARG C 53 -1.96 -1.46 -18.79
CA ARG C 53 -2.30 -2.83 -18.41
C ARG C 53 -3.30 -3.44 -19.42
N ILE C 54 -3.05 -4.68 -19.80
CA ILE C 54 -3.93 -5.42 -20.69
C ILE C 54 -4.23 -6.74 -19.99
N HIS C 55 -5.14 -7.53 -20.55
CA HIS C 55 -5.45 -8.79 -19.90
C HIS C 55 -4.91 -9.96 -20.69
N VAL C 56 -4.70 -11.10 -20.02
CA VAL C 56 -4.33 -12.31 -20.70
C VAL C 56 -5.56 -13.19 -20.84
N ASP C 57 -6.15 -13.20 -22.04
CA ASP C 57 -7.36 -13.98 -22.26
C ASP C 57 -7.12 -15.46 -22.06
N GLU C 58 -8.09 -16.14 -21.48
CA GLU C 58 -8.00 -17.59 -21.33
C GLU C 58 -8.00 -18.28 -22.70
N ASN C 59 -8.57 -17.62 -23.69
CA ASN C 59 -8.57 -18.14 -25.06
C ASN C 59 -7.49 -17.46 -25.91
N ARG C 60 -6.45 -18.22 -26.25
CA ARG C 60 -5.32 -17.71 -27.02
C ARG C 60 -5.72 -17.11 -28.38
N ASN C 61 -6.82 -17.62 -28.95
CA ASN C 61 -7.38 -17.05 -30.19
C ASN C 61 -7.82 -15.59 -30.07
N ASN C 62 -7.93 -15.09 -28.84
CA ASN C 62 -8.35 -13.72 -28.62
C ASN C 62 -7.18 -12.75 -28.37
N TRP C 63 -5.96 -13.29 -28.31
CA TRP C 63 -4.79 -12.50 -27.94
C TRP C 63 -4.55 -11.37 -28.94
N TYR C 64 -4.81 -11.62 -30.22
CA TYR C 64 -4.58 -10.63 -31.27
C TYR C 64 -5.30 -9.29 -31.01
N LYS C 65 -6.39 -9.35 -30.24
CA LYS C 65 -7.18 -8.17 -29.94
C LYS C 65 -6.45 -7.12 -29.09
N GLU C 66 -5.42 -7.55 -28.37
CA GLU C 66 -4.67 -6.64 -27.50
C GLU C 66 -3.60 -5.84 -28.23
N VAL C 67 -3.16 -6.33 -29.37
CA VAL C 67 -1.95 -5.86 -30.04
C VAL C 67 -1.93 -4.35 -30.36
N GLU C 68 -2.98 -3.86 -31.01
CA GLU C 68 -3.00 -2.51 -31.55
C GLU C 68 -2.77 -1.41 -30.53
N THR C 69 -3.51 -1.45 -29.43
CA THR C 69 -3.35 -0.48 -28.36
C THR C 69 -2.00 -0.64 -27.64
N ALA C 70 -1.56 -1.89 -27.46
CA ALA C 70 -0.27 -2.15 -26.82
C ALA C 70 0.91 -1.60 -27.65
N LYS C 71 0.88 -1.84 -28.96
CA LYS C 71 1.90 -1.29 -29.88
C LYS C 71 1.89 0.23 -29.80
N SER C 72 0.69 0.78 -29.80
CA SER C 72 0.51 2.22 -29.68
C SER C 72 1.14 2.78 -28.40
N ALA C 73 0.99 2.08 -27.29
CA ALA C 73 1.57 2.50 -26.02
C ALA C 73 3.10 2.42 -26.05
N VAL C 74 3.62 1.34 -26.60
CA VAL C 74 5.06 1.13 -26.73
C VAL C 74 5.71 2.21 -27.62
N LYS C 75 5.02 2.59 -28.69
CA LYS C 75 5.45 3.67 -29.56
C LYS C 75 5.65 4.98 -28.81
N HIS C 76 4.77 5.28 -27.85
CA HIS C 76 4.84 6.52 -27.07
C HIS C 76 5.74 6.46 -25.83
N GLY C 77 6.49 5.37 -25.69
CA GLY C 77 7.39 5.22 -24.54
C GLY C 77 6.79 4.58 -23.29
N ALA C 78 5.57 4.06 -23.39
CA ALA C 78 4.93 3.43 -22.24
C ALA C 78 5.32 1.97 -22.09
N ILE C 79 5.23 1.44 -20.88
CA ILE C 79 5.50 0.02 -20.67
C ILE C 79 4.18 -0.72 -20.55
N VAL C 80 4.21 -2.00 -20.90
CA VAL C 80 3.02 -2.82 -20.87
C VAL C 80 3.18 -4.04 -19.96
N PHE C 81 2.20 -4.24 -19.09
CA PHE C 81 2.07 -5.47 -18.32
C PHE C 81 0.70 -6.13 -18.50
N ALA C 82 0.65 -7.42 -18.19
CA ALA C 82 -0.51 -8.23 -18.46
C ALA C 82 -0.90 -8.98 -17.21
N SER C 83 -2.21 -8.97 -16.90
CA SER C 83 -2.78 -9.79 -15.80
C SER C 83 -3.69 -10.84 -16.40
N PRO C 84 -3.70 -12.07 -15.86
CA PRO C 84 -4.72 -13.00 -16.28
C PRO C 84 -5.87 -13.06 -15.25
N TRP C 85 -7.07 -13.38 -15.73
CA TRP C 85 -8.24 -13.60 -14.87
C TRP C 85 -8.52 -15.09 -14.65
N ASN C 86 -8.37 -15.89 -15.71
CA ASN C 86 -8.52 -17.35 -15.61
C ASN C 86 -7.49 -18.08 -16.45
N PRO C 87 -7.07 -19.26 -15.97
CA PRO C 87 -6.39 -20.21 -16.81
C PRO C 87 -7.31 -20.67 -17.94
N PRO C 88 -6.73 -21.26 -19.00
CA PRO C 88 -7.58 -21.93 -19.99
C PRO C 88 -8.44 -23.00 -19.32
N SER C 89 -9.69 -23.11 -19.76
CA SER C 89 -10.70 -23.99 -19.16
C SER C 89 -10.28 -25.43 -18.90
N ASP C 90 -9.41 -25.99 -19.75
CA ASP C 90 -8.93 -27.36 -19.55
C ASP C 90 -7.97 -27.52 -18.34
N MET C 91 -7.64 -26.43 -17.67
CA MET C 91 -6.71 -26.47 -16.52
C MET C 91 -7.43 -26.17 -15.23
N VAL C 92 -8.71 -25.82 -15.37
CA VAL C 92 -9.52 -25.31 -14.27
C VAL C 92 -10.53 -26.36 -13.80
N GLU C 93 -10.67 -26.50 -12.49
CA GLU C 93 -11.73 -27.36 -11.90
C GLU C 93 -12.62 -26.54 -10.93
N THR C 94 -13.88 -26.95 -10.81
CA THR C 94 -14.77 -26.37 -9.81
C THR C 94 -14.51 -27.08 -8.50
N PHE C 95 -14.66 -26.36 -7.40
CA PHE C 95 -14.61 -27.02 -6.09
C PHE C 95 -15.58 -26.36 -5.13
N ASN C 96 -15.81 -27.03 -4.00
CA ASN C 96 -16.63 -26.49 -2.93
C ASN C 96 -15.79 -25.58 -2.08
N ARG C 97 -15.97 -24.28 -2.28
CA ARG C 97 -15.34 -23.29 -1.45
C ARG C 97 -16.35 -22.76 -0.45
N ASN C 98 -16.39 -23.37 0.74
CA ASN C 98 -17.30 -22.98 1.83
C ASN C 98 -18.78 -22.88 1.40
N GLY C 99 -19.27 -23.86 0.68
CA GLY C 99 -20.66 -23.86 0.25
C GLY C 99 -20.92 -23.39 -1.17
N ASP C 100 -19.94 -22.70 -1.77
CA ASP C 100 -20.04 -22.22 -3.16
C ASP C 100 -19.45 -23.29 -4.11
N THR C 101 -20.30 -23.97 -4.86
CA THR C 101 -19.84 -25.06 -5.74
C THR C 101 -19.52 -24.56 -7.13
N SER C 102 -19.74 -23.27 -7.38
CA SER C 102 -19.33 -22.69 -8.66
C SER C 102 -17.88 -22.15 -8.64
N ALA C 103 -17.19 -22.28 -7.50
CA ALA C 103 -15.85 -21.71 -7.35
C ALA C 103 -14.80 -22.46 -8.18
N LYS C 104 -14.03 -21.71 -8.97
CA LYS C 104 -12.99 -22.29 -9.82
C LYS C 104 -11.60 -22.15 -9.23
N ARG C 105 -10.76 -23.11 -9.54
CA ARG C 105 -9.34 -23.00 -9.27
C ARG C 105 -8.55 -23.74 -10.33
N LEU C 106 -7.26 -23.42 -10.42
CA LEU C 106 -6.30 -24.15 -11.24
C LEU C 106 -6.03 -25.54 -10.64
N LYS C 107 -6.10 -26.56 -11.48
CA LYS C 107 -5.86 -27.94 -11.06
C LYS C 107 -4.43 -28.11 -10.54
N TYR C 108 -4.30 -28.88 -9.46
CA TYR C 108 -3.05 -28.99 -8.73
C TYR C 108 -1.94 -29.63 -9.57
N ASN C 109 -2.31 -30.28 -10.66
CA ASN C 109 -1.37 -30.92 -11.56
C ASN C 109 -1.24 -30.13 -12.86
N LYS C 110 -1.77 -28.92 -12.90
CA LYS C 110 -1.68 -28.10 -14.10
CA LYS C 110 -1.65 -28.11 -14.11
C LYS C 110 -0.82 -26.86 -13.90
N TYR C 111 -0.09 -26.79 -12.80
CA TYR C 111 0.71 -25.58 -12.51
C TYR C 111 1.79 -25.26 -13.56
N ALA C 112 2.53 -26.28 -14.01
CA ALA C 112 3.55 -26.10 -15.06
C ALA C 112 2.93 -25.71 -16.38
N ALA C 113 1.78 -26.31 -16.68
CA ALA C 113 1.04 -26.01 -17.90
C ALA C 113 0.53 -24.58 -17.91
N TYR C 114 0.13 -24.08 -16.74
CA TYR C 114 -0.29 -22.67 -16.65
C TYR C 114 0.86 -21.66 -16.80
N ALA C 115 2.01 -21.97 -16.19
CA ALA C 115 3.22 -21.18 -16.40
C ALA C 115 3.57 -21.14 -17.90
N GLN C 116 3.42 -22.27 -18.58
CA GLN C 116 3.68 -22.34 -20.03
C GLN C 116 2.72 -21.46 -20.80
N HIS C 117 1.45 -21.46 -20.38
CA HIS C 117 0.41 -20.61 -21.02
C HIS C 117 0.74 -19.12 -20.85
N LEU C 118 1.27 -18.74 -19.69
CA LEU C 118 1.75 -17.38 -19.45
C LEU C 118 3.00 -17.03 -20.31
N ASN C 119 3.93 -17.98 -20.45
CA ASN C 119 5.08 -17.79 -21.37
C ASN C 119 4.66 -17.61 -22.81
N ASP C 120 3.66 -18.39 -23.22
CA ASP C 120 3.16 -18.32 -24.59
C ASP C 120 2.61 -16.96 -24.87
N PHE C 121 2.00 -16.35 -23.85
CA PHE C 121 1.46 -15.03 -24.03
C PHE C 121 2.58 -14.01 -24.18
N VAL C 122 3.60 -14.10 -23.33
CA VAL C 122 4.78 -13.23 -23.45
C VAL C 122 5.41 -13.32 -24.85
N THR C 123 5.60 -14.55 -25.32
CA THR C 123 6.18 -14.87 -26.62
C THR C 123 5.34 -14.33 -27.76
N PHE C 124 4.03 -14.54 -27.68
CA PHE C 124 3.12 -13.99 -28.68
C PHE C 124 3.22 -12.47 -28.80
N MET C 125 3.25 -11.78 -27.66
CA MET C 125 3.29 -10.33 -27.69
C MET C 125 4.61 -9.83 -28.29
N LYS C 126 5.69 -10.58 -28.02
CA LYS C 126 7.00 -10.22 -28.49
C LYS C 126 7.06 -10.36 -30.02
N ASN C 127 6.52 -11.46 -30.54
CA ASN C 127 6.35 -11.66 -31.98
C ASN C 127 5.52 -10.56 -32.64
N ASN C 128 4.84 -9.77 -31.83
CA ASN C 128 4.02 -8.68 -32.34
C ASN C 128 4.54 -7.32 -31.95
N GLY C 129 5.83 -7.26 -31.61
CA GLY C 129 6.52 -5.99 -31.36
C GLY C 129 6.16 -5.36 -30.04
N VAL C 130 5.63 -6.16 -29.11
CA VAL C 130 5.40 -5.69 -27.75
C VAL C 130 6.20 -6.51 -26.74
N ASN C 131 7.28 -5.93 -26.21
CA ASN C 131 7.98 -6.60 -25.14
C ASN C 131 7.33 -6.30 -23.79
N LEU C 132 6.66 -7.30 -23.23
CA LEU C 132 5.95 -7.11 -21.97
C LEU C 132 6.95 -6.85 -20.86
N TYR C 133 6.67 -5.82 -20.08
CA TYR C 133 7.51 -5.45 -18.95
C TYR C 133 7.35 -6.47 -17.82
N ALA C 134 6.15 -7.04 -17.70
CA ALA C 134 5.81 -7.93 -16.60
C ALA C 134 4.49 -8.63 -16.88
N ILE C 135 4.27 -9.76 -16.22
CA ILE C 135 3.04 -10.52 -16.33
C ILE C 135 2.68 -10.96 -14.93
N SER C 136 1.38 -10.99 -14.66
CA SER C 136 0.88 -11.33 -13.34
C SER C 136 0.47 -12.81 -13.29
N VAL C 137 0.51 -13.37 -12.10
CA VAL C 137 0.12 -14.76 -11.89
C VAL C 137 -1.41 -14.95 -11.88
N GLN C 138 -2.12 -13.96 -11.35
CA GLN C 138 -3.55 -14.01 -11.16
C GLN C 138 -4.08 -12.67 -10.65
N ASN C 139 -5.00 -12.07 -11.39
CA ASN C 139 -5.75 -10.92 -10.88
C ASN C 139 -6.62 -11.34 -9.69
N GLU C 140 -6.40 -10.71 -8.53
CA GLU C 140 -7.30 -10.80 -7.39
C GLU C 140 -7.71 -12.24 -7.07
N PRO C 141 -6.71 -13.06 -6.74
CA PRO C 141 -6.94 -14.47 -6.43
C PRO C 141 -7.74 -14.66 -5.14
N ASP C 142 -7.79 -13.63 -4.31
CA ASP C 142 -8.53 -13.64 -3.04
C ASP C 142 -9.90 -12.94 -3.18
N TYR C 143 -10.35 -12.74 -4.40
CA TYR C 143 -11.64 -12.11 -4.65
C TYR C 143 -12.18 -12.59 -5.96
N ALA C 144 -12.22 -13.91 -6.09
CA ALA C 144 -12.40 -14.50 -7.39
C ALA C 144 -13.80 -15.08 -7.64
N HIS C 145 -14.81 -14.51 -6.99
CA HIS C 145 -16.22 -14.97 -7.14
C HIS C 145 -16.51 -15.26 -8.60
N GLU C 146 -16.03 -14.39 -9.47
CA GLU C 146 -16.32 -14.42 -10.89
C GLU C 146 -15.13 -14.93 -11.74
N TRP C 147 -14.03 -15.37 -11.10
CA TRP C 147 -12.87 -15.90 -11.86
C TRP C 147 -12.16 -17.08 -11.19
N THR C 148 -10.84 -17.03 -11.02
CA THR C 148 -10.11 -18.17 -10.45
C THR C 148 -9.50 -17.91 -9.07
N TRP C 149 -9.93 -18.68 -8.06
CA TRP C 149 -9.45 -18.57 -6.68
C TRP C 149 -8.08 -19.22 -6.49
N TRP C 150 -7.23 -18.59 -5.68
CA TRP C 150 -6.05 -19.25 -5.16
C TRP C 150 -5.92 -18.89 -3.70
N THR C 151 -5.72 -19.88 -2.85
CA THR C 151 -5.37 -19.62 -1.44
C THR C 151 -3.93 -19.08 -1.34
N PRO C 152 -3.56 -18.47 -0.18
CA PRO C 152 -2.14 -18.13 0.03
C PRO C 152 -1.20 -19.30 -0.21
N GLN C 153 -1.56 -20.50 0.28
CA GLN C 153 -0.68 -21.67 0.10
C GLN C 153 -0.54 -22.15 -1.36
N GLU C 154 -1.58 -21.94 -2.17
CA GLU C 154 -1.55 -22.27 -3.59
C GLU C 154 -0.67 -21.31 -4.40
N ILE C 155 -0.79 -20.01 -4.10
CA ILE C 155 0.03 -18.98 -4.69
C ILE C 155 1.51 -19.23 -4.32
N LEU C 156 1.74 -19.56 -3.05
CA LEU C 156 3.08 -19.77 -2.54
C LEU C 156 3.75 -20.92 -3.31
N ARG C 157 3.02 -22.03 -3.45
CA ARG C 157 3.51 -23.19 -4.17
C ARG C 157 3.87 -22.82 -5.60
N PHE C 158 2.99 -22.10 -6.28
CA PHE C 158 3.25 -21.72 -7.65
C PHE C 158 4.50 -20.81 -7.71
N MET C 159 4.62 -19.88 -6.77
CA MET C 159 5.77 -18.99 -6.70
C MET C 159 7.11 -19.72 -6.49
N ARG C 160 7.12 -20.73 -5.59
CA ARG C 160 8.31 -21.55 -5.34
C ARG C 160 8.69 -22.46 -6.50
N GLU C 161 7.70 -23.12 -7.10
CA GLU C 161 7.97 -24.25 -8.00
C GLU C 161 7.81 -23.93 -9.48
N ASN C 162 7.10 -22.86 -9.80
CA ASN C 162 6.70 -22.62 -11.20
C ASN C 162 7.05 -21.25 -11.78
N ALA C 163 7.02 -20.21 -10.95
CA ALA C 163 7.17 -18.84 -11.44
C ALA C 163 8.57 -18.56 -12.00
N GLY C 164 9.57 -19.24 -11.46
CA GLY C 164 10.96 -19.12 -11.91
C GLY C 164 11.07 -19.55 -13.36
N SER C 165 10.07 -20.25 -13.86
CA SER C 165 10.17 -20.78 -15.22
C SER C 165 9.55 -19.81 -16.20
N ILE C 166 9.05 -18.68 -15.69
CA ILE C 166 8.44 -17.65 -16.51
C ILE C 166 9.52 -16.65 -17.04
N ASN C 167 9.55 -16.46 -18.36
CA ASN C 167 10.60 -15.68 -19.00
C ASN C 167 10.20 -14.23 -19.16
N ALA C 168 9.92 -13.62 -18.02
CA ALA C 168 9.39 -12.27 -17.91
C ALA C 168 9.44 -11.94 -16.44
N ARG C 169 9.27 -10.66 -16.10
CA ARG C 169 9.08 -10.26 -14.73
C ARG C 169 7.71 -10.75 -14.27
N VAL C 170 7.66 -11.18 -13.03
CA VAL C 170 6.45 -11.77 -12.49
C VAL C 170 5.89 -10.85 -11.41
N ILE C 171 4.63 -10.43 -11.61
CA ILE C 171 3.87 -9.72 -10.60
C ILE C 171 3.07 -10.73 -9.78
N ALA C 172 3.16 -10.63 -8.46
CA ALA C 172 2.27 -11.39 -7.61
C ALA C 172 2.13 -10.59 -6.32
N PRO C 173 1.04 -10.81 -5.57
CA PRO C 173 -0.11 -11.67 -5.88
C PRO C 173 -1.41 -10.93 -6.25
N GLU C 174 -1.36 -9.60 -6.34
CA GLU C 174 -2.51 -8.78 -6.75
C GLU C 174 -3.77 -9.00 -5.87
N SER C 175 -3.61 -8.91 -4.55
CA SER C 175 -4.77 -8.91 -3.66
C SER C 175 -5.69 -7.75 -4.01
N PHE C 176 -6.99 -7.95 -3.86
CA PHE C 176 -7.98 -6.89 -4.18
C PHE C 176 -7.89 -5.71 -3.23
N GLN C 177 -7.31 -5.94 -2.06
CA GLN C 177 -7.31 -4.99 -0.96
C GLN C 177 -5.97 -4.94 -0.18
N TYR C 178 -4.89 -5.49 -0.74
CA TYR C 178 -3.55 -5.44 -0.10
C TYR C 178 -3.61 -6.15 1.26
N LEU C 179 -4.32 -7.25 1.28
CA LEU C 179 -4.37 -8.10 2.44
C LEU C 179 -3.02 -8.79 2.48
N LYS C 180 -2.30 -8.53 3.57
CA LYS C 180 -0.94 -9.00 3.72
C LYS C 180 -0.87 -10.51 3.90
N ASN C 181 -1.99 -11.17 4.21
CA ASN C 181 -1.99 -12.63 4.38
C ASN C 181 -1.70 -13.37 3.09
N LEU C 182 -2.04 -12.75 1.97
CA LEU C 182 -1.75 -13.28 0.63
C LEU C 182 -0.28 -13.13 0.19
N SER C 183 0.43 -12.13 0.71
CA SER C 183 1.79 -11.85 0.26
C SER C 183 2.86 -12.23 1.30
N ASP C 184 2.48 -12.20 2.58
CA ASP C 184 3.37 -12.62 3.65
C ASP C 184 4.07 -13.96 3.38
N PRO C 185 3.33 -15.01 2.97
CA PRO C 185 4.07 -16.27 2.80
C PRO C 185 5.15 -16.20 1.72
N ILE C 186 4.88 -15.48 0.64
CA ILE C 186 5.90 -15.24 -0.38
C ILE C 186 7.13 -14.54 0.20
N LEU C 187 6.92 -13.41 0.88
CA LEU C 187 8.03 -12.62 1.45
C LEU C 187 8.82 -13.43 2.47
N ASN C 188 8.13 -14.34 3.13
CA ASN C 188 8.75 -15.14 4.17
C ASN C 188 9.45 -16.38 3.65
N ASP C 189 9.35 -16.62 2.35
CA ASP C 189 10.00 -17.78 1.75
C ASP C 189 11.04 -17.39 0.70
N PRO C 190 12.33 -17.50 1.06
CA PRO C 190 13.44 -17.14 0.16
C PRO C 190 13.27 -17.67 -1.26
N GLN C 191 12.83 -18.91 -1.42
CA GLN C 191 12.65 -19.45 -2.77
C GLN C 191 11.47 -18.82 -3.52
N ALA C 192 10.36 -18.62 -2.84
CA ALA C 192 9.23 -17.91 -3.43
C ALA C 192 9.62 -16.46 -3.75
N LEU C 193 10.30 -15.82 -2.81
CA LEU C 193 10.67 -14.41 -2.96
C LEU C 193 11.60 -14.17 -4.15
N ALA C 194 12.53 -15.10 -4.38
CA ALA C 194 13.43 -15.03 -5.53
C ALA C 194 12.70 -14.96 -6.86
N ASN C 195 11.54 -15.61 -6.95
CA ASN C 195 10.81 -15.69 -8.21
C ASN C 195 9.79 -14.56 -8.41
N MET C 196 9.58 -13.74 -7.39
CA MET C 196 8.73 -12.55 -7.53
C MET C 196 9.61 -11.34 -7.85
N ASP C 197 9.28 -10.66 -8.94
CA ASP C 197 9.99 -9.46 -9.33
C ASP C 197 9.27 -8.19 -8.88
N ILE C 198 7.95 -8.24 -8.90
CA ILE C 198 7.13 -7.10 -8.53
C ILE C 198 5.99 -7.54 -7.59
N LEU C 199 5.99 -7.04 -6.36
CA LEU C 199 4.82 -7.13 -5.50
C LEU C 199 3.75 -6.19 -6.06
N GLY C 200 2.65 -6.79 -6.51
CA GLY C 200 1.52 -6.04 -7.06
C GLY C 200 0.33 -6.21 -6.12
N THR C 201 -0.44 -5.14 -5.98
CA THR C 201 -1.66 -5.15 -5.16
C THR C 201 -2.67 -4.18 -5.72
N HIS C 202 -3.96 -4.39 -5.40
CA HIS C 202 -4.99 -3.36 -5.64
C HIS C 202 -5.35 -2.74 -4.31
N LEU C 203 -6.11 -1.64 -4.35
CA LEU C 203 -6.47 -0.97 -3.11
C LEU C 203 -7.97 -0.73 -2.90
N TYR C 204 -8.82 -1.64 -3.42
CA TYR C 204 -10.27 -1.49 -3.30
C TYR C 204 -10.67 -1.72 -1.85
N GLY C 205 -11.00 -0.63 -1.14
CA GLY C 205 -11.39 -0.65 0.26
C GLY C 205 -10.22 -0.60 1.23
N THR C 206 -9.00 -0.44 0.75
CA THR C 206 -7.85 -0.40 1.65
C THR C 206 -7.80 0.99 2.29
N GLN C 207 -7.72 1.04 3.62
N GLN C 207 -7.72 1.01 3.62
CA GLN C 207 -7.55 2.33 4.30
CA GLN C 207 -7.50 2.22 4.43
C GLN C 207 -6.07 2.69 4.44
C GLN C 207 -6.06 2.70 4.29
N VAL C 208 -5.82 3.98 4.60
CA VAL C 208 -4.47 4.52 4.55
C VAL C 208 -3.52 3.91 5.60
N SER C 209 -4.05 3.45 6.73
CA SER C 209 -3.16 2.85 7.73
C SER C 209 -2.71 1.42 7.42
N GLN C 210 -3.28 0.81 6.38
CA GLN C 210 -2.71 -0.43 5.80
C GLN C 210 -1.97 -0.20 4.47
N PHE C 211 -1.68 1.06 4.12
CA PHE C 211 -0.83 1.32 2.94
C PHE C 211 0.64 0.92 3.20
N PRO C 212 1.14 1.11 4.44
CA PRO C 212 2.51 0.65 4.74
C PRO C 212 2.61 -0.87 4.83
N TYR C 213 3.80 -1.41 4.57
CA TYR C 213 4.02 -2.84 4.63
C TYR C 213 5.45 -3.04 5.14
N PRO C 214 5.63 -3.07 6.47
CA PRO C 214 6.96 -3.24 7.09
C PRO C 214 7.72 -4.49 6.62
N LEU C 215 7.01 -5.60 6.45
CA LEU C 215 7.63 -6.83 6.04
C LEU C 215 8.25 -6.63 4.65
N PHE C 216 7.57 -5.87 3.80
CA PHE C 216 8.15 -5.56 2.50
C PHE C 216 9.44 -4.76 2.60
N LYS C 217 9.48 -3.78 3.50
CA LYS C 217 10.66 -2.93 3.76
C LYS C 217 11.83 -3.75 4.25
N GLN C 218 11.50 -4.75 5.08
CA GLN C 218 12.47 -5.66 5.65
CA GLN C 218 12.50 -5.64 5.63
C GLN C 218 13.00 -6.64 4.59
N LYS C 219 12.10 -7.15 3.75
CA LYS C 219 12.50 -8.27 2.89
C LYS C 219 12.52 -8.09 1.38
N GLY C 220 12.02 -6.95 0.88
CA GLY C 220 11.88 -6.74 -0.56
C GLY C 220 13.02 -6.06 -1.31
N ALA C 221 14.25 -6.18 -0.79
CA ALA C 221 15.43 -5.65 -1.47
C ALA C 221 15.47 -6.20 -2.88
N GLY C 222 15.68 -5.30 -3.85
CA GLY C 222 15.73 -5.68 -5.25
C GLY C 222 14.38 -5.90 -5.91
N LYS C 223 13.30 -5.51 -5.23
CA LYS C 223 11.94 -5.74 -5.75
C LYS C 223 11.19 -4.44 -5.97
N ASP C 224 10.30 -4.44 -6.96
CA ASP C 224 9.39 -3.32 -7.17
C ASP C 224 8.09 -3.54 -6.39
N LEU C 225 7.42 -2.45 -6.04
CA LEU C 225 6.12 -2.47 -5.36
C LEU C 225 5.11 -1.66 -6.20
N TRP C 226 4.12 -2.35 -6.79
CA TRP C 226 3.21 -1.73 -7.76
C TRP C 226 1.73 -1.77 -7.34
N MET C 227 1.00 -0.68 -7.60
CA MET C 227 -0.44 -0.60 -7.41
C MET C 227 -1.04 -0.83 -8.78
N THR C 228 -1.54 -2.03 -9.03
CA THR C 228 -1.86 -2.44 -10.40
C THR C 228 -3.33 -2.22 -10.83
N GLU C 229 -4.22 -1.90 -9.87
CA GLU C 229 -5.64 -1.59 -10.19
C GLU C 229 -6.35 -0.80 -9.10
N VAL C 230 -7.04 0.25 -9.52
CA VAL C 230 -8.02 0.93 -8.67
C VAL C 230 -8.90 1.87 -9.49
N TYR C 231 -10.10 2.13 -8.99
CA TYR C 231 -10.81 3.37 -9.29
C TYR C 231 -11.12 3.90 -7.92
N TYR C 232 -11.13 5.21 -7.78
CA TYR C 232 -11.36 5.85 -6.51
C TYR C 232 -11.91 7.26 -6.81
N PRO C 233 -12.81 7.81 -5.97
CA PRO C 233 -13.43 7.24 -4.76
C PRO C 233 -14.64 6.34 -5.02
N ASN C 234 -15.07 6.25 -6.28
CA ASN C 234 -16.19 5.40 -6.67
C ASN C 234 -16.28 5.23 -8.18
N SER C 235 -17.07 4.26 -8.62
CA SER C 235 -17.42 4.09 -10.04
C SER C 235 -18.82 4.60 -10.45
N ASP C 236 -19.32 5.63 -9.76
CA ASP C 236 -20.61 6.23 -10.09
C ASP C 236 -20.61 6.76 -11.53
N THR C 237 -21.70 6.49 -12.24
CA THR C 237 -21.96 6.97 -13.59
C THR C 237 -21.79 8.49 -13.67
N ASN C 238 -21.03 8.95 -14.67
CA ASN C 238 -20.74 10.38 -14.89
C ASN C 238 -20.21 11.12 -13.66
N SER C 239 -19.25 10.51 -12.96
CA SER C 239 -18.69 11.14 -11.78
C SER C 239 -17.34 11.77 -12.07
N ALA C 240 -16.86 11.59 -13.29
CA ALA C 240 -15.49 11.96 -13.66
C ALA C 240 -15.28 13.47 -13.68
N ASP C 241 -16.38 14.22 -13.83
CA ASP C 241 -16.34 15.67 -13.85
C ASP C 241 -16.77 16.33 -12.53
N ARG C 242 -17.22 15.52 -11.57
CA ARG C 242 -17.63 16.02 -10.25
C ARG C 242 -16.51 16.72 -9.49
N TRP C 243 -16.76 17.99 -9.16
CA TRP C 243 -15.84 18.77 -8.35
C TRP C 243 -16.51 19.15 -7.04
N PRO C 244 -15.74 19.20 -5.94
CA PRO C 244 -14.33 18.85 -5.74
C PRO C 244 -14.08 17.36 -5.48
N GLU C 245 -15.05 16.52 -5.82
CA GLU C 245 -14.92 15.08 -5.62
C GLU C 245 -13.66 14.52 -6.30
N ALA C 246 -13.43 14.96 -7.54
CA ALA C 246 -12.32 14.50 -8.37
C ALA C 246 -10.96 14.70 -7.72
N LEU C 247 -10.85 15.69 -6.82
CA LEU C 247 -9.63 15.86 -6.03
C LEU C 247 -9.27 14.64 -5.16
N ASP C 248 -10.25 13.78 -4.88
CA ASP C 248 -9.99 12.55 -4.12
C ASP C 248 -9.00 11.66 -4.85
N VAL C 249 -8.90 11.82 -6.17
CA VAL C 249 -7.99 11.06 -7.01
C VAL C 249 -6.54 11.46 -6.76
N SER C 250 -6.25 12.76 -6.76
CA SER C 250 -4.89 13.19 -6.52
C SER C 250 -4.47 12.84 -5.09
N GLN C 251 -5.40 12.99 -4.15
CA GLN C 251 -5.14 12.59 -2.75
C GLN C 251 -4.88 11.08 -2.59
N HIS C 252 -5.57 10.24 -3.36
CA HIS C 252 -5.37 8.81 -3.25
C HIS C 252 -3.96 8.48 -3.76
N ILE C 253 -3.64 8.99 -4.95
CA ILE C 253 -2.36 8.85 -5.57
C ILE C 253 -1.29 9.30 -4.61
N HIS C 254 -1.53 10.42 -3.97
CA HIS C 254 -0.59 10.98 -3.02
C HIS C 254 -0.36 10.02 -1.86
N ASN C 255 -1.42 9.40 -1.35
CA ASN C 255 -1.29 8.45 -0.24
C ASN C 255 -0.57 7.17 -0.70
N ALA C 256 -0.90 6.75 -1.91
CA ALA C 256 -0.21 5.65 -2.55
C ALA C 256 1.30 5.93 -2.64
N MET C 257 1.68 7.15 -3.03
CA MET C 257 3.08 7.48 -3.21
C MET C 257 3.76 7.63 -1.86
N VAL C 258 3.07 8.25 -0.91
CA VAL C 258 3.73 8.68 0.32
C VAL C 258 3.58 7.65 1.43
N GLU C 259 2.41 7.04 1.56
CA GLU C 259 2.17 6.06 2.62
C GLU C 259 2.53 4.64 2.16
N GLY C 260 2.19 4.32 0.92
CA GLY C 260 2.41 3.01 0.38
C GLY C 260 3.75 2.80 -0.30
N ASP C 261 4.44 3.90 -0.61
CA ASP C 261 5.71 3.91 -1.37
C ASP C 261 5.61 3.18 -2.72
N PHE C 262 4.45 3.25 -3.35
CA PHE C 262 4.25 2.58 -4.61
C PHE C 262 5.01 3.27 -5.74
N GLN C 263 5.42 2.46 -6.71
CA GLN C 263 6.23 2.94 -7.81
C GLN C 263 5.43 2.99 -9.09
N ALA C 264 4.23 2.41 -9.02
CA ALA C 264 3.34 2.46 -10.14
C ALA C 264 1.93 2.61 -9.62
N TYR C 265 1.12 3.38 -10.32
CA TYR C 265 -0.26 3.57 -9.93
C TYR C 265 -1.08 3.42 -11.18
N VAL C 266 -1.91 2.38 -11.18
CA VAL C 266 -2.61 2.00 -12.39
C VAL C 266 -4.12 1.98 -12.14
N TRP C 267 -4.83 2.85 -12.85
CA TRP C 267 -6.28 2.92 -12.81
C TRP C 267 -6.87 1.71 -13.54
N TRP C 268 -8.18 1.50 -13.37
CA TRP C 268 -8.95 0.48 -14.09
C TRP C 268 -9.16 1.03 -15.52
N TYR C 269 -10.35 0.88 -16.12
CA TYR C 269 -10.55 1.35 -17.52
C TYR C 269 -10.12 2.80 -17.76
N ILE C 270 -9.29 3.01 -18.77
CA ILE C 270 -8.90 4.37 -19.14
C ILE C 270 -10.11 5.20 -19.60
N ARG C 271 -10.93 4.62 -20.48
CA ARG C 271 -12.09 5.32 -21.05
C ARG C 271 -13.39 4.82 -20.44
N ARG C 272 -14.02 5.67 -19.64
CA ARG C 272 -15.24 5.32 -18.90
C ARG C 272 -15.81 6.58 -18.23
N SER C 273 -17.11 6.58 -17.92
CA SER C 273 -17.77 7.75 -17.33
C SER C 273 -17.28 8.08 -15.93
N TYR C 274 -16.58 7.13 -15.29
CA TYR C 274 -15.93 7.42 -14.00
C TYR C 274 -14.40 7.48 -14.11
N GLY C 275 -13.90 7.48 -15.35
CA GLY C 275 -12.48 7.34 -15.61
C GLY C 275 -11.73 8.62 -15.94
N PRO C 276 -10.41 8.50 -16.15
CA PRO C 276 -9.57 9.64 -16.49
C PRO C 276 -9.92 10.22 -17.86
N MET C 277 -10.46 9.38 -18.74
CA MET C 277 -10.93 9.80 -20.05
C MET C 277 -12.42 9.52 -20.19
N LYS C 278 -13.17 10.56 -20.56
CA LYS C 278 -14.62 10.45 -20.80
C LYS C 278 -14.90 9.77 -22.11
N GLU C 279 -16.09 9.21 -22.22
CA GLU C 279 -16.56 8.49 -23.40
C GLU C 279 -16.66 9.32 -24.68
N ASP C 280 -16.28 10.59 -24.65
CA ASP C 280 -16.18 11.39 -25.87
C ASP C 280 -14.72 11.67 -26.25
N GLY C 281 -13.80 11.03 -25.53
CA GLY C 281 -12.38 11.13 -25.83
C GLY C 281 -11.70 12.31 -25.18
N THR C 282 -12.41 13.08 -24.36
CA THR C 282 -11.74 14.15 -23.61
C THR C 282 -11.39 13.70 -22.21
N ILE C 283 -10.53 14.48 -21.57
CA ILE C 283 -10.03 14.16 -20.25
C ILE C 283 -10.99 14.66 -19.18
N SER C 284 -11.36 13.77 -18.26
CA SER C 284 -12.21 14.14 -17.14
C SER C 284 -11.47 14.93 -16.08
N LYS C 285 -12.22 15.52 -15.13
CA LYS C 285 -11.58 16.18 -13.98
C LYS C 285 -10.75 15.16 -13.17
N ARG C 286 -11.19 13.90 -13.14
CA ARG C 286 -10.43 12.82 -12.54
C ARG C 286 -9.14 12.56 -13.30
N GLY C 287 -9.24 12.53 -14.62
CA GLY C 287 -8.09 12.46 -15.49
C GLY C 287 -7.08 13.54 -15.21
N TYR C 288 -7.54 14.77 -15.02
CA TYR C 288 -6.62 15.87 -14.77
C TYR C 288 -5.89 15.71 -13.45
N ASN C 289 -6.57 15.16 -12.46
CA ASN C 289 -5.93 14.87 -11.18
C ASN C 289 -4.80 13.86 -11.35
N MET C 290 -5.05 12.85 -12.18
CA MET C 290 -4.03 11.90 -12.58
C MET C 290 -2.90 12.63 -13.32
N ALA C 291 -3.28 13.48 -14.27
CA ALA C 291 -2.33 14.17 -15.15
C ALA C 291 -1.33 15.04 -14.41
N HIS C 292 -1.72 15.57 -13.25
CA HIS C 292 -0.81 16.30 -12.38
C HIS C 292 0.37 15.48 -11.89
N PHE C 293 0.18 14.16 -11.86
CA PHE C 293 1.26 13.22 -11.63
C PHE C 293 1.86 12.70 -12.92
N SER C 294 1.05 12.14 -13.80
CA SER C 294 1.57 11.40 -14.95
C SER C 294 2.33 12.22 -15.99
N LYS C 295 2.11 13.53 -16.02
CA LYS C 295 2.66 14.35 -17.09
C LYS C 295 3.95 15.00 -16.64
N PHE C 296 4.16 15.04 -15.33
CA PHE C 296 5.31 15.72 -14.77
C PHE C 296 6.24 14.75 -14.08
N VAL C 297 5.67 13.72 -13.46
CA VAL C 297 6.45 12.71 -12.79
C VAL C 297 6.64 11.53 -13.75
N ARG C 298 7.53 11.77 -14.71
CA ARG C 298 7.85 10.81 -15.75
C ARG C 298 8.63 9.62 -15.18
N PRO C 299 8.64 8.47 -15.89
CA PRO C 299 9.38 7.29 -15.45
C PRO C 299 10.86 7.60 -15.24
N GLY C 300 11.39 7.15 -14.11
CA GLY C 300 12.79 7.36 -13.82
C GLY C 300 12.95 8.32 -12.66
N TYR C 301 11.98 9.22 -12.49
CA TYR C 301 12.00 10.19 -11.39
C TYR C 301 11.96 9.47 -10.06
N VAL C 302 12.57 10.07 -9.05
CA VAL C 302 12.61 9.46 -7.75
C VAL C 302 11.85 10.35 -6.76
N ARG C 303 10.92 9.76 -6.02
CA ARG C 303 10.28 10.50 -4.94
C ARG C 303 11.31 10.92 -3.90
N ILE C 304 11.16 12.14 -3.41
CA ILE C 304 11.99 12.62 -2.33
C ILE C 304 11.15 12.97 -1.11
N ASP C 305 11.83 13.01 0.03
CA ASP C 305 11.20 13.35 1.28
C ASP C 305 10.70 14.80 1.28
N ALA C 306 9.45 14.97 1.72
CA ALA C 306 8.79 16.26 1.79
C ALA C 306 7.72 16.22 2.86
N THR C 307 7.56 17.33 3.60
CA THR C 307 6.45 17.50 4.54
C THR C 307 5.14 17.26 3.81
N LYS C 308 4.39 16.26 4.26
CA LYS C 308 3.32 15.70 3.44
C LYS C 308 1.93 16.30 3.67
N ASN C 309 1.72 16.83 4.87
CA ASN C 309 0.40 17.28 5.28
C ASN C 309 0.52 18.53 6.15
N PRO C 310 1.05 19.62 5.58
CA PRO C 310 1.46 20.80 6.35
C PRO C 310 0.28 21.66 6.84
N ASN C 311 -0.87 21.60 6.16
CA ASN C 311 -2.09 22.26 6.64
C ASN C 311 -3.29 21.39 6.45
N ALA C 312 -4.36 21.73 7.15
CA ALA C 312 -5.60 20.96 7.11
C ALA C 312 -6.04 20.78 5.66
N ASN C 313 -6.11 19.52 5.23
CA ASN C 313 -6.55 19.19 3.88
C ASN C 313 -5.55 19.56 2.76
N VAL C 314 -4.31 19.86 3.14
CA VAL C 314 -3.23 20.14 2.18
C VAL C 314 -2.22 18.98 2.11
N TYR C 315 -2.06 18.40 0.92
CA TYR C 315 -1.19 17.24 0.73
C TYR C 315 -0.08 17.50 -0.26
N VAL C 316 1.17 17.31 0.19
CA VAL C 316 2.34 17.58 -0.64
C VAL C 316 3.24 16.33 -0.83
N SER C 317 3.61 16.07 -2.09
CA SER C 317 4.65 15.10 -2.42
C SER C 317 5.62 15.69 -3.45
N ALA C 318 6.83 15.12 -3.52
CA ALA C 318 7.91 15.71 -4.30
C ALA C 318 8.79 14.64 -4.96
N TYR C 319 9.37 14.99 -6.10
CA TYR C 319 10.09 14.06 -6.97
C TYR C 319 11.26 14.79 -7.63
N LYS C 320 12.33 14.07 -7.98
CA LYS C 320 13.42 14.66 -8.78
C LYS C 320 13.81 13.83 -9.98
N GLY C 321 14.20 14.52 -11.04
CA GLY C 321 14.57 13.92 -12.31
C GLY C 321 14.85 14.98 -13.36
N ASP C 322 15.70 14.66 -14.33
CA ASP C 322 15.99 15.57 -15.46
C ASP C 322 16.38 16.99 -15.04
N ASN C 323 17.17 17.11 -13.97
CA ASN C 323 17.52 18.42 -13.38
C ASN C 323 16.33 19.24 -12.86
N LYS C 324 15.29 18.56 -12.41
CA LYS C 324 14.09 19.23 -11.94
C LYS C 324 13.62 18.67 -10.62
N VAL C 325 12.93 19.52 -9.86
CA VAL C 325 12.17 19.08 -8.73
C VAL C 325 10.72 19.34 -9.07
N VAL C 326 9.89 18.32 -8.90
CA VAL C 326 8.46 18.37 -9.17
C VAL C 326 7.70 18.25 -7.87
N ILE C 327 6.78 19.19 -7.65
CA ILE C 327 5.98 19.20 -6.44
C ILE C 327 4.52 19.17 -6.82
N VAL C 328 3.79 18.21 -6.26
CA VAL C 328 2.34 18.13 -6.42
C VAL C 328 1.71 18.53 -5.08
N ALA C 329 1.00 19.65 -5.09
CA ALA C 329 0.43 20.18 -3.87
C ALA C 329 -1.08 20.29 -4.04
N ILE C 330 -1.79 19.56 -3.20
CA ILE C 330 -3.23 19.42 -3.28
C ILE C 330 -3.85 20.18 -2.10
N ASN C 331 -4.80 21.07 -2.40
CA ASN C 331 -5.53 21.78 -1.35
C ASN C 331 -7.00 21.41 -1.45
N LYS C 332 -7.49 20.62 -0.50
CA LYS C 332 -8.90 20.21 -0.53
C LYS C 332 -9.75 20.96 0.50
N SER C 333 -9.21 22.01 1.11
CA SER C 333 -10.05 22.86 1.96
C SER C 333 -10.74 23.94 1.13
N ASN C 334 -11.62 24.70 1.76
CA ASN C 334 -12.43 25.73 1.11
C ASN C 334 -11.82 27.11 1.19
N THR C 335 -10.58 27.15 1.69
CA THR C 335 -9.78 28.35 1.79
C THR C 335 -8.51 28.19 0.94
N GLY C 336 -8.05 29.31 0.38
CA GLY C 336 -6.76 29.34 -0.27
C GLY C 336 -5.73 29.36 0.83
N VAL C 337 -4.59 28.73 0.59
CA VAL C 337 -3.56 28.65 1.60
C VAL C 337 -2.21 29.02 0.98
N ASN C 338 -1.37 29.67 1.77
CA ASN C 338 0.00 29.98 1.36
C ASN C 338 0.95 28.98 1.98
N GLN C 339 1.91 28.51 1.20
CA GLN C 339 2.84 27.50 1.66
C GLN C 339 4.28 27.92 1.32
N ASN C 340 5.17 27.87 2.30
CA ASN C 340 6.62 28.10 2.11
C ASN C 340 7.33 26.78 1.77
N PHE C 341 7.83 26.65 0.55
CA PHE C 341 8.53 25.43 0.13
C PHE C 341 10.05 25.54 0.34
N VAL C 342 10.57 24.96 1.42
CA VAL C 342 12.00 25.06 1.73
C VAL C 342 12.78 23.89 1.13
N LEU C 343 13.70 24.21 0.24
CA LEU C 343 14.49 23.21 -0.49
C LEU C 343 15.85 23.01 0.13
N GLN C 344 15.96 21.98 0.98
CA GLN C 344 17.25 21.55 1.55
C GLN C 344 18.10 20.89 0.47
N ASN C 345 19.37 21.31 0.41
CA ASN C 345 20.39 20.74 -0.47
C ASN C 345 20.14 20.97 -1.95
N GLY C 346 18.97 21.51 -2.28
CA GLY C 346 18.64 21.89 -3.65
C GLY C 346 19.06 23.32 -3.95
N SER C 347 19.29 23.59 -5.24
CA SER C 347 19.70 24.92 -5.69
C SER C 347 18.84 25.30 -6.90
N ALA C 348 17.75 26.00 -6.64
CA ALA C 348 16.74 26.30 -7.67
C ALA C 348 16.73 27.76 -8.09
N SER C 349 16.39 28.01 -9.35
CA SER C 349 16.27 29.37 -9.88
C SER C 349 14.81 29.86 -10.00
N ASN C 350 13.99 29.22 -10.83
CA ASN C 350 12.59 29.61 -10.90
C ASN C 350 11.62 28.43 -10.88
N VAL C 351 10.33 28.74 -10.90
CA VAL C 351 9.28 27.74 -10.72
C VAL C 351 8.13 28.05 -11.65
N SER C 352 7.78 27.11 -12.52
CA SER C 352 6.53 27.16 -13.26
C SER C 352 5.50 26.34 -12.51
N ARG C 353 4.22 26.54 -12.81
CA ARG C 353 3.16 25.82 -12.11
C ARG C 353 1.94 25.67 -13.00
N TRP C 354 1.12 24.68 -12.67
CA TRP C 354 -0.09 24.39 -13.42
C TRP C 354 -1.12 24.02 -12.41
N ILE C 355 -2.37 24.45 -12.64
CA ILE C 355 -3.42 24.35 -11.64
C ILE C 355 -4.70 23.86 -12.26
N THR C 356 -5.27 22.82 -11.66
CA THR C 356 -6.63 22.36 -11.95
C THR C 356 -7.58 22.76 -10.80
N SER C 357 -8.75 23.25 -11.16
CA SER C 357 -9.72 23.84 -10.23
C SER C 357 -11.10 23.49 -10.75
N SER C 358 -12.14 24.06 -10.14
CA SER C 358 -13.49 23.83 -10.61
C SER C 358 -13.67 24.32 -12.06
N SER C 359 -12.96 25.39 -12.43
CA SER C 359 -13.15 26.09 -13.72
C SER C 359 -11.98 26.07 -14.72
N SER C 360 -10.79 25.64 -14.28
CA SER C 360 -9.61 25.59 -15.13
C SER C 360 -8.89 24.22 -15.06
N ASN C 361 -8.47 23.69 -16.21
CA ASN C 361 -7.73 22.41 -16.28
C ASN C 361 -6.27 22.59 -16.70
N LEU C 362 -5.37 22.26 -15.78
CA LEU C 362 -3.93 22.41 -16.00
C LEU C 362 -3.61 23.77 -16.60
N GLN C 363 -4.22 24.80 -16.01
CA GLN C 363 -3.98 26.12 -16.50
CA GLN C 363 -4.01 26.17 -16.45
C GLN C 363 -2.72 26.71 -15.85
N PRO C 364 -1.79 27.17 -16.69
CA PRO C 364 -0.57 27.74 -16.15
C PRO C 364 -0.86 28.90 -15.19
N GLY C 365 -0.13 28.93 -14.09
CA GLY C 365 -0.17 30.05 -13.18
C GLY C 365 1.09 30.87 -13.37
N THR C 366 1.22 31.94 -12.62
CA THR C 366 2.34 32.84 -12.84
C THR C 366 3.58 32.24 -12.25
N ASN C 367 4.69 32.40 -12.97
CA ASN C 367 5.98 31.91 -12.52
C ASN C 367 6.36 32.51 -11.19
N LEU C 368 7.06 31.71 -10.39
CA LEU C 368 7.47 32.15 -9.08
C LEU C 368 8.97 32.28 -9.02
N THR C 369 9.41 33.23 -8.21
CA THR C 369 10.81 33.54 -8.05
C THR C 369 11.34 32.92 -6.76
N VAL C 370 12.38 32.11 -6.89
CA VAL C 370 13.07 31.51 -5.74
C VAL C 370 14.05 32.53 -5.15
N SER C 371 13.88 32.85 -3.86
CA SER C 371 14.86 33.69 -3.16
C SER C 371 15.53 32.85 -2.08
N GLY C 372 16.87 32.84 -2.09
CA GLY C 372 17.63 31.98 -1.20
C GLY C 372 17.39 30.53 -1.60
N ASN C 373 16.85 29.75 -0.67
CA ASN C 373 16.55 28.34 -0.90
C ASN C 373 15.08 28.00 -0.67
N HIS C 374 14.19 29.00 -0.81
CA HIS C 374 12.76 28.74 -0.69
C HIS C 374 11.94 29.57 -1.66
N PHE C 375 10.65 29.25 -1.71
CA PHE C 375 9.67 30.03 -2.42
C PHE C 375 8.30 29.83 -1.79
N TRP C 376 7.58 30.93 -1.61
CA TRP C 376 6.19 30.90 -1.20
C TRP C 376 5.28 30.69 -2.39
N ALA C 377 4.26 29.86 -2.21
CA ALA C 377 3.25 29.68 -3.22
C ALA C 377 1.84 29.67 -2.62
N HIS C 378 0.92 30.24 -3.36
CA HIS C 378 -0.47 30.27 -2.95
C HIS C 378 -1.16 29.09 -3.57
N LEU C 379 -1.81 28.28 -2.74
CA LEU C 379 -2.59 27.16 -3.25
C LEU C 379 -4.08 27.48 -3.15
N PRO C 380 -4.73 27.64 -4.32
CA PRO C 380 -6.15 27.96 -4.36
C PRO C 380 -6.99 26.89 -3.70
N ALA C 381 -8.09 27.34 -3.08
CA ALA C 381 -9.10 26.47 -2.50
C ALA C 381 -9.56 25.45 -3.53
N GLN C 382 -9.73 24.22 -3.08
CA GLN C 382 -10.20 23.11 -3.91
C GLN C 382 -9.40 22.98 -5.22
N SER C 383 -8.08 22.84 -5.11
CA SER C 383 -7.25 22.71 -6.30
C SER C 383 -6.02 21.83 -6.10
N VAL C 384 -5.50 21.37 -7.22
CA VAL C 384 -4.24 20.65 -7.22
C VAL C 384 -3.28 21.47 -8.09
N THR C 385 -2.10 21.78 -7.55
CA THR C 385 -1.05 22.43 -8.31
C THR C 385 0.16 21.50 -8.52
N THR C 386 0.69 21.47 -9.73
CA THR C 386 2.00 20.89 -9.94
C THR C 386 3.01 21.97 -10.22
N PHE C 387 4.05 22.03 -9.39
CA PHE C 387 5.18 22.91 -9.60
C PHE C 387 6.34 22.17 -10.28
N VAL C 388 7.02 22.85 -11.21
CA VAL C 388 8.28 22.36 -11.74
C VAL C 388 9.36 23.37 -11.38
N VAL C 389 10.30 22.93 -10.55
CA VAL C 389 11.39 23.76 -10.09
C VAL C 389 12.62 23.50 -10.95
N ASN C 390 13.15 24.55 -11.56
CA ASN C 390 14.36 24.46 -12.37
C ASN C 390 15.58 24.70 -11.51
N ARG C 391 16.45 23.70 -11.44
CA ARG C 391 17.62 23.74 -10.56
C ARG C 391 18.80 24.41 -11.27
N ASP D 4 -50.87 -26.90 -24.08
CA ASP D 4 -51.68 -26.45 -25.25
C ASP D 4 -51.95 -24.94 -25.17
N VAL D 5 -51.50 -24.20 -26.18
CA VAL D 5 -51.60 -22.74 -26.17
C VAL D 5 -52.76 -22.22 -27.01
N THR D 6 -53.73 -21.60 -26.34
CA THR D 6 -54.91 -21.03 -27.00
C THR D 6 -54.65 -19.56 -27.29
N VAL D 7 -54.86 -19.16 -28.55
CA VAL D 7 -54.59 -17.79 -28.98
C VAL D 7 -55.85 -17.12 -29.52
N ASN D 8 -56.27 -16.04 -28.85
CA ASN D 8 -57.38 -15.20 -29.30
C ASN D 8 -56.89 -14.12 -30.25
N VAL D 9 -57.53 -14.01 -31.41
CA VAL D 9 -57.17 -12.99 -32.41
C VAL D 9 -58.21 -11.86 -32.48
N SER D 10 -59.35 -12.07 -31.81
CA SER D 10 -60.36 -11.01 -31.66
C SER D 10 -60.25 -10.28 -30.31
N ALA D 11 -59.57 -10.91 -29.35
CA ALA D 11 -59.37 -10.32 -28.02
C ALA D 11 -58.05 -9.55 -27.91
N GLU D 12 -58.05 -8.35 -28.47
CA GLU D 12 -56.88 -7.47 -28.50
C GLU D 12 -56.62 -6.82 -27.15
N LYS D 13 -55.35 -6.65 -26.81
CA LYS D 13 -54.97 -6.03 -25.53
C LYS D 13 -54.35 -4.64 -25.70
N GLN D 14 -53.01 -4.55 -25.75
CA GLN D 14 -52.37 -3.25 -25.92
C GLN D 14 -51.78 -3.07 -27.32
N VAL D 15 -51.83 -1.84 -27.83
CA VAL D 15 -51.23 -1.52 -29.13
C VAL D 15 -49.76 -1.19 -28.92
N ILE D 16 -48.89 -1.97 -29.55
CA ILE D 16 -47.42 -1.86 -29.40
C ILE D 16 -46.87 -0.60 -30.08
N ARG D 17 -46.01 0.11 -29.36
CA ARG D 17 -45.36 1.31 -29.88
C ARG D 17 -43.93 1.05 -30.31
N GLY D 18 -43.26 0.13 -29.62
CA GLY D 18 -41.96 -0.33 -30.06
C GLY D 18 -41.05 -0.82 -28.96
N PHE D 19 -39.81 -1.13 -29.36
CA PHE D 19 -38.76 -1.63 -28.48
C PHE D 19 -37.50 -0.88 -28.87
N GLY D 20 -36.61 -0.66 -27.91
CA GLY D 20 -35.39 0.08 -28.17
C GLY D 20 -34.46 0.21 -26.99
N GLY D 21 -33.88 1.40 -26.83
CA GLY D 21 -32.89 1.63 -25.80
C GLY D 21 -32.33 3.04 -25.71
N MET D 22 -31.38 3.22 -24.82
CA MET D 22 -30.77 4.52 -24.56
C MET D 22 -29.52 4.73 -25.39
N ASN D 23 -29.41 5.90 -26.01
CA ASN D 23 -28.14 6.43 -26.48
C ASN D 23 -27.78 7.57 -25.53
N HIS D 24 -26.59 7.48 -24.93
CA HIS D 24 -26.08 8.52 -24.04
C HIS D 24 -24.62 8.87 -24.39
N PRO D 25 -24.43 10.01 -25.08
CA PRO D 25 -23.14 10.45 -25.63
C PRO D 25 -22.07 10.67 -24.57
N ALA D 26 -22.38 11.49 -23.56
CA ALA D 26 -21.40 11.85 -22.52
C ALA D 26 -21.12 10.69 -21.54
N TRP D 27 -22.12 9.84 -21.33
CA TRP D 27 -22.04 8.77 -20.33
C TRP D 27 -21.59 7.42 -20.89
N ALA D 28 -21.93 7.14 -22.15
CA ALA D 28 -21.62 5.84 -22.75
C ALA D 28 -20.81 5.92 -24.05
N GLY D 29 -20.75 7.11 -24.64
CA GLY D 29 -20.14 7.27 -25.96
C GLY D 29 -21.19 7.05 -27.02
N ASP D 30 -21.24 7.96 -28.00
CA ASP D 30 -22.25 7.91 -29.05
C ASP D 30 -22.06 6.65 -29.91
N LEU D 31 -23.15 6.20 -30.54
CA LEU D 31 -23.06 5.12 -31.51
C LEU D 31 -22.35 5.64 -32.77
N THR D 32 -21.48 4.81 -33.34
CA THR D 32 -20.79 5.15 -34.58
C THR D 32 -21.78 5.08 -35.74
N ALA D 33 -21.42 5.68 -36.87
CA ALA D 33 -22.28 5.70 -38.06
C ALA D 33 -22.74 4.32 -38.47
N ALA D 34 -21.84 3.35 -38.41
CA ALA D 34 -22.14 1.95 -38.74
C ALA D 34 -23.11 1.33 -37.73
N GLN D 35 -22.89 1.63 -36.45
CA GLN D 35 -23.69 1.10 -35.34
C GLN D 35 -25.12 1.65 -35.30
N ARG D 36 -25.34 2.80 -35.91
CA ARG D 36 -26.68 3.39 -35.97
C ARG D 36 -27.59 2.58 -36.89
N GLU D 37 -27.01 2.02 -37.95
CA GLU D 37 -27.74 1.18 -38.90
C GLU D 37 -27.90 -0.25 -38.39
N THR D 38 -27.01 -0.67 -37.49
CA THR D 38 -27.12 -1.96 -36.82
C THR D 38 -28.20 -1.92 -35.73
N ALA D 39 -28.37 -0.77 -35.09
CA ALA D 39 -29.34 -0.60 -34.02
C ALA D 39 -30.79 -0.39 -34.52
N PHE D 40 -30.99 0.60 -35.39
CA PHE D 40 -32.34 1.02 -35.77
C PHE D 40 -32.82 0.48 -37.13
N GLY D 41 -31.92 -0.13 -37.87
CA GLY D 41 -32.27 -0.81 -39.12
C GLY D 41 -32.86 -2.18 -38.86
N ASN D 42 -33.79 -2.60 -39.72
CA ASN D 42 -34.46 -3.89 -39.60
C ASN D 42 -34.13 -4.84 -40.77
N GLY D 43 -32.84 -5.11 -40.95
CA GLY D 43 -32.38 -6.10 -41.91
C GLY D 43 -31.88 -7.34 -41.20
N GLN D 44 -30.96 -8.08 -41.82
CA GLN D 44 -30.37 -9.25 -41.18
C GLN D 44 -29.04 -8.88 -40.53
N ASN D 45 -28.80 -9.44 -39.34
CA ASN D 45 -27.71 -9.01 -38.46
C ASN D 45 -27.90 -7.56 -37.99
N GLN D 46 -29.17 -7.17 -37.85
CA GLN D 46 -29.57 -5.84 -37.39
C GLN D 46 -30.65 -5.97 -36.31
N LEU D 47 -30.84 -4.91 -35.50
CA LEU D 47 -31.71 -5.00 -34.32
C LEU D 47 -33.20 -4.66 -34.54
N GLY D 48 -33.49 -3.82 -35.52
CA GLY D 48 -34.86 -3.40 -35.78
C GLY D 48 -35.50 -2.59 -34.66
N PHE D 49 -34.68 -1.89 -33.87
CA PHE D 49 -35.17 -1.02 -32.80
C PHE D 49 -36.09 0.04 -33.38
N SER D 50 -37.13 0.39 -32.63
CA SER D 50 -38.13 1.35 -33.10
C SER D 50 -38.33 2.52 -32.13
N ILE D 51 -37.64 2.47 -30.99
CA ILE D 51 -37.64 3.59 -30.04
C ILE D 51 -36.22 3.98 -29.67
N LEU D 52 -35.99 5.29 -29.57
CA LEU D 52 -34.72 5.84 -29.13
C LEU D 52 -34.95 6.71 -27.90
N ARG D 53 -34.26 6.36 -26.81
CA ARG D 53 -34.25 7.21 -25.63
C ARG D 53 -33.00 8.08 -25.66
N ILE D 54 -33.24 9.40 -25.64
CA ILE D 54 -32.16 10.38 -25.64
C ILE D 54 -32.23 11.14 -24.32
N HIS D 55 -31.18 11.89 -23.98
CA HIS D 55 -31.24 12.70 -22.78
C HIS D 55 -31.16 14.20 -23.07
N VAL D 56 -31.95 14.97 -22.34
CA VAL D 56 -31.92 16.44 -22.42
C VAL D 56 -30.96 16.97 -21.35
N ASP D 57 -29.82 17.47 -21.81
CA ASP D 57 -28.76 17.92 -20.91
C ASP D 57 -29.06 19.26 -20.22
N GLU D 58 -28.31 19.54 -19.15
CA GLU D 58 -28.36 20.82 -18.44
C GLU D 58 -27.92 21.99 -19.33
N ASN D 59 -26.90 21.76 -20.15
CA ASN D 59 -26.34 22.78 -21.02
C ASN D 59 -26.90 22.71 -22.44
N ARG D 60 -27.32 23.87 -22.96
CA ARG D 60 -27.78 24.01 -24.34
C ARG D 60 -26.71 23.62 -25.36
N ASN D 61 -25.46 23.90 -25.03
CA ASN D 61 -24.30 23.57 -25.88
C ASN D 61 -24.06 22.06 -26.00
N ASN D 62 -24.79 21.28 -25.21
CA ASN D 62 -24.65 19.82 -25.16
C ASN D 62 -25.78 19.07 -25.89
N TRP D 63 -26.74 19.81 -26.43
CA TRP D 63 -27.81 19.22 -27.23
C TRP D 63 -27.26 18.83 -28.61
N TYR D 64 -26.39 19.69 -29.13
CA TYR D 64 -25.49 19.39 -30.24
C TYR D 64 -25.21 17.89 -30.37
N LYS D 65 -24.87 17.27 -29.24
CA LYS D 65 -24.44 15.86 -29.16
C LYS D 65 -25.49 14.84 -29.57
N GLU D 66 -26.75 15.15 -29.29
CA GLU D 66 -27.85 14.19 -29.43
C GLU D 66 -28.30 14.00 -30.87
N VAL D 67 -28.24 15.08 -31.64
CA VAL D 67 -28.85 15.18 -32.97
C VAL D 67 -28.52 14.03 -33.94
N GLU D 68 -27.23 13.76 -34.15
CA GLU D 68 -26.77 12.82 -35.18
C GLU D 68 -27.30 11.39 -35.02
N THR D 69 -27.41 10.92 -33.78
CA THR D 69 -28.02 9.63 -33.51
C THR D 69 -29.55 9.73 -33.60
N ALA D 70 -30.09 10.87 -33.18
CA ALA D 70 -31.52 11.10 -33.18
C ALA D 70 -32.09 11.29 -34.58
N LYS D 71 -31.29 11.85 -35.49
CA LYS D 71 -31.69 12.01 -36.89
C LYS D 71 -31.75 10.65 -37.59
N SER D 72 -30.70 9.87 -37.43
CA SER D 72 -30.56 8.59 -38.14
C SER D 72 -31.66 7.59 -37.75
N ALA D 73 -32.04 7.60 -36.48
CA ALA D 73 -33.14 6.77 -36.00
C ALA D 73 -34.49 7.17 -36.60
N VAL D 74 -34.77 8.48 -36.59
CA VAL D 74 -36.00 9.03 -37.20
C VAL D 74 -36.19 8.55 -38.64
N LYS D 75 -35.19 8.76 -39.49
CA LYS D 75 -35.26 8.36 -40.90
C LYS D 75 -35.22 6.83 -41.12
N HIS D 76 -34.83 6.09 -40.08
CA HIS D 76 -34.87 4.62 -40.11
C HIS D 76 -36.21 4.06 -39.59
N GLY D 77 -37.15 4.95 -39.28
CA GLY D 77 -38.50 4.55 -38.85
C GLY D 77 -38.62 4.28 -37.37
N ALA D 78 -37.97 5.12 -36.57
CA ALA D 78 -37.96 4.98 -35.11
C ALA D 78 -38.39 6.28 -34.43
N ILE D 79 -39.12 6.15 -33.33
CA ILE D 79 -39.56 7.31 -32.54
C ILE D 79 -38.53 7.71 -31.50
N VAL D 80 -38.46 9.01 -31.20
CA VAL D 80 -37.42 9.56 -30.34
C VAL D 80 -38.01 10.36 -29.16
N PHE D 81 -37.66 9.97 -27.93
CA PHE D 81 -38.09 10.70 -26.73
C PHE D 81 -36.92 10.97 -25.78
N ALA D 82 -37.12 11.94 -24.88
CA ALA D 82 -36.03 12.41 -24.00
C ALA D 82 -36.39 12.43 -22.52
N SER D 83 -35.36 12.32 -21.69
CA SER D 83 -35.49 12.32 -20.24
C SER D 83 -34.49 13.27 -19.59
N PRO D 84 -34.96 14.14 -18.68
CA PRO D 84 -34.04 14.95 -17.89
C PRO D 84 -33.65 14.28 -16.57
N TRP D 85 -32.35 14.21 -16.31
CA TRP D 85 -31.84 13.81 -15.01
C TRP D 85 -31.75 15.05 -14.13
N ASN D 86 -31.42 16.17 -14.76
CA ASN D 86 -31.14 17.40 -14.04
C ASN D 86 -31.48 18.66 -14.84
N PRO D 87 -32.34 19.53 -14.25
CA PRO D 87 -32.48 20.93 -14.67
C PRO D 87 -31.15 21.69 -14.57
N PRO D 88 -31.09 22.91 -15.12
CA PRO D 88 -29.90 23.77 -14.98
C PRO D 88 -29.55 24.08 -13.51
N SER D 89 -28.31 24.50 -13.28
CA SER D 89 -27.81 24.75 -11.91
C SER D 89 -28.60 25.80 -11.11
N ASP D 90 -29.06 26.88 -11.75
CA ASP D 90 -29.72 27.98 -11.02
C ASP D 90 -31.21 27.76 -10.67
N MET D 91 -31.73 26.59 -11.02
CA MET D 91 -33.07 26.16 -10.60
C MET D 91 -32.95 25.10 -9.52
N VAL D 92 -31.70 24.75 -9.17
CA VAL D 92 -31.39 23.66 -8.26
C VAL D 92 -31.19 24.15 -6.82
N GLU D 93 -31.82 23.44 -5.89
CA GLU D 93 -31.73 23.71 -4.47
C GLU D 93 -31.80 22.37 -3.74
N THR D 94 -30.93 22.19 -2.75
CA THR D 94 -30.94 20.95 -1.96
C THR D 94 -31.45 21.19 -0.55
N PHE D 95 -32.54 20.49 -0.21
CA PHE D 95 -33.17 20.58 1.12
C PHE D 95 -32.74 19.42 2.03
N ASN D 96 -33.44 19.28 3.15
CA ASN D 96 -33.13 18.25 4.15
C ASN D 96 -34.03 17.03 4.03
N ARG D 97 -33.46 15.92 3.55
CA ARG D 97 -34.17 14.65 3.45
C ARG D 97 -33.33 13.54 4.10
N TYR D 111 -40.16 25.74 -11.86
CA TYR D 111 -41.40 25.06 -12.25
C TYR D 111 -41.98 25.62 -13.55
N ALA D 112 -42.07 26.94 -13.64
CA ALA D 112 -42.41 27.60 -14.89
C ALA D 112 -41.14 27.74 -15.74
N ALA D 113 -40.05 28.16 -15.09
CA ALA D 113 -38.74 28.24 -15.74
C ALA D 113 -38.26 26.86 -16.22
N TYR D 114 -38.69 25.81 -15.54
CA TYR D 114 -38.31 24.44 -15.86
C TYR D 114 -39.04 23.87 -17.08
N ALA D 115 -40.34 24.10 -17.13
CA ALA D 115 -41.19 23.71 -18.28
C ALA D 115 -40.77 24.43 -19.55
N GLN D 116 -40.31 25.67 -19.42
CA GLN D 116 -39.80 26.46 -20.54
C GLN D 116 -38.48 25.89 -21.08
N HIS D 117 -37.60 25.45 -20.17
CA HIS D 117 -36.34 24.83 -20.59
C HIS D 117 -36.62 23.50 -21.30
N LEU D 118 -37.49 22.69 -20.71
CA LEU D 118 -37.95 21.45 -21.35
C LEU D 118 -38.64 21.72 -22.70
N ASN D 119 -39.30 22.88 -22.81
CA ASN D 119 -39.84 23.33 -24.09
C ASN D 119 -38.76 23.71 -25.10
N ASP D 120 -37.66 24.28 -24.61
CA ASP D 120 -36.58 24.75 -25.49
C ASP D 120 -35.73 23.62 -26.06
N PHE D 121 -35.80 22.45 -25.43
CA PHE D 121 -35.18 21.24 -25.96
C PHE D 121 -36.00 20.69 -27.13
N VAL D 122 -37.33 20.73 -26.99
CA VAL D 122 -38.26 20.35 -28.06
C VAL D 122 -38.03 21.20 -29.31
N THR D 123 -38.03 22.53 -29.12
CA THR D 123 -37.81 23.49 -30.22
C THR D 123 -36.51 23.21 -30.95
N PHE D 124 -35.43 23.03 -30.18
CA PHE D 124 -34.11 22.75 -30.72
C PHE D 124 -34.11 21.49 -31.58
N MET D 125 -34.66 20.41 -31.03
CA MET D 125 -34.79 19.15 -31.76
C MET D 125 -35.69 19.28 -33.00
N LYS D 126 -36.65 20.20 -32.96
CA LYS D 126 -37.55 20.46 -34.09
C LYS D 126 -36.82 21.23 -35.18
N ASN D 127 -36.33 22.43 -34.86
CA ASN D 127 -35.57 23.27 -35.79
C ASN D 127 -34.27 22.62 -36.25
N ASN D 128 -33.99 21.43 -35.73
CA ASN D 128 -32.82 20.65 -36.13
C ASN D 128 -33.18 19.23 -36.57
N GLY D 129 -34.40 19.04 -37.07
CA GLY D 129 -34.76 17.85 -37.85
C GLY D 129 -35.44 16.67 -37.16
N VAL D 130 -35.50 16.69 -35.84
CA VAL D 130 -36.04 15.54 -35.09
C VAL D 130 -37.45 15.80 -34.54
N ASN D 131 -38.42 15.02 -35.00
CA ASN D 131 -39.75 15.02 -34.40
C ASN D 131 -39.76 14.18 -33.13
N LEU D 132 -39.72 14.85 -31.98
CA LEU D 132 -39.79 14.18 -30.69
C LEU D 132 -41.20 13.68 -30.43
N TYR D 133 -41.34 12.37 -30.30
CA TYR D 133 -42.64 11.77 -29.97
C TYR D 133 -43.12 12.24 -28.59
N ALA D 134 -42.20 12.27 -27.62
CA ALA D 134 -42.53 12.61 -26.23
C ALA D 134 -41.35 13.23 -25.47
N ILE D 135 -41.64 13.69 -24.26
CA ILE D 135 -40.60 14.14 -23.32
C ILE D 135 -40.97 13.76 -21.88
N SER D 136 -39.96 13.54 -21.04
CA SER D 136 -40.17 13.16 -19.64
C SER D 136 -40.05 14.35 -18.68
N VAL D 137 -40.79 14.30 -17.57
CA VAL D 137 -40.79 15.35 -16.54
C VAL D 137 -39.52 15.28 -15.69
N GLN D 138 -39.23 14.09 -15.16
CA GLN D 138 -37.99 13.82 -14.42
C GLN D 138 -37.66 12.33 -14.49
N ASN D 139 -36.39 12.03 -14.71
CA ASN D 139 -35.90 10.65 -14.68
C ASN D 139 -35.74 10.14 -13.24
N GLU D 140 -36.45 9.05 -12.93
CA GLU D 140 -36.46 8.38 -11.60
C GLU D 140 -36.21 9.31 -10.39
N PRO D 141 -37.24 10.09 -10.00
CA PRO D 141 -37.12 11.03 -8.88
C PRO D 141 -37.26 10.41 -7.49
N ASP D 142 -37.67 9.15 -7.43
CA ASP D 142 -37.72 8.42 -6.15
C ASP D 142 -36.42 7.66 -5.87
N TYR D 143 -35.49 7.73 -6.81
CA TYR D 143 -34.14 7.22 -6.64
C TYR D 143 -33.19 8.28 -7.18
N ALA D 144 -33.21 9.44 -6.53
CA ALA D 144 -32.47 10.62 -7.01
C ALA D 144 -31.24 10.95 -6.17
N HIS D 145 -30.72 9.95 -5.44
CA HIS D 145 -29.53 10.12 -4.59
C HIS D 145 -28.42 10.97 -5.25
N GLU D 146 -28.29 10.82 -6.57
CA GLU D 146 -27.26 11.49 -7.37
C GLU D 146 -27.80 12.44 -8.44
N TRP D 147 -29.10 12.76 -8.36
CA TRP D 147 -29.70 13.86 -9.14
C TRP D 147 -30.77 14.61 -8.36
N THR D 148 -31.89 14.96 -8.99
CA THR D 148 -32.90 15.81 -8.36
C THR D 148 -34.18 15.07 -7.95
N TRP D 149 -34.43 15.03 -6.64
CA TRP D 149 -35.62 14.41 -6.06
C TRP D 149 -36.90 15.18 -6.37
N TRP D 150 -37.97 14.42 -6.62
CA TRP D 150 -39.33 14.97 -6.67
C TRP D 150 -40.22 14.09 -5.81
N THR D 151 -41.01 14.72 -4.95
CA THR D 151 -42.05 14.01 -4.21
C THR D 151 -43.25 13.77 -5.12
N PRO D 152 -44.19 12.89 -4.72
CA PRO D 152 -45.49 12.82 -5.40
C PRO D 152 -46.23 14.17 -5.50
N GLN D 153 -46.26 14.95 -4.41
CA GLN D 153 -46.98 16.23 -4.41
C GLN D 153 -46.36 17.26 -5.36
N GLU D 154 -45.04 17.21 -5.49
CA GLU D 154 -44.28 18.13 -6.35
C GLU D 154 -44.43 17.79 -7.82
N ILE D 155 -44.51 16.49 -8.12
CA ILE D 155 -44.84 16.01 -9.46
C ILE D 155 -46.28 16.39 -9.82
N LEU D 156 -47.20 16.18 -8.87
CA LEU D 156 -48.61 16.56 -9.03
C LEU D 156 -48.79 18.07 -9.22
N ARG D 157 -47.98 18.85 -8.49
CA ARG D 157 -48.02 20.31 -8.59
C ARG D 157 -47.64 20.73 -10.01
N PHE D 158 -46.50 20.21 -10.48
CA PHE D 158 -46.01 20.43 -11.84
C PHE D 158 -47.05 19.98 -12.86
N MET D 159 -47.55 18.76 -12.67
CA MET D 159 -48.51 18.13 -13.58
C MET D 159 -49.91 18.71 -13.38
N GLU D 161 -50.70 22.41 -14.26
CA GLU D 161 -50.31 23.78 -13.88
C GLU D 161 -48.99 24.24 -14.50
N ASN D 162 -48.24 23.28 -15.04
CA ASN D 162 -46.96 23.56 -15.69
C ASN D 162 -46.70 22.66 -16.91
N ALA D 163 -47.18 21.41 -16.83
CA ALA D 163 -46.99 20.42 -17.90
C ALA D 163 -47.86 20.67 -19.13
N GLY D 164 -49.00 21.33 -18.93
CA GLY D 164 -49.91 21.69 -20.02
C GLY D 164 -49.37 22.76 -20.95
N SER D 165 -48.15 23.23 -20.68
CA SER D 165 -47.46 24.22 -21.53
C SER D 165 -46.42 23.58 -22.45
N ILE D 166 -46.07 22.33 -22.17
CA ILE D 166 -45.09 21.58 -22.98
C ILE D 166 -45.72 21.15 -24.30
N ASN D 167 -45.12 21.58 -25.42
CA ASN D 167 -45.62 21.23 -26.75
C ASN D 167 -45.08 19.88 -27.26
N ALA D 168 -45.18 18.87 -26.40
CA ALA D 168 -44.84 17.49 -26.72
C ALA D 168 -45.64 16.56 -25.80
N ARG D 169 -45.68 15.27 -26.12
CA ARG D 169 -46.28 14.29 -25.22
C ARG D 169 -45.49 14.25 -23.91
N VAL D 170 -46.20 14.38 -22.79
CA VAL D 170 -45.56 14.52 -21.48
C VAL D 170 -45.60 13.20 -20.72
N ILE D 171 -44.41 12.68 -20.41
CA ILE D 171 -44.21 11.43 -19.68
C ILE D 171 -43.93 11.70 -18.20
N ALA D 172 -44.74 11.10 -17.35
CA ALA D 172 -44.54 11.11 -15.90
C ALA D 172 -44.87 9.73 -15.35
N PRO D 173 -44.30 9.38 -14.19
CA PRO D 173 -43.22 10.05 -13.49
C PRO D 173 -41.89 9.26 -13.46
N GLU D 174 -41.76 8.29 -14.36
CA GLU D 174 -40.55 7.46 -14.50
C GLU D 174 -39.97 6.90 -13.19
N SER D 175 -40.82 6.27 -12.38
CA SER D 175 -40.38 5.64 -11.12
C SER D 175 -39.37 4.55 -11.39
N PHE D 176 -38.40 4.38 -10.48
CA PHE D 176 -37.31 3.43 -10.73
C PHE D 176 -37.74 1.97 -10.55
N GLN D 177 -38.83 1.76 -9.84
CA GLN D 177 -39.26 0.43 -9.41
C GLN D 177 -40.79 0.20 -9.53
N TYR D 178 -41.45 1.04 -10.33
CA TYR D 178 -42.92 1.03 -10.48
C TYR D 178 -43.62 1.24 -9.15
N LEU D 179 -43.05 2.08 -8.29
CA LEU D 179 -43.68 2.42 -7.02
C LEU D 179 -44.89 3.31 -7.30
N LYS D 180 -46.08 2.77 -7.07
CA LYS D 180 -47.31 3.38 -7.54
C LYS D 180 -47.78 4.56 -6.71
N ASN D 181 -47.21 4.74 -5.52
CA ASN D 181 -47.45 5.93 -4.69
C ASN D 181 -46.98 7.21 -5.37
N LEU D 182 -46.04 7.07 -6.31
CA LEU D 182 -45.52 8.21 -7.09
C LEU D 182 -46.48 8.59 -8.22
N SER D 183 -47.21 7.60 -8.74
CA SER D 183 -48.16 7.82 -9.83
C SER D 183 -49.62 7.82 -9.37
N ASP D 184 -49.87 7.51 -8.09
CA ASP D 184 -51.22 7.52 -7.53
C ASP D 184 -51.90 8.89 -7.55
N PRO D 185 -51.18 9.96 -7.13
CA PRO D 185 -51.86 11.26 -7.10
C PRO D 185 -52.25 11.77 -8.49
N ILE D 186 -51.42 11.46 -9.48
CA ILE D 186 -51.61 11.93 -10.86
C ILE D 186 -52.90 11.42 -11.52
N LEU D 187 -53.15 10.12 -11.44
CA LEU D 187 -54.30 9.51 -12.14
C LEU D 187 -55.61 9.57 -11.33
N ASN D 188 -55.49 9.88 -10.04
CA ASN D 188 -56.65 10.08 -9.18
C ASN D 188 -57.19 11.51 -9.28
N ASP D 189 -56.37 12.41 -9.80
CA ASP D 189 -56.74 13.80 -9.98
C ASP D 189 -57.02 14.10 -11.47
N PRO D 190 -58.21 14.64 -11.79
CA PRO D 190 -58.61 14.90 -13.19
C PRO D 190 -57.71 15.90 -13.94
N GLN D 191 -57.20 16.91 -13.24
CA GLN D 191 -56.39 17.97 -13.84
C GLN D 191 -55.01 17.52 -14.28
N ALA D 192 -54.51 16.44 -13.68
CA ALA D 192 -53.16 15.93 -13.94
C ALA D 192 -53.11 14.86 -15.03
N LEU D 193 -54.24 14.17 -15.25
CA LEU D 193 -54.36 13.15 -16.29
C LEU D 193 -54.36 13.74 -17.70
N ALA D 194 -55.05 14.87 -17.87
CA ALA D 194 -55.07 15.57 -19.15
C ALA D 194 -53.68 16.07 -19.53
N ASN D 195 -52.91 16.45 -18.51
CA ASN D 195 -51.53 16.89 -18.67
C ASN D 195 -50.56 15.74 -18.99
N MET D 196 -51.03 14.51 -18.79
CA MET D 196 -50.22 13.31 -19.06
C MET D 196 -50.71 12.56 -20.29
N ASP D 197 -49.77 12.13 -21.13
CA ASP D 197 -50.07 11.27 -22.27
C ASP D 197 -49.49 9.88 -22.07
N ILE D 198 -48.34 9.80 -21.42
CA ILE D 198 -47.65 8.53 -21.21
C ILE D 198 -47.28 8.33 -19.73
N LEU D 199 -47.75 7.24 -19.15
CA LEU D 199 -47.29 6.82 -17.83
C LEU D 199 -46.03 5.96 -18.01
N GLY D 200 -44.92 6.46 -17.47
CA GLY D 200 -43.62 5.81 -17.60
C GLY D 200 -43.07 5.28 -16.29
N THR D 201 -42.40 4.13 -16.36
CA THR D 201 -41.82 3.44 -15.21
C THR D 201 -40.58 2.67 -15.61
N HIS D 202 -39.70 2.46 -14.62
CA HIS D 202 -38.59 1.51 -14.75
C HIS D 202 -38.92 0.28 -13.89
N LEU D 203 -38.25 -0.84 -14.14
CA LEU D 203 -38.54 -2.07 -13.39
C LEU D 203 -37.34 -2.62 -12.62
N TYR D 204 -36.51 -1.73 -12.10
CA TYR D 204 -35.36 -2.13 -11.28
C TYR D 204 -35.83 -2.69 -9.93
N GLY D 205 -35.70 -4.00 -9.77
CA GLY D 205 -36.11 -4.71 -8.54
C GLY D 205 -37.61 -4.98 -8.39
N THR D 206 -38.41 -4.55 -9.37
CA THR D 206 -39.86 -4.77 -9.34
C THR D 206 -40.17 -6.24 -9.60
N GLN D 207 -40.98 -6.84 -8.72
CA GLN D 207 -41.38 -8.23 -8.88
C GLN D 207 -42.60 -8.32 -9.79
N VAL D 208 -42.78 -9.49 -10.42
CA VAL D 208 -43.87 -9.71 -11.39
C VAL D 208 -45.25 -9.45 -10.80
N SER D 209 -45.46 -9.87 -9.55
CA SER D 209 -46.71 -9.59 -8.84
C SER D 209 -47.02 -8.08 -8.80
N GLN D 210 -45.99 -7.25 -8.93
CA GLN D 210 -46.16 -5.80 -8.93
C GLN D 210 -46.23 -5.19 -10.34
N PHE D 211 -46.14 -6.03 -11.38
CA PHE D 211 -46.24 -5.57 -12.77
C PHE D 211 -47.63 -5.00 -13.12
N PRO D 212 -48.73 -5.67 -12.69
CA PRO D 212 -50.03 -5.06 -12.95
C PRO D 212 -50.26 -3.82 -12.09
N TYR D 213 -51.06 -2.89 -12.62
CA TYR D 213 -51.40 -1.66 -11.94
C TYR D 213 -52.88 -1.37 -12.19
N PRO D 214 -53.74 -1.79 -11.25
CA PRO D 214 -55.20 -1.70 -11.38
C PRO D 214 -55.73 -0.28 -11.55
N LEU D 215 -55.11 0.69 -10.88
CA LEU D 215 -55.57 2.08 -10.92
C LEU D 215 -55.45 2.67 -12.31
N PHE D 216 -54.41 2.29 -13.04
CA PHE D 216 -54.20 2.76 -14.41
C PHE D 216 -55.26 2.21 -15.40
N LYS D 217 -55.57 0.92 -15.33
CA LYS D 217 -56.66 0.35 -16.16
C LYS D 217 -58.02 0.90 -15.75
N GLN D 218 -58.17 1.18 -14.45
CA GLN D 218 -59.39 1.78 -13.91
C GLN D 218 -59.64 3.18 -14.48
N LYS D 219 -58.59 4.00 -14.54
CA LYS D 219 -58.73 5.42 -14.83
C LYS D 219 -57.90 5.94 -16.00
N GLY D 220 -57.12 5.05 -16.63
CA GLY D 220 -56.20 5.46 -17.69
C GLY D 220 -56.58 5.03 -19.09
N ALA D 221 -57.85 5.23 -19.45
CA ALA D 221 -58.31 4.99 -20.81
C ALA D 221 -57.76 6.06 -21.75
N GLY D 222 -57.24 5.64 -22.90
CA GLY D 222 -56.66 6.57 -23.87
C GLY D 222 -55.28 7.08 -23.50
N LYS D 223 -54.67 6.50 -22.47
CA LYS D 223 -53.31 6.85 -22.06
C LYS D 223 -52.32 5.73 -22.38
N ASP D 224 -51.09 6.13 -22.72
CA ASP D 224 -50.02 5.17 -23.01
C ASP D 224 -49.31 4.70 -21.75
N LEU D 225 -48.68 3.52 -21.85
CA LEU D 225 -47.98 2.89 -20.74
C LEU D 225 -46.63 2.33 -21.19
N TRP D 226 -45.56 3.03 -20.84
CA TRP D 226 -44.23 2.69 -21.34
C TRP D 226 -43.30 2.17 -20.25
N MET D 227 -42.56 1.11 -20.55
CA MET D 227 -41.45 0.70 -19.71
C MET D 227 -40.22 1.37 -20.29
N THR D 228 -39.79 2.43 -19.61
CA THR D 228 -38.88 3.44 -20.15
C THR D 228 -37.38 3.14 -19.96
N GLU D 229 -37.03 2.34 -18.96
CA GLU D 229 -35.62 1.99 -18.72
C GLU D 229 -35.44 0.72 -17.88
N VAL D 230 -34.62 -0.21 -18.39
CA VAL D 230 -34.14 -1.33 -17.58
C VAL D 230 -32.96 -2.07 -18.21
N TYR D 231 -32.16 -2.72 -17.37
CA TYR D 231 -31.37 -3.87 -17.79
C TYR D 231 -31.77 -5.05 -16.93
N TYR D 232 -31.59 -6.26 -17.48
CA TYR D 232 -32.03 -7.49 -16.85
C TYR D 232 -31.35 -8.66 -17.58
N PRO D 233 -30.92 -9.70 -16.84
CA PRO D 233 -31.02 -9.94 -15.39
C PRO D 233 -30.00 -9.20 -14.53
N ASN D 234 -28.97 -8.63 -15.16
CA ASN D 234 -27.92 -7.91 -14.45
C ASN D 234 -27.07 -7.03 -15.39
N SER D 235 -26.11 -6.32 -14.81
CA SER D 235 -25.15 -5.53 -15.58
C SER D 235 -23.71 -6.06 -15.47
N ASP D 236 -23.57 -7.37 -15.22
CA ASP D 236 -22.23 -7.98 -15.09
C ASP D 236 -21.40 -7.74 -16.35
N THR D 237 -20.15 -7.36 -16.14
CA THR D 237 -19.24 -7.04 -17.25
C THR D 237 -19.10 -8.25 -18.16
N ASN D 238 -19.29 -8.02 -19.46
CA ASN D 238 -19.18 -9.07 -20.49
C ASN D 238 -20.13 -10.26 -20.25
N SER D 239 -21.33 -9.96 -19.78
CA SER D 239 -22.39 -10.97 -19.59
C SER D 239 -23.32 -11.02 -20.80
N ALA D 240 -22.93 -10.33 -21.88
CA ALA D 240 -23.75 -10.21 -23.08
C ALA D 240 -24.08 -11.56 -23.74
N ASP D 241 -23.12 -12.48 -23.75
CA ASP D 241 -23.27 -13.74 -24.47
C ASP D 241 -23.54 -14.96 -23.58
N ARG D 242 -23.69 -14.76 -22.28
CA ARG D 242 -23.91 -15.88 -21.35
C ARG D 242 -25.21 -16.65 -21.62
N TRP D 243 -25.09 -17.96 -21.75
CA TRP D 243 -26.23 -18.83 -22.04
C TRP D 243 -26.32 -19.98 -21.02
N PRO D 244 -27.54 -20.26 -20.49
CA PRO D 244 -28.86 -19.72 -20.86
C PRO D 244 -29.25 -18.41 -20.18
N GLU D 245 -28.26 -17.70 -19.64
CA GLU D 245 -28.50 -16.48 -18.88
C GLU D 245 -29.25 -15.39 -19.67
N ALA D 246 -28.96 -15.34 -20.98
CA ALA D 246 -29.56 -14.34 -21.88
C ALA D 246 -31.07 -14.53 -22.05
N LEU D 247 -31.57 -15.74 -21.84
CA LEU D 247 -33.01 -16.03 -21.94
C LEU D 247 -33.84 -15.19 -20.96
N ASP D 248 -33.27 -14.85 -19.80
CA ASP D 248 -33.93 -13.98 -18.82
C ASP D 248 -34.38 -12.64 -19.44
N VAL D 249 -33.69 -12.19 -20.48
CA VAL D 249 -34.08 -10.97 -21.21
C VAL D 249 -35.44 -11.13 -21.93
N SER D 250 -35.60 -12.19 -22.72
CA SER D 250 -36.84 -12.41 -23.45
C SER D 250 -38.02 -12.65 -22.50
N GLN D 251 -37.75 -13.35 -21.40
CA GLN D 251 -38.77 -13.61 -20.37
C GLN D 251 -39.23 -12.31 -19.70
N HIS D 252 -38.27 -11.45 -19.40
CA HIS D 252 -38.56 -10.14 -18.84
C HIS D 252 -39.46 -9.32 -19.75
N ILE D 253 -39.13 -9.31 -21.05
CA ILE D 253 -39.96 -8.61 -22.06
C ILE D 253 -41.34 -9.26 -22.13
N HIS D 254 -41.35 -10.59 -22.12
CA HIS D 254 -42.58 -11.37 -22.02
C HIS D 254 -43.42 -10.92 -20.82
N ASN D 255 -42.76 -10.79 -19.67
CA ASN D 255 -43.40 -10.39 -18.42
C ASN D 255 -43.95 -8.96 -18.46
N ALA D 256 -43.15 -8.04 -18.99
CA ALA D 256 -43.57 -6.65 -19.10
C ALA D 256 -44.79 -6.53 -20.02
N MET D 257 -44.79 -7.32 -21.08
CA MET D 257 -45.82 -7.21 -22.10
C MET D 257 -47.12 -7.92 -21.72
N VAL D 258 -46.99 -9.01 -20.97
CA VAL D 258 -48.16 -9.83 -20.63
C VAL D 258 -48.71 -9.42 -19.27
N GLU D 259 -47.87 -9.46 -18.25
CA GLU D 259 -48.28 -9.10 -16.90
C GLU D 259 -48.36 -7.58 -16.72
N GLY D 260 -47.50 -6.84 -17.41
CA GLY D 260 -47.42 -5.40 -17.24
C GLY D 260 -48.22 -4.59 -18.24
N ASP D 261 -48.73 -5.25 -19.29
CA ASP D 261 -49.45 -4.60 -20.40
C ASP D 261 -48.73 -3.38 -21.02
N PHE D 262 -47.40 -3.44 -21.05
CA PHE D 262 -46.59 -2.35 -21.60
C PHE D 262 -46.64 -2.24 -23.12
N GLN D 263 -46.79 -1.00 -23.58
CA GLN D 263 -46.79 -0.68 -25.01
C GLN D 263 -45.40 -0.32 -25.53
N ALA D 264 -44.42 -0.23 -24.63
CA ALA D 264 -43.04 0.11 -25.01
C ALA D 264 -42.03 -0.49 -24.03
N TYR D 265 -40.93 -1.00 -24.57
CA TYR D 265 -39.88 -1.62 -23.77
C TYR D 265 -38.50 -1.08 -24.16
N VAL D 266 -37.94 -0.25 -23.27
CA VAL D 266 -36.75 0.52 -23.56
C VAL D 266 -35.62 0.13 -22.59
N TRP D 267 -34.64 -0.57 -23.14
CA TRP D 267 -33.40 -0.95 -22.45
C TRP D 267 -32.54 0.28 -22.14
N TRP D 268 -31.61 0.14 -21.19
CA TRP D 268 -30.54 1.13 -20.94
C TRP D 268 -29.54 1.11 -22.12
N TYR D 269 -28.25 1.40 -21.88
CA TYR D 269 -27.26 1.55 -22.97
C TYR D 269 -27.33 0.48 -24.06
N ILE D 270 -27.57 0.91 -25.31
CA ILE D 270 -27.62 0.00 -26.45
C ILE D 270 -26.28 -0.71 -26.62
N ARG D 271 -25.20 0.04 -26.61
CA ARG D 271 -23.87 -0.54 -26.73
C ARG D 271 -23.13 -0.52 -25.39
N ARG D 272 -22.77 -1.71 -24.91
CA ARG D 272 -22.17 -1.94 -23.59
C ARG D 272 -21.95 -3.45 -23.45
N SER D 273 -21.13 -3.86 -22.48
CA SER D 273 -20.74 -5.27 -22.35
C SER D 273 -21.87 -6.20 -21.85
N TYR D 274 -22.92 -5.60 -21.28
CA TYR D 274 -24.08 -6.33 -20.78
C TYR D 274 -25.34 -5.96 -21.58
N GLY D 275 -25.15 -5.39 -22.76
CA GLY D 275 -26.27 -4.86 -23.54
C GLY D 275 -26.47 -5.49 -24.90
N PRO D 276 -27.53 -5.07 -25.60
CA PRO D 276 -27.96 -5.67 -26.87
C PRO D 276 -26.87 -5.64 -27.95
N MET D 277 -26.01 -4.63 -27.92
CA MET D 277 -24.86 -4.53 -28.80
C MET D 277 -23.57 -4.63 -27.97
N LYS D 278 -22.69 -5.55 -28.37
CA LYS D 278 -21.36 -5.68 -27.76
C LYS D 278 -20.48 -4.47 -28.11
N GLU D 279 -19.36 -4.34 -27.41
CA GLU D 279 -18.47 -3.19 -27.62
C GLU D 279 -17.72 -3.24 -28.96
N ASP D 280 -17.77 -4.39 -29.63
CA ASP D 280 -17.18 -4.54 -30.97
C ASP D 280 -18.21 -4.40 -32.10
N GLY D 281 -19.37 -3.83 -31.77
CA GLY D 281 -20.40 -3.53 -32.76
C GLY D 281 -21.38 -4.65 -33.06
N THR D 282 -21.01 -5.88 -32.74
CA THR D 282 -21.87 -7.03 -33.04
C THR D 282 -22.95 -7.22 -31.97
N ILE D 283 -24.07 -7.83 -32.38
CA ILE D 283 -25.21 -8.09 -31.50
C ILE D 283 -24.90 -9.20 -30.48
N SER D 284 -25.29 -8.99 -29.24
CA SER D 284 -25.13 -9.98 -28.18
C SER D 284 -26.31 -10.96 -28.16
N LYS D 285 -26.16 -12.05 -27.41
CA LYS D 285 -27.25 -13.00 -27.19
C LYS D 285 -28.42 -12.31 -26.52
N ARG D 286 -28.11 -11.44 -25.56
CA ARG D 286 -29.12 -10.55 -24.97
C ARG D 286 -29.79 -9.70 -26.05
N GLY D 287 -29.00 -9.23 -27.03
CA GLY D 287 -29.52 -8.47 -28.15
C GLY D 287 -30.41 -9.28 -29.07
N TYR D 288 -30.06 -10.55 -29.28
CA TYR D 288 -30.88 -11.43 -30.08
C TYR D 288 -32.19 -11.79 -29.37
N ASN D 289 -32.14 -11.91 -28.04
CA ASN D 289 -33.34 -12.10 -27.22
C ASN D 289 -34.34 -10.96 -27.38
N MET D 290 -33.84 -9.73 -27.41
CA MET D 290 -34.65 -8.56 -27.66
C MET D 290 -35.22 -8.62 -29.08
N ALA D 291 -34.35 -8.94 -30.03
CA ALA D 291 -34.66 -8.96 -31.46
C ALA D 291 -35.86 -9.82 -31.81
N HIS D 292 -36.06 -10.89 -31.03
CA HIS D 292 -37.21 -11.79 -31.19
C HIS D 292 -38.54 -11.06 -31.09
N PHE D 293 -38.55 -9.95 -30.36
CA PHE D 293 -39.70 -9.08 -30.28
C PHE D 293 -39.56 -7.93 -31.28
N SER D 294 -38.48 -7.15 -31.15
CA SER D 294 -38.31 -5.90 -31.88
C SER D 294 -38.41 -5.99 -33.41
N LYS D 295 -37.77 -7.01 -33.99
CA LYS D 295 -37.75 -7.20 -35.44
C LYS D 295 -39.08 -7.69 -36.01
N PHE D 296 -39.93 -8.24 -35.13
CA PHE D 296 -41.18 -8.85 -35.57
C PHE D 296 -42.42 -8.05 -35.13
N VAL D 297 -42.43 -7.63 -33.86
CA VAL D 297 -43.53 -6.83 -33.32
C VAL D 297 -43.27 -5.33 -33.60
N ARG D 298 -43.76 -4.88 -34.75
CA ARG D 298 -43.53 -3.52 -35.22
C ARG D 298 -44.47 -2.49 -34.56
N PRO D 299 -44.18 -1.18 -34.73
CA PRO D 299 -45.17 -0.16 -34.34
C PRO D 299 -46.50 -0.32 -35.09
N GLY D 300 -47.60 -0.33 -34.35
CA GLY D 300 -48.93 -0.54 -34.93
C GLY D 300 -49.52 -1.90 -34.61
N TYR D 301 -48.65 -2.88 -34.34
CA TYR D 301 -49.08 -4.23 -33.97
C TYR D 301 -49.81 -4.23 -32.63
N VAL D 302 -50.72 -5.17 -32.47
CA VAL D 302 -51.48 -5.28 -31.23
C VAL D 302 -51.20 -6.61 -30.55
N ARG D 303 -50.99 -6.57 -29.23
CA ARG D 303 -50.88 -7.80 -28.44
C ARG D 303 -52.24 -8.48 -28.37
N ILE D 304 -52.25 -9.79 -28.62
CA ILE D 304 -53.47 -10.57 -28.51
C ILE D 304 -53.34 -11.59 -27.38
N ASP D 305 -54.45 -11.88 -26.71
CA ASP D 305 -54.49 -12.79 -25.56
C ASP D 305 -54.07 -14.20 -25.98
N ALA D 306 -53.16 -14.77 -25.20
CA ALA D 306 -52.67 -16.12 -25.44
C ALA D 306 -52.20 -16.75 -24.13
N THR D 307 -52.38 -18.07 -24.01
CA THR D 307 -51.96 -18.81 -22.80
C THR D 307 -50.50 -18.45 -22.45
N LYS D 308 -50.29 -18.02 -21.21
CA LYS D 308 -49.02 -17.48 -20.77
C LYS D 308 -47.96 -18.56 -20.46
N ASN D 309 -48.30 -19.44 -19.52
CA ASN D 309 -47.35 -20.39 -18.97
C ASN D 309 -47.85 -21.83 -19.08
N PRO D 310 -47.87 -22.38 -20.31
CA PRO D 310 -48.47 -23.71 -20.53
C PRO D 310 -47.75 -24.85 -19.80
N ASN D 311 -46.41 -24.80 -19.75
CA ASN D 311 -45.61 -25.79 -19.02
C ASN D 311 -44.54 -25.16 -18.12
N ALA D 312 -43.80 -26.00 -17.40
CA ALA D 312 -42.73 -25.56 -16.50
C ALA D 312 -41.62 -24.82 -17.26
N ASN D 313 -41.42 -23.55 -16.90
CA ASN D 313 -40.41 -22.68 -17.51
C ASN D 313 -40.61 -22.40 -19.00
N VAL D 314 -41.88 -22.43 -19.45
CA VAL D 314 -42.24 -22.14 -20.84
C VAL D 314 -43.17 -20.92 -20.91
N TYR D 315 -42.76 -19.91 -21.66
CA TYR D 315 -43.46 -18.61 -21.68
C TYR D 315 -43.81 -18.14 -23.09
N VAL D 316 -45.10 -17.86 -23.31
CA VAL D 316 -45.64 -17.55 -24.64
C VAL D 316 -46.48 -16.26 -24.67
N SER D 317 -46.22 -15.42 -25.66
CA SER D 317 -47.08 -14.25 -25.92
C SER D 317 -47.40 -14.10 -27.42
N ALA D 318 -48.54 -13.48 -27.72
CA ALA D 318 -48.96 -13.33 -29.12
C ALA D 318 -49.29 -11.88 -29.51
N TYR D 319 -49.07 -11.58 -30.79
CA TYR D 319 -49.28 -10.23 -31.35
C TYR D 319 -49.87 -10.29 -32.76
N LYS D 320 -50.70 -9.30 -33.11
CA LYS D 320 -51.35 -9.23 -34.42
C LYS D 320 -50.99 -7.95 -35.15
N GLY D 321 -50.67 -8.06 -36.43
CA GLY D 321 -50.37 -6.90 -37.27
C GLY D 321 -50.09 -7.26 -38.71
N ASP D 322 -50.55 -6.42 -39.63
CA ASP D 322 -50.37 -6.61 -41.08
C ASP D 322 -50.80 -7.99 -41.59
N ASN D 323 -52.01 -8.41 -41.21
CA ASN D 323 -52.58 -9.71 -41.61
C ASN D 323 -51.69 -10.90 -41.17
N LYS D 324 -50.94 -10.69 -40.09
CA LYS D 324 -50.02 -11.68 -39.54
C LYS D 324 -50.21 -11.83 -38.03
N VAL D 325 -49.75 -12.96 -37.50
CA VAL D 325 -49.77 -13.23 -36.06
C VAL D 325 -48.37 -13.69 -35.60
N VAL D 326 -47.79 -12.94 -34.67
CA VAL D 326 -46.46 -13.22 -34.15
C VAL D 326 -46.55 -13.90 -32.79
N ILE D 327 -45.92 -15.06 -32.64
CA ILE D 327 -45.92 -15.80 -31.38
C ILE D 327 -44.48 -15.90 -30.89
N VAL D 328 -44.23 -15.41 -29.67
CA VAL D 328 -42.91 -15.56 -29.06
C VAL D 328 -42.96 -16.66 -28.00
N ALA D 329 -42.29 -17.78 -28.28
CA ALA D 329 -42.29 -18.92 -27.38
C ALA D 329 -40.91 -19.12 -26.77
N ILE D 330 -40.85 -18.97 -25.45
CA ILE D 330 -39.59 -19.07 -24.69
C ILE D 330 -39.55 -20.37 -23.90
N ASN D 331 -38.48 -21.13 -24.07
CA ASN D 331 -38.25 -22.37 -23.31
C ASN D 331 -37.01 -22.24 -22.42
N LYS D 332 -37.23 -22.02 -21.13
CA LYS D 332 -36.14 -21.83 -20.18
C LYS D 332 -35.71 -23.12 -19.47
N SER D 333 -36.30 -24.25 -19.87
CA SER D 333 -36.12 -25.51 -19.15
C SER D 333 -35.06 -26.44 -19.76
N ASN D 334 -34.53 -27.33 -18.93
CA ASN D 334 -33.54 -28.32 -19.37
C ASN D 334 -34.17 -29.47 -20.16
N THR D 335 -35.37 -29.25 -20.66
CA THR D 335 -36.11 -30.25 -21.44
C THR D 335 -36.72 -29.64 -22.70
N GLY D 336 -36.53 -30.33 -23.83
CA GLY D 336 -37.24 -29.99 -25.07
C GLY D 336 -38.72 -30.33 -24.93
N VAL D 337 -39.57 -29.41 -25.38
CA VAL D 337 -41.01 -29.53 -25.20
C VAL D 337 -41.74 -29.45 -26.55
N ASN D 338 -42.73 -30.31 -26.74
CA ASN D 338 -43.65 -30.16 -27.86
C ASN D 338 -44.89 -29.34 -27.48
N GLN D 339 -45.09 -28.25 -28.20
CA GLN D 339 -46.16 -27.30 -27.89
C GLN D 339 -47.18 -27.20 -29.03
N ASN D 340 -48.45 -27.35 -28.68
CA ASN D 340 -49.55 -27.17 -29.63
C ASN D 340 -50.10 -25.76 -29.51
N PHE D 341 -50.31 -25.10 -30.65
CA PHE D 341 -50.80 -23.73 -30.70
C PHE D 341 -52.14 -23.66 -31.40
N VAL D 342 -53.20 -23.33 -30.66
CA VAL D 342 -54.57 -23.28 -31.18
C VAL D 342 -54.99 -21.85 -31.51
N LEU D 343 -55.36 -21.62 -32.77
CA LEU D 343 -55.74 -20.29 -33.25
C LEU D 343 -57.26 -20.14 -33.42
N GLN D 344 -57.84 -19.25 -32.61
CA GLN D 344 -59.27 -18.98 -32.63
C GLN D 344 -59.56 -17.72 -33.43
N ASN D 345 -60.54 -17.82 -34.32
CA ASN D 345 -60.85 -16.78 -35.32
C ASN D 345 -59.74 -16.58 -36.35
N ASN D 350 -49.71 -21.54 -43.47
CA ASN D 350 -48.36 -21.94 -43.04
C ASN D 350 -47.71 -20.97 -42.05
N VAL D 351 -46.68 -21.45 -41.37
CA VAL D 351 -45.99 -20.70 -40.33
C VAL D 351 -44.47 -20.80 -40.51
N SER D 352 -43.79 -19.65 -40.41
CA SER D 352 -42.31 -19.62 -40.43
C SER D 352 -41.73 -19.27 -39.06
N ARG D 353 -40.60 -19.90 -38.72
CA ARG D 353 -40.01 -19.77 -37.38
C ARG D 353 -38.53 -19.34 -37.37
N TRP D 354 -38.13 -18.70 -36.27
CA TRP D 354 -36.74 -18.30 -36.05
C TRP D 354 -36.29 -18.59 -34.61
N ILE D 355 -35.18 -19.30 -34.47
CA ILE D 355 -34.74 -19.85 -33.18
C ILE D 355 -33.39 -19.28 -32.73
N THR D 356 -33.31 -18.92 -31.44
CA THR D 356 -32.04 -18.59 -30.79
C THR D 356 -31.78 -19.55 -29.62
N SER D 357 -30.61 -20.19 -29.63
CA SER D 357 -30.21 -21.16 -28.62
C SER D 357 -28.78 -20.92 -28.14
N SER D 358 -28.11 -21.98 -27.71
CA SER D 358 -26.70 -21.89 -27.31
C SER D 358 -25.77 -21.87 -28.52
N SER D 359 -26.30 -22.30 -29.68
CA SER D 359 -25.48 -22.50 -30.88
C SER D 359 -25.82 -21.55 -32.03
N SER D 360 -27.07 -21.07 -32.05
CA SER D 360 -27.57 -20.28 -33.17
C SER D 360 -28.22 -18.98 -32.75
N ASN D 361 -28.11 -17.97 -33.61
CA ASN D 361 -28.72 -16.66 -33.38
C ASN D 361 -29.77 -16.36 -34.45
N LEU D 362 -31.04 -16.40 -34.06
CA LEU D 362 -32.17 -16.11 -34.95
C LEU D 362 -32.11 -16.86 -36.30
N GLN D 363 -31.74 -18.12 -36.25
CA GLN D 363 -31.58 -18.94 -37.46
C GLN D 363 -32.94 -19.55 -37.86
N PRO D 364 -33.24 -19.56 -39.18
CA PRO D 364 -34.55 -20.07 -39.64
C PRO D 364 -34.75 -21.57 -39.40
N GLY D 365 -35.90 -21.92 -38.85
CA GLY D 365 -36.30 -23.32 -38.70
C GLY D 365 -37.10 -23.77 -39.92
N THR D 366 -37.33 -25.08 -40.03
CA THR D 366 -38.16 -25.60 -41.11
C THR D 366 -39.58 -25.10 -40.98
N ASN D 367 -40.19 -24.77 -42.11
CA ASN D 367 -41.56 -24.24 -42.14
C ASN D 367 -42.58 -25.25 -41.62
N LEU D 368 -43.58 -24.75 -40.90
CA LEU D 368 -44.64 -25.60 -40.38
C LEU D 368 -45.98 -25.25 -41.04
N THR D 369 -46.74 -26.29 -41.40
CA THR D 369 -48.01 -26.11 -42.10
C THR D 369 -49.14 -25.92 -41.10
N VAL D 370 -50.03 -24.97 -41.40
CA VAL D 370 -51.22 -24.74 -40.57
C VAL D 370 -52.15 -25.93 -40.73
N SER D 371 -52.39 -26.61 -39.61
CA SER D 371 -53.30 -27.75 -39.58
C SER D 371 -54.70 -27.29 -39.16
N GLY D 372 -55.35 -26.53 -40.05
CA GLY D 372 -56.70 -26.00 -39.81
C GLY D 372 -56.68 -24.80 -38.88
N ASN D 373 -56.70 -25.07 -37.58
CA ASN D 373 -56.63 -24.04 -36.55
C ASN D 373 -55.59 -24.30 -35.46
N HIS D 374 -54.63 -25.18 -35.74
CA HIS D 374 -53.55 -25.50 -34.80
C HIS D 374 -52.29 -26.05 -35.47
N PHE D 375 -51.14 -25.89 -34.81
CA PHE D 375 -49.90 -26.51 -35.28
C PHE D 375 -49.01 -27.01 -34.13
N TRP D 376 -48.28 -28.10 -34.40
CA TRP D 376 -47.33 -28.68 -33.45
C TRP D 376 -45.91 -28.19 -33.74
N ALA D 377 -45.17 -27.89 -32.67
CA ALA D 377 -43.81 -27.34 -32.80
C ALA D 377 -42.91 -27.74 -31.64
N HIS D 378 -41.70 -28.19 -31.97
CA HIS D 378 -40.68 -28.49 -30.97
C HIS D 378 -40.01 -27.20 -30.51
N LEU D 379 -40.14 -26.90 -29.22
CA LEU D 379 -39.41 -25.80 -28.61
C LEU D 379 -38.18 -26.39 -27.93
N PRO D 380 -37.00 -26.29 -28.60
CA PRO D 380 -35.79 -26.91 -28.05
C PRO D 380 -35.44 -26.35 -26.67
N ALA D 381 -34.75 -27.16 -25.89
CA ALA D 381 -34.33 -26.80 -24.53
C ALA D 381 -33.51 -25.51 -24.56
N GLN D 382 -33.70 -24.69 -23.53
CA GLN D 382 -32.99 -23.42 -23.38
C GLN D 382 -32.97 -22.60 -24.67
N SER D 383 -34.16 -22.27 -25.18
CA SER D 383 -34.26 -21.54 -26.44
C SER D 383 -35.48 -20.61 -26.50
N VAL D 384 -35.45 -19.69 -27.47
CA VAL D 384 -36.60 -18.82 -27.74
C VAL D 384 -36.92 -18.81 -29.23
N THR D 385 -38.20 -18.91 -29.57
CA THR D 385 -38.65 -18.98 -30.95
C THR D 385 -39.67 -17.88 -31.27
N THR D 386 -39.56 -17.29 -32.45
CA THR D 386 -40.60 -16.42 -32.96
C THR D 386 -41.28 -17.06 -34.16
N PHE D 387 -42.59 -17.31 -34.03
CA PHE D 387 -43.42 -17.86 -35.08
C PHE D 387 -44.21 -16.74 -35.77
N VAL D 388 -44.12 -16.68 -37.09
CA VAL D 388 -44.91 -15.74 -37.87
C VAL D 388 -45.98 -16.52 -38.61
N VAL D 389 -47.25 -16.13 -38.37
CA VAL D 389 -48.40 -16.74 -39.03
C VAL D 389 -48.95 -15.77 -40.07
#